data_7NES
# 
_entry.id   7NES 
# 
_audit_conform.dict_name       mmcif_pdbx.dic 
_audit_conform.dict_version    5.392 
_audit_conform.dict_location   http://mmcif.pdb.org/dictionaries/ascii/mmcif_pdbx.dic 
# 
loop_
_database_2.database_id 
_database_2.database_code 
_database_2.pdbx_database_accession 
_database_2.pdbx_DOI 
PDB   7NES         pdb_00007nes 10.2210/pdb7nes/pdb 
WWPDB D_1292113757 ?            ?                   
# 
loop_
_pdbx_audit_revision_history.ordinal 
_pdbx_audit_revision_history.data_content_type 
_pdbx_audit_revision_history.major_revision 
_pdbx_audit_revision_history.minor_revision 
_pdbx_audit_revision_history.revision_date 
1 'Structure model' 1 0 2021-06-02 
2 'Structure model' 1 1 2021-06-16 
3 'Structure model' 1 2 2024-05-15 
# 
_pdbx_audit_revision_details.ordinal             1 
_pdbx_audit_revision_details.revision_ordinal    1 
_pdbx_audit_revision_details.data_content_type   'Structure model' 
_pdbx_audit_revision_details.provider            repository 
_pdbx_audit_revision_details.type                'Initial release' 
_pdbx_audit_revision_details.description         ? 
_pdbx_audit_revision_details.details             ? 
# 
loop_
_pdbx_audit_revision_group.ordinal 
_pdbx_audit_revision_group.revision_ordinal 
_pdbx_audit_revision_group.data_content_type 
_pdbx_audit_revision_group.group 
1 2 'Structure model' 'Database references' 
2 3 'Structure model' 'Data collection'     
3 3 'Structure model' 'Database references' 
# 
loop_
_pdbx_audit_revision_category.ordinal 
_pdbx_audit_revision_category.revision_ordinal 
_pdbx_audit_revision_category.data_content_type 
_pdbx_audit_revision_category.category 
1 2 'Structure model' citation        
2 2 'Structure model' citation_author 
3 3 'Structure model' chem_comp_atom  
4 3 'Structure model' chem_comp_bond  
5 3 'Structure model' database_2      
# 
loop_
_pdbx_audit_revision_item.ordinal 
_pdbx_audit_revision_item.revision_ordinal 
_pdbx_audit_revision_item.data_content_type 
_pdbx_audit_revision_item.item 
1 3 'Structure model' '_database_2.pdbx_DOI'                
2 3 'Structure model' '_database_2.pdbx_database_accession' 
# 
_pdbx_database_status.status_code                     REL 
_pdbx_database_status.status_code_sf                  REL 
_pdbx_database_status.status_code_mr                  ? 
_pdbx_database_status.entry_id                        7NES 
_pdbx_database_status.recvd_initial_deposition_date   2021-02-04 
_pdbx_database_status.SG_entry                        N 
_pdbx_database_status.deposit_site                    PDBE 
_pdbx_database_status.process_site                    PDBE 
_pdbx_database_status.status_code_cs                  ? 
_pdbx_database_status.status_code_nmr_data            ? 
_pdbx_database_status.methods_development_category    ? 
_pdbx_database_status.pdb_format_compatible           Y 
# 
loop_
_audit_author.name 
_audit_author.pdbx_ordinal 
_audit_author.identifier_ORCID 
'Camara-Artigas, A.'   1 0000-0003-2197-726X 
'Salinas-Garcia, M.C.' 2 ?                   
# 
loop_
_citation.abstract 
_citation.abstract_id_CAS 
_citation.book_id_ISBN 
_citation.book_publisher 
_citation.book_publisher_city 
_citation.book_title 
_citation.coordinate_linkage 
_citation.country 
_citation.database_id_Medline 
_citation.details 
_citation.id 
_citation.journal_abbrev 
_citation.journal_id_ASTM 
_citation.journal_id_CSD 
_citation.journal_id_ISSN 
_citation.journal_full 
_citation.journal_issue 
_citation.journal_volume 
_citation.language 
_citation.page_first 
_citation.page_last 
_citation.title 
_citation.year 
_citation.database_id_CSD 
_citation.pdbx_database_id_DOI 
_citation.pdbx_database_id_PubMed 
_citation.unpublished_flag 
? ? ? ? ? ? ? ?  ? ? primary 'Acta Crystallogr D Struct Biol' ?      ? 2059-7983 ? ? 77 ? 854 866 
'The impact of oncogenic mutations of the viral Src kinase on the structure and stability of the SH3 domain.' 2021 ? 
10.1107/S2059798321004344                 34076598 ? 
? ? ? ? ? ? ? US ? ? 1       'Acta Crystallogr.,Sect.D'       ABCRE6 ? 1399-0047 ? ? ?  ? ?   ?   
'The impact of oncogenic mutations of the viral Src kinase on the structure and stability of the SH3 domain'  2021 ? 
https://doi.org/10.1107/S2059798321004344 ?        ? 
# 
loop_
_citation_author.citation_id 
_citation_author.name 
_citation_author.ordinal 
_citation_author.identifier_ORCID 
primary 'Salinas-Garcia, M.C.' 1 ?                   
primary 'Plaza-Garrido, M.'    2 ?                   
primary 'Camara-Artigas, A.'   3 0000-0003-2197-726X 
1       'Salinas-Garcia, M.C.' 4 ?                   
1       'Plaza-Garrido, M.'    5 ?                   
1       'Camara-Artigas, A.'   6 0000-0003-2197-726X 
# 
loop_
_entity.id 
_entity.type 
_entity.src_method 
_entity.pdbx_description 
_entity.formula_weight 
_entity.pdbx_number_of_molecules 
_entity.pdbx_ec 
_entity.pdbx_mutation 
_entity.pdbx_fragment 
_entity.details 
1 polymer     man 'v-Src SH3 domain' 6847.434 1  ? 'N117D, V124L' ? ? 
2 non-polymer syn GLYCINE            75.067   1  ? ?              ? ? 
3 water       nat water              18.015   67 ? ?              ? ? 
# 
_entity_poly.entity_id                      1 
_entity_poly.type                           'polypeptide(L)' 
_entity_poly.nstd_linkage                   no 
_entity_poly.nstd_monomer                   no 
_entity_poly.pdbx_seq_one_letter_code       GGVTTFVALYDYESWIETDLSFKKGERLQIVNNTEGDWWLAHSLTTGQTGYIPSNYVAPSD 
_entity_poly.pdbx_seq_one_letter_code_can   GGVTTFVALYDYESWIETDLSFKKGERLQIVNNTEGDWWLAHSLTTGQTGYIPSNYVAPSD 
_entity_poly.pdbx_strand_id                 A 
_entity_poly.pdbx_target_identifier         ? 
# 
loop_
_pdbx_entity_nonpoly.entity_id 
_pdbx_entity_nonpoly.name 
_pdbx_entity_nonpoly.comp_id 
2 GLYCINE GLY 
3 water   HOH 
# 
loop_
_entity_poly_seq.entity_id 
_entity_poly_seq.num 
_entity_poly_seq.mon_id 
_entity_poly_seq.hetero 
1 1  GLY n 
1 2  GLY n 
1 3  VAL n 
1 4  THR n 
1 5  THR n 
1 6  PHE n 
1 7  VAL n 
1 8  ALA n 
1 9  LEU n 
1 10 TYR n 
1 11 ASP n 
1 12 TYR n 
1 13 GLU n 
1 14 SER n 
1 15 TRP n 
1 16 ILE n 
1 17 GLU n 
1 18 THR n 
1 19 ASP n 
1 20 LEU n 
1 21 SER n 
1 22 PHE n 
1 23 LYS n 
1 24 LYS n 
1 25 GLY n 
1 26 GLU n 
1 27 ARG n 
1 28 LEU n 
1 29 GLN n 
1 30 ILE n 
1 31 VAL n 
1 32 ASN n 
1 33 ASN n 
1 34 THR n 
1 35 GLU n 
1 36 GLY n 
1 37 ASP n 
1 38 TRP n 
1 39 TRP n 
1 40 LEU n 
1 41 ALA n 
1 42 HIS n 
1 43 SER n 
1 44 LEU n 
1 45 THR n 
1 46 THR n 
1 47 GLY n 
1 48 GLN n 
1 49 THR n 
1 50 GLY n 
1 51 TYR n 
1 52 ILE n 
1 53 PRO n 
1 54 SER n 
1 55 ASN n 
1 56 TYR n 
1 57 VAL n 
1 58 ALA n 
1 59 PRO n 
1 60 SER n 
1 61 ASP n 
# 
_entity_src_gen.entity_id                          1 
_entity_src_gen.pdbx_src_id                        1 
_entity_src_gen.pdbx_alt_source_flag               sample 
_entity_src_gen.pdbx_seq_type                      'Biological sequence' 
_entity_src_gen.pdbx_beg_seq_num                   1 
_entity_src_gen.pdbx_end_seq_num                   61 
_entity_src_gen.gene_src_common_name               Chicken 
_entity_src_gen.gene_src_genus                     ? 
_entity_src_gen.pdbx_gene_src_gene                 ? 
_entity_src_gen.gene_src_species                   ? 
_entity_src_gen.gene_src_strain                    ? 
_entity_src_gen.gene_src_tissue                    ? 
_entity_src_gen.gene_src_tissue_fraction           ? 
_entity_src_gen.gene_src_details                   ? 
_entity_src_gen.pdbx_gene_src_fragment             ? 
_entity_src_gen.pdbx_gene_src_scientific_name      'Gallus gallus' 
_entity_src_gen.pdbx_gene_src_ncbi_taxonomy_id     9031 
_entity_src_gen.pdbx_gene_src_variant              ? 
_entity_src_gen.pdbx_gene_src_cell_line            ? 
_entity_src_gen.pdbx_gene_src_atcc                 ? 
_entity_src_gen.pdbx_gene_src_organ                ? 
_entity_src_gen.pdbx_gene_src_organelle            ? 
_entity_src_gen.pdbx_gene_src_cell                 ? 
_entity_src_gen.pdbx_gene_src_cellular_location    ? 
_entity_src_gen.host_org_common_name               ? 
_entity_src_gen.pdbx_host_org_scientific_name      'Escherichia coli BL21(DE3)' 
_entity_src_gen.pdbx_host_org_ncbi_taxonomy_id     469008 
_entity_src_gen.host_org_genus                     ? 
_entity_src_gen.pdbx_host_org_gene                 ? 
_entity_src_gen.pdbx_host_org_organ                ? 
_entity_src_gen.host_org_species                   ? 
_entity_src_gen.pdbx_host_org_tissue               ? 
_entity_src_gen.pdbx_host_org_tissue_fraction      ? 
_entity_src_gen.pdbx_host_org_strain               ? 
_entity_src_gen.pdbx_host_org_variant              ? 
_entity_src_gen.pdbx_host_org_cell_line            ? 
_entity_src_gen.pdbx_host_org_atcc                 ? 
_entity_src_gen.pdbx_host_org_culture_collection   ? 
_entity_src_gen.pdbx_host_org_cell                 ? 
_entity_src_gen.pdbx_host_org_organelle            ? 
_entity_src_gen.pdbx_host_org_cellular_location    ? 
_entity_src_gen.pdbx_host_org_vector_type          plasmid 
_entity_src_gen.pdbx_host_org_vector               ? 
_entity_src_gen.host_org_details                   ? 
_entity_src_gen.expression_system_id               ? 
_entity_src_gen.plasmid_name                       pHTP1 
_entity_src_gen.plasmid_details                    ? 
_entity_src_gen.pdbx_description                   ? 
# 
loop_
_chem_comp.id 
_chem_comp.type 
_chem_comp.mon_nstd_flag 
_chem_comp.name 
_chem_comp.pdbx_synonyms 
_chem_comp.formula 
_chem_comp.formula_weight 
ALA 'L-peptide linking' y ALANINE         ? 'C3 H7 N O2'     89.093  
ARG 'L-peptide linking' y ARGININE        ? 'C6 H15 N4 O2 1' 175.209 
ASN 'L-peptide linking' y ASPARAGINE      ? 'C4 H8 N2 O3'    132.118 
ASP 'L-peptide linking' y 'ASPARTIC ACID' ? 'C4 H7 N O4'     133.103 
GLN 'L-peptide linking' y GLUTAMINE       ? 'C5 H10 N2 O3'   146.144 
GLU 'L-peptide linking' y 'GLUTAMIC ACID' ? 'C5 H9 N O4'     147.129 
GLY 'peptide linking'   y GLYCINE         ? 'C2 H5 N O2'     75.067  
HIS 'L-peptide linking' y HISTIDINE       ? 'C6 H10 N3 O2 1' 156.162 
HOH non-polymer         . WATER           ? 'H2 O'           18.015  
ILE 'L-peptide linking' y ISOLEUCINE      ? 'C6 H13 N O2'    131.173 
LEU 'L-peptide linking' y LEUCINE         ? 'C6 H13 N O2'    131.173 
LYS 'L-peptide linking' y LYSINE          ? 'C6 H15 N2 O2 1' 147.195 
PHE 'L-peptide linking' y PHENYLALANINE   ? 'C9 H11 N O2'    165.189 
PRO 'L-peptide linking' y PROLINE         ? 'C5 H9 N O2'     115.130 
SER 'L-peptide linking' y SERINE          ? 'C3 H7 N O3'     105.093 
THR 'L-peptide linking' y THREONINE       ? 'C4 H9 N O3'     119.119 
TRP 'L-peptide linking' y TRYPTOPHAN      ? 'C11 H12 N2 O2'  204.225 
TYR 'L-peptide linking' y TYROSINE        ? 'C9 H11 N O3'    181.189 
VAL 'L-peptide linking' y VALINE          ? 'C5 H11 N O2'    117.146 
# 
loop_
_pdbx_poly_seq_scheme.asym_id 
_pdbx_poly_seq_scheme.entity_id 
_pdbx_poly_seq_scheme.seq_id 
_pdbx_poly_seq_scheme.mon_id 
_pdbx_poly_seq_scheme.ndb_seq_num 
_pdbx_poly_seq_scheme.pdb_seq_num 
_pdbx_poly_seq_scheme.auth_seq_num 
_pdbx_poly_seq_scheme.pdb_mon_id 
_pdbx_poly_seq_scheme.auth_mon_id 
_pdbx_poly_seq_scheme.pdb_strand_id 
_pdbx_poly_seq_scheme.pdb_ins_code 
_pdbx_poly_seq_scheme.hetero 
A 1 1  GLY 1  81  ?   ?   ?   A . n 
A 1 2  GLY 2  82  ?   ?   ?   A . n 
A 1 3  VAL 3  83  83  VAL VAL A . n 
A 1 4  THR 4  84  84  THR THR A . n 
A 1 5  THR 5  85  85  THR THR A . n 
A 1 6  PHE 6  86  86  PHE PHE A . n 
A 1 7  VAL 7  87  87  VAL VAL A . n 
A 1 8  ALA 8  88  88  ALA ALA A . n 
A 1 9  LEU 9  89  89  LEU LEU A . n 
A 1 10 TYR 10 90  90  TYR TYR A . n 
A 1 11 ASP 11 91  91  ASP ASP A . n 
A 1 12 TYR 12 92  92  TYR TYR A . n 
A 1 13 GLU 13 93  93  GLU GLU A . n 
A 1 14 SER 14 94  94  SER SER A . n 
A 1 15 TRP 15 95  95  TRP TRP A . n 
A 1 16 ILE 16 96  96  ILE ILE A . n 
A 1 17 GLU 17 97  97  GLU GLU A . n 
A 1 18 THR 18 98  98  THR THR A . n 
A 1 19 ASP 19 99  99  ASP ASP A . n 
A 1 20 LEU 20 100 100 LEU LEU A . n 
A 1 21 SER 21 101 101 SER SER A . n 
A 1 22 PHE 22 102 102 PHE PHE A . n 
A 1 23 LYS 23 103 103 LYS LYS A . n 
A 1 24 LYS 24 104 104 LYS LYS A . n 
A 1 25 GLY 25 105 105 GLY GLY A . n 
A 1 26 GLU 26 106 106 GLU GLU A . n 
A 1 27 ARG 27 107 107 ARG ARG A . n 
A 1 28 LEU 28 108 108 LEU LEU A . n 
A 1 29 GLN 29 109 109 GLN GLN A . n 
A 1 30 ILE 30 110 110 ILE ILE A . n 
A 1 31 VAL 31 111 111 VAL VAL A . n 
A 1 32 ASN 32 112 112 ASN ASN A . n 
A 1 33 ASN 33 113 113 ASN ASN A . n 
A 1 34 THR 34 114 114 THR THR A . n 
A 1 35 GLU 35 115 115 GLU GLU A . n 
A 1 36 GLY 36 116 116 GLY GLY A . n 
A 1 37 ASP 37 117 117 ASP ASP A . n 
A 1 38 TRP 38 118 118 TRP TRP A . n 
A 1 39 TRP 39 119 119 TRP TRP A . n 
A 1 40 LEU 40 120 120 LEU LEU A . n 
A 1 41 ALA 41 121 121 ALA ALA A . n 
A 1 42 HIS 42 122 122 HIS HIS A . n 
A 1 43 SER 43 123 123 SER SER A . n 
A 1 44 LEU 44 124 124 LEU LEU A . n 
A 1 45 THR 45 125 125 THR THR A . n 
A 1 46 THR 46 126 126 THR THR A . n 
A 1 47 GLY 47 127 127 GLY GLY A . n 
A 1 48 GLN 48 128 128 GLN GLN A . n 
A 1 49 THR 49 129 129 THR THR A . n 
A 1 50 GLY 50 130 130 GLY GLY A . n 
A 1 51 TYR 51 131 131 TYR TYR A . n 
A 1 52 ILE 52 132 132 ILE ILE A . n 
A 1 53 PRO 53 133 133 PRO PRO A . n 
A 1 54 SER 54 134 134 SER SER A . n 
A 1 55 ASN 55 135 135 ASN ASN A . n 
A 1 56 TYR 56 136 136 TYR TYR A . n 
A 1 57 VAL 57 137 137 VAL VAL A . n 
A 1 58 ALA 58 138 138 ALA ALA A . n 
A 1 59 PRO 59 139 139 PRO PRO A . n 
A 1 60 SER 60 140 140 SER SER A . n 
A 1 61 ASP 61 141 ?   ?   ?   A . n 
# 
loop_
_pdbx_nonpoly_scheme.asym_id 
_pdbx_nonpoly_scheme.entity_id 
_pdbx_nonpoly_scheme.mon_id 
_pdbx_nonpoly_scheme.ndb_seq_num 
_pdbx_nonpoly_scheme.pdb_seq_num 
_pdbx_nonpoly_scheme.auth_seq_num 
_pdbx_nonpoly_scheme.pdb_mon_id 
_pdbx_nonpoly_scheme.auth_mon_id 
_pdbx_nonpoly_scheme.pdb_strand_id 
_pdbx_nonpoly_scheme.pdb_ins_code 
B 2 GLY 1  201 201 GLY GLY A . 
C 3 HOH 1  301 15  HOH HOH A . 
C 3 HOH 2  302 17  HOH HOH A . 
C 3 HOH 3  303 6   HOH HOH A . 
C 3 HOH 4  304 18  HOH HOH A . 
C 3 HOH 5  305 37  HOH HOH A . 
C 3 HOH 6  306 1   HOH HOH A . 
C 3 HOH 7  307 25  HOH HOH A . 
C 3 HOH 8  308 58  HOH HOH A . 
C 3 HOH 9  309 33  HOH HOH A . 
C 3 HOH 10 310 20  HOH HOH A . 
C 3 HOH 11 311 11  HOH HOH A . 
C 3 HOH 12 312 49  HOH HOH A . 
C 3 HOH 13 313 64  HOH HOH A . 
C 3 HOH 14 314 39  HOH HOH A . 
C 3 HOH 15 315 21  HOH HOH A . 
C 3 HOH 16 316 60  HOH HOH A . 
C 3 HOH 17 317 26  HOH HOH A . 
C 3 HOH 18 318 14  HOH HOH A . 
C 3 HOH 19 319 4   HOH HOH A . 
C 3 HOH 20 320 42  HOH HOH A . 
C 3 HOH 21 321 34  HOH HOH A . 
C 3 HOH 22 322 2   HOH HOH A . 
C 3 HOH 23 323 27  HOH HOH A . 
C 3 HOH 24 324 52  HOH HOH A . 
C 3 HOH 25 325 35  HOH HOH A . 
C 3 HOH 26 326 19  HOH HOH A . 
C 3 HOH 27 327 12  HOH HOH A . 
C 3 HOH 28 328 3   HOH HOH A . 
C 3 HOH 29 329 13  HOH HOH A . 
C 3 HOH 30 330 7   HOH HOH A . 
C 3 HOH 31 331 9   HOH HOH A . 
C 3 HOH 32 332 40  HOH HOH A . 
C 3 HOH 33 333 32  HOH HOH A . 
C 3 HOH 34 334 53  HOH HOH A . 
C 3 HOH 35 335 8   HOH HOH A . 
C 3 HOH 36 336 48  HOH HOH A . 
C 3 HOH 37 337 41  HOH HOH A . 
C 3 HOH 38 338 56  HOH HOH A . 
C 3 HOH 39 339 5   HOH HOH A . 
C 3 HOH 40 340 10  HOH HOH A . 
C 3 HOH 41 341 59  HOH HOH A . 
C 3 HOH 42 342 44  HOH HOH A . 
C 3 HOH 43 343 51  HOH HOH A . 
C 3 HOH 44 344 57  HOH HOH A . 
C 3 HOH 45 345 67  HOH HOH A . 
C 3 HOH 46 346 45  HOH HOH A . 
C 3 HOH 47 347 22  HOH HOH A . 
C 3 HOH 48 348 23  HOH HOH A . 
C 3 HOH 49 349 36  HOH HOH A . 
C 3 HOH 50 350 46  HOH HOH A . 
C 3 HOH 51 351 55  HOH HOH A . 
C 3 HOH 52 352 29  HOH HOH A . 
C 3 HOH 53 353 62  HOH HOH A . 
C 3 HOH 54 354 38  HOH HOH A . 
C 3 HOH 55 355 47  HOH HOH A . 
C 3 HOH 56 356 24  HOH HOH A . 
C 3 HOH 57 357 43  HOH HOH A . 
C 3 HOH 58 358 65  HOH HOH A . 
C 3 HOH 59 359 61  HOH HOH A . 
C 3 HOH 60 360 63  HOH HOH A . 
C 3 HOH 61 361 28  HOH HOH A . 
C 3 HOH 62 362 30  HOH HOH A . 
C 3 HOH 63 363 50  HOH HOH A . 
C 3 HOH 64 364 16  HOH HOH A . 
C 3 HOH 65 365 66  HOH HOH A . 
C 3 HOH 66 366 31  HOH HOH A . 
C 3 HOH 67 367 54  HOH HOH A . 
# 
loop_
_pdbx_unobs_or_zero_occ_atoms.id 
_pdbx_unobs_or_zero_occ_atoms.PDB_model_num 
_pdbx_unobs_or_zero_occ_atoms.polymer_flag 
_pdbx_unobs_or_zero_occ_atoms.occupancy_flag 
_pdbx_unobs_or_zero_occ_atoms.auth_asym_id 
_pdbx_unobs_or_zero_occ_atoms.auth_comp_id 
_pdbx_unobs_or_zero_occ_atoms.auth_seq_id 
_pdbx_unobs_or_zero_occ_atoms.PDB_ins_code 
_pdbx_unobs_or_zero_occ_atoms.auth_atom_id 
_pdbx_unobs_or_zero_occ_atoms.label_alt_id 
_pdbx_unobs_or_zero_occ_atoms.label_asym_id 
_pdbx_unobs_or_zero_occ_atoms.label_comp_id 
_pdbx_unobs_or_zero_occ_atoms.label_seq_id 
_pdbx_unobs_or_zero_occ_atoms.label_atom_id 
1 1 Y 1 A VAL 83 ? CG1 ? A VAL 3 CG1 
2 1 Y 1 A VAL 83 ? CG2 ? A VAL 3 CG2 
# 
loop_
_software.citation_id 
_software.classification 
_software.compiler_name 
_software.compiler_version 
_software.contact_author 
_software.contact_author_email 
_software.date 
_software.description 
_software.dependencies 
_software.hardware 
_software.language 
_software.location 
_software.mods 
_software.name 
_software.os 
_software.os_version 
_software.type 
_software.version 
_software.pdbx_ordinal 
? 'data reduction'  ? ? ? ? ? ? ? ? ? ? ? XDS         ? ? ? .        1 
? 'data scaling'    ? ? ? ? ? ? ? ? ? ? ? Aimless     ? ? ? 0.6.3    2 
? phasing           ? ? ? ? ? ? ? ? ? ? ? PHASER      ? ? ? .        3 
? refinement        ? ? ? ? ? ? ? ? ? ? ? PHENIX      ? ? ? dev-3951 4 
? 'data extraction' ? ? ? ? ? ? ? ? ? ? ? PDB_EXTRACT ? ? ? 3.27     5 
# 
_cell.angle_alpha                  90.000 
_cell.angle_alpha_esd              ? 
_cell.angle_beta                   90.000 
_cell.angle_beta_esd               ? 
_cell.angle_gamma                  120.000 
_cell.angle_gamma_esd              ? 
_cell.entry_id                     7NES 
_cell.details                      ? 
_cell.formula_units_Z              ? 
_cell.length_a                     37.171 
_cell.length_a_esd                 ? 
_cell.length_b                     37.171 
_cell.length_b_esd                 ? 
_cell.length_c                     65.824 
_cell.length_c_esd                 ? 
_cell.volume                       ? 
_cell.volume_esd                   ? 
_cell.Z_PDB                        6 
_cell.reciprocal_angle_alpha       ? 
_cell.reciprocal_angle_beta        ? 
_cell.reciprocal_angle_gamma       ? 
_cell.reciprocal_angle_alpha_esd   ? 
_cell.reciprocal_angle_beta_esd    ? 
_cell.reciprocal_angle_gamma_esd   ? 
_cell.reciprocal_length_a          ? 
_cell.reciprocal_length_b          ? 
_cell.reciprocal_length_c          ? 
_cell.reciprocal_length_a_esd      ? 
_cell.reciprocal_length_b_esd      ? 
_cell.reciprocal_length_c_esd      ? 
_cell.pdbx_unique_axis             ? 
# 
_symmetry.entry_id                         7NES 
_symmetry.cell_setting                     ? 
_symmetry.Int_Tables_number                154 
_symmetry.space_group_name_Hall            ? 
_symmetry.space_group_name_H-M             'P 32 2 1' 
_symmetry.pdbx_full_space_group_name_H-M   ? 
# 
_exptl.absorpt_coefficient_mu     ? 
_exptl.absorpt_correction_T_max   ? 
_exptl.absorpt_correction_T_min   ? 
_exptl.absorpt_correction_type    ? 
_exptl.absorpt_process_details    ? 
_exptl.entry_id                   7NES 
_exptl.crystals_number            1 
_exptl.details                    ? 
_exptl.method                     'X-RAY DIFFRACTION' 
_exptl.method_details             ? 
# 
_exptl_crystal.colour                      ? 
_exptl_crystal.density_diffrn              ? 
_exptl_crystal.density_Matthews            1.92 
_exptl_crystal.density_method              ? 
_exptl_crystal.density_percent_sol         35.84 
_exptl_crystal.description                 ? 
_exptl_crystal.F_000                       ? 
_exptl_crystal.id                          1 
_exptl_crystal.preparation                 ? 
_exptl_crystal.size_max                    ? 
_exptl_crystal.size_mid                    ? 
_exptl_crystal.size_min                    ? 
_exptl_crystal.size_rad                    ? 
_exptl_crystal.colour_lustre               ? 
_exptl_crystal.colour_modifier             ? 
_exptl_crystal.colour_primary              ? 
_exptl_crystal.density_meas                ? 
_exptl_crystal.density_meas_esd            ? 
_exptl_crystal.density_meas_gt             ? 
_exptl_crystal.density_meas_lt             ? 
_exptl_crystal.density_meas_temp           ? 
_exptl_crystal.density_meas_temp_esd       ? 
_exptl_crystal.density_meas_temp_gt        ? 
_exptl_crystal.density_meas_temp_lt        ? 
_exptl_crystal.pdbx_crystal_image_url      ? 
_exptl_crystal.pdbx_crystal_image_format   ? 
_exptl_crystal.pdbx_mosaicity              0.120 
_exptl_crystal.pdbx_mosaicity_esd          ? 
# 
_exptl_crystal_grow.apparatus       ? 
_exptl_crystal_grow.atmosphere      ? 
_exptl_crystal_grow.crystal_id      1 
_exptl_crystal_grow.details         ? 
_exptl_crystal_grow.method          'VAPOR DIFFUSION, SITTING DROP' 
_exptl_crystal_grow.method_ref      ? 
_exptl_crystal_grow.pH              7.0 
_exptl_crystal_grow.pressure        ? 
_exptl_crystal_grow.pressure_esd    ? 
_exptl_crystal_grow.seeding         ? 
_exptl_crystal_grow.seeding_ref     ? 
_exptl_crystal_grow.temp            288 
_exptl_crystal_grow.temp_details    ? 
_exptl_crystal_grow.temp_esd        ? 
_exptl_crystal_grow.time            ? 
_exptl_crystal_grow.pdbx_details    '2.8M ammonium sulfate, 0.5M glycine and 0.1M HEPES' 
_exptl_crystal_grow.pdbx_pH_range   ? 
# 
_diffrn.ambient_environment              ? 
_diffrn.ambient_temp                     100 
_diffrn.ambient_temp_details             ? 
_diffrn.ambient_temp_esd                 ? 
_diffrn.crystal_id                       1 
_diffrn.crystal_support                  ? 
_diffrn.crystal_treatment                ? 
_diffrn.details                          ? 
_diffrn.id                               1 
_diffrn.ambient_pressure                 ? 
_diffrn.ambient_pressure_esd             ? 
_diffrn.ambient_pressure_gt              ? 
_diffrn.ambient_pressure_lt              ? 
_diffrn.ambient_temp_gt                  ? 
_diffrn.ambient_temp_lt                  ? 
_diffrn.pdbx_serial_crystal_experiment   N 
# 
_diffrn_detector.details                      ? 
_diffrn_detector.detector                     PIXEL 
_diffrn_detector.diffrn_id                    1 
_diffrn_detector.type                         'DECTRIS PILATUS 6M' 
_diffrn_detector.area_resol_mean              ? 
_diffrn_detector.dtime                        ? 
_diffrn_detector.pdbx_frames_total            ? 
_diffrn_detector.pdbx_collection_time_total   ? 
_diffrn_detector.pdbx_collection_date         2018-02-11 
_diffrn_detector.pdbx_frequency               ? 
# 
_diffrn_radiation.collimation                      ? 
_diffrn_radiation.diffrn_id                        1 
_diffrn_radiation.filter_edge                      ? 
_diffrn_radiation.inhomogeneity                    ? 
_diffrn_radiation.monochromator                    ? 
_diffrn_radiation.polarisn_norm                    ? 
_diffrn_radiation.polarisn_ratio                   ? 
_diffrn_radiation.probe                            ? 
_diffrn_radiation.type                             ? 
_diffrn_radiation.xray_symbol                      ? 
_diffrn_radiation.wavelength_id                    1 
_diffrn_radiation.pdbx_monochromatic_or_laue_m_l   M 
_diffrn_radiation.pdbx_wavelength_list             ? 
_diffrn_radiation.pdbx_wavelength                  ? 
_diffrn_radiation.pdbx_diffrn_protocol             'SINGLE WAVELENGTH' 
_diffrn_radiation.pdbx_analyzer                    ? 
_diffrn_radiation.pdbx_scattering_type             x-ray 
# 
_diffrn_radiation_wavelength.id           1 
_diffrn_radiation_wavelength.wavelength   0.976251 
_diffrn_radiation_wavelength.wt           1.0 
# 
_diffrn_source.current                     ? 
_diffrn_source.details                     ? 
_diffrn_source.diffrn_id                   1 
_diffrn_source.power                       ? 
_diffrn_source.size                        ? 
_diffrn_source.source                      SYNCHROTRON 
_diffrn_source.target                      ? 
_diffrn_source.type                        'ESRF BEAMLINE ID30B' 
_diffrn_source.voltage                     ? 
_diffrn_source.take-off_angle              ? 
_diffrn_source.pdbx_wavelength_list        0.976251 
_diffrn_source.pdbx_wavelength             ? 
_diffrn_source.pdbx_synchrotron_beamline   ID30B 
_diffrn_source.pdbx_synchrotron_site       ESRF 
# 
_reflns.B_iso_Wilson_estimate            ? 
_reflns.entry_id                         7NES 
_reflns.data_reduction_details           ? 
_reflns.data_reduction_method            ? 
_reflns.d_resolution_high                1.350 
_reflns.d_resolution_low                 18.590 
_reflns.details                          ? 
_reflns.limit_h_max                      ? 
_reflns.limit_h_min                      ? 
_reflns.limit_k_max                      ? 
_reflns.limit_k_min                      ? 
_reflns.limit_l_max                      ? 
_reflns.limit_l_min                      ? 
_reflns.number_all                       ? 
_reflns.number_obs                       12108 
_reflns.observed_criterion               ? 
_reflns.observed_criterion_F_max         ? 
_reflns.observed_criterion_F_min         ? 
_reflns.observed_criterion_I_max         ? 
_reflns.observed_criterion_I_min         ? 
_reflns.observed_criterion_sigma_F       ? 
_reflns.observed_criterion_sigma_I       ? 
_reflns.percent_possible_obs             100.000 
_reflns.R_free_details                   ? 
_reflns.Rmerge_F_all                     ? 
_reflns.Rmerge_F_obs                     ? 
_reflns.Friedel_coverage                 ? 
_reflns.number_gt                        ? 
_reflns.threshold_expression             ? 
_reflns.pdbx_redundancy                  7.600 
_reflns.pdbx_Rmerge_I_obs                0.045 
_reflns.pdbx_Rmerge_I_all                ? 
_reflns.pdbx_Rsym_value                  ? 
_reflns.pdbx_netI_over_av_sigmaI         ? 
_reflns.pdbx_netI_over_sigmaI            18.100 
_reflns.pdbx_res_netI_over_av_sigmaI_2   ? 
_reflns.pdbx_res_netI_over_sigmaI_2      ? 
_reflns.pdbx_chi_squared                 ? 
_reflns.pdbx_scaling_rejects             ? 
_reflns.pdbx_d_res_high_opt              ? 
_reflns.pdbx_d_res_low_opt               ? 
_reflns.pdbx_d_res_opt_method            ? 
_reflns.phase_calculation_details        ? 
_reflns.pdbx_Rrim_I_all                  0.049 
_reflns.pdbx_Rpim_I_all                  0.018 
_reflns.pdbx_d_opt                       ? 
_reflns.pdbx_number_measured_all         ? 
_reflns.pdbx_diffrn_id                   1 
_reflns.pdbx_ordinal                     1 
_reflns.pdbx_CC_half                     1.000 
_reflns.pdbx_CC_star                     ? 
_reflns.pdbx_R_split                     ? 
# 
loop_
_reflns_shell.d_res_high 
_reflns_shell.d_res_low 
_reflns_shell.meanI_over_sigI_all 
_reflns_shell.meanI_over_sigI_obs 
_reflns_shell.number_measured_all 
_reflns_shell.number_measured_obs 
_reflns_shell.number_possible 
_reflns_shell.number_unique_all 
_reflns_shell.number_unique_obs 
_reflns_shell.percent_possible_all 
_reflns_shell.percent_possible_obs 
_reflns_shell.Rmerge_F_all 
_reflns_shell.Rmerge_F_obs 
_reflns_shell.Rmerge_I_all 
_reflns_shell.Rmerge_I_obs 
_reflns_shell.meanI_over_sigI_gt 
_reflns_shell.meanI_over_uI_all 
_reflns_shell.meanI_over_uI_gt 
_reflns_shell.number_measured_gt 
_reflns_shell.number_unique_gt 
_reflns_shell.percent_possible_gt 
_reflns_shell.Rmerge_F_gt 
_reflns_shell.Rmerge_I_gt 
_reflns_shell.pdbx_redundancy 
_reflns_shell.pdbx_Rsym_value 
_reflns_shell.pdbx_chi_squared 
_reflns_shell.pdbx_netI_over_sigmaI_all 
_reflns_shell.pdbx_netI_over_sigmaI_obs 
_reflns_shell.pdbx_Rrim_I_all 
_reflns_shell.pdbx_Rpim_I_all 
_reflns_shell.pdbx_rejects 
_reflns_shell.pdbx_ordinal 
_reflns_shell.pdbx_diffrn_id 
_reflns_shell.pdbx_CC_half 
_reflns_shell.pdbx_CC_star 
_reflns_shell.pdbx_R_split 
1.350 1.370  ? ? 4717 ? ? ? 600 100.000 ? ? ? ? 0.761 ? ? ? ? ? ? ? ? 7.900 ? ? ? 2.500  0.815 0.290 ? 1 1 0.922 ? ? 
7.390 18.590 ? ? 519  ? ? ? 91  95.600  ? ? ? ? 0.028 ? ? ? ? ? ? ? ? 5.700 ? ? ? 55.200 0.030 0.012 ? 2 1 0.999 ? ? 
# 
_refine.aniso_B[1][1]                            ? 
_refine.aniso_B[1][2]                            ? 
_refine.aniso_B[1][3]                            ? 
_refine.aniso_B[2][2]                            ? 
_refine.aniso_B[2][3]                            ? 
_refine.aniso_B[3][3]                            ? 
_refine.B_iso_max                                71.890 
_refine.B_iso_mean                               21.8414 
_refine.B_iso_min                                12.980 
_refine.correlation_coeff_Fo_to_Fc               ? 
_refine.correlation_coeff_Fo_to_Fc_free          ? 
_refine.details                                  ? 
_refine.diff_density_max                         ? 
_refine.diff_density_max_esd                     ? 
_refine.diff_density_min                         ? 
_refine.diff_density_min_esd                     ? 
_refine.diff_density_rms                         ? 
_refine.diff_density_rms_esd                     ? 
_refine.entry_id                                 7NES 
_refine.pdbx_refine_id                           'X-RAY DIFFRACTION' 
_refine.ls_abs_structure_details                 ? 
_refine.ls_abs_structure_Flack                   ? 
_refine.ls_abs_structure_Flack_esd               ? 
_refine.ls_abs_structure_Rogers                  ? 
_refine.ls_abs_structure_Rogers_esd              ? 
_refine.ls_d_res_high                            1.3500 
_refine.ls_d_res_low                             18.5900 
_refine.ls_extinction_coef                       ? 
_refine.ls_extinction_coef_esd                   ? 
_refine.ls_extinction_expression                 ? 
_refine.ls_extinction_method                     ? 
_refine.ls_goodness_of_fit_all                   ? 
_refine.ls_goodness_of_fit_all_esd               ? 
_refine.ls_goodness_of_fit_obs                   ? 
_refine.ls_goodness_of_fit_obs_esd               ? 
_refine.ls_hydrogen_treatment                    ? 
_refine.ls_matrix_type                           ? 
_refine.ls_number_constraints                    ? 
_refine.ls_number_parameters                     ? 
_refine.ls_number_reflns_all                     ? 
_refine.ls_number_reflns_obs                     12056 
_refine.ls_number_reflns_R_free                  1144 
_refine.ls_number_reflns_R_work                  21176 
_refine.ls_number_restraints                     ? 
_refine.ls_percent_reflns_obs                    99.7600 
_refine.ls_percent_reflns_R_free                 5.1300 
_refine.ls_R_factor_all                          ? 
_refine.ls_R_factor_obs                          0.1593 
_refine.ls_R_factor_R_free                       0.1827 
_refine.ls_R_factor_R_free_error                 ? 
_refine.ls_R_factor_R_free_error_details         ? 
_refine.ls_R_factor_R_work                       0.1579 
_refine.ls_R_Fsqd_factor_obs                     ? 
_refine.ls_R_I_factor_obs                        ? 
_refine.ls_redundancy_reflns_all                 ? 
_refine.ls_redundancy_reflns_obs                 ? 
_refine.ls_restrained_S_all                      ? 
_refine.ls_restrained_S_obs                      ? 
_refine.ls_shift_over_esd_max                    ? 
_refine.ls_shift_over_esd_mean                   ? 
_refine.ls_structure_factor_coef                 ? 
_refine.ls_weighting_details                     ? 
_refine.ls_weighting_scheme                      ? 
_refine.ls_wR_factor_all                         ? 
_refine.ls_wR_factor_obs                         ? 
_refine.ls_wR_factor_R_free                      ? 
_refine.ls_wR_factor_R_work                      ? 
_refine.occupancy_max                            ? 
_refine.occupancy_min                            ? 
_refine.solvent_model_details                    'FLAT BULK SOLVENT MODEL' 
_refine.solvent_model_param_bsol                 ? 
_refine.solvent_model_param_ksol                 ? 
_refine.pdbx_R_complete                          ? 
_refine.ls_R_factor_gt                           ? 
_refine.ls_goodness_of_fit_gt                    ? 
_refine.ls_goodness_of_fit_ref                   ? 
_refine.ls_shift_over_su_max                     ? 
_refine.ls_shift_over_su_max_lt                  ? 
_refine.ls_shift_over_su_mean                    ? 
_refine.ls_shift_over_su_mean_lt                 ? 
_refine.pdbx_ls_sigma_I                          ? 
_refine.pdbx_ls_sigma_F                          0.170 
_refine.pdbx_ls_sigma_Fsqd                       ? 
_refine.pdbx_data_cutoff_high_absF               ? 
_refine.pdbx_data_cutoff_high_rms_absF           ? 
_refine.pdbx_data_cutoff_low_absF                ? 
_refine.pdbx_isotropic_thermal_model             ? 
_refine.pdbx_ls_cross_valid_method               THROUGHOUT 
_refine.pdbx_method_to_determine_struct          'MOLECULAR REPLACEMENT' 
_refine.pdbx_starting_model                      6 
_refine.pdbx_stereochemistry_target_values       ML 
_refine.pdbx_R_Free_selection_details            ? 
_refine.pdbx_stereochem_target_val_spec_case     ? 
_refine.pdbx_overall_ESU_R                       ? 
_refine.pdbx_overall_ESU_R_Free                  ? 
_refine.pdbx_solvent_vdw_probe_radii             1.1100 
_refine.pdbx_solvent_ion_probe_radii             ? 
_refine.pdbx_solvent_shrinkage_radii             0.9000 
_refine.pdbx_real_space_R                        ? 
_refine.pdbx_density_correlation                 ? 
_refine.pdbx_pd_number_of_powder_patterns        ? 
_refine.pdbx_pd_number_of_points                 ? 
_refine.pdbx_pd_meas_number_of_points            ? 
_refine.pdbx_pd_proc_ls_prof_R_factor            ? 
_refine.pdbx_pd_proc_ls_prof_wR_factor           ? 
_refine.pdbx_pd_Marquardt_correlation_coeff      ? 
_refine.pdbx_pd_Fsqrd_R_factor                   ? 
_refine.pdbx_pd_ls_matrix_band_width             ? 
_refine.pdbx_overall_phase_error                 25.7600 
_refine.pdbx_overall_SU_R_free_Cruickshank_DPI   ? 
_refine.pdbx_overall_SU_R_free_Blow_DPI          ? 
_refine.pdbx_overall_SU_R_Blow_DPI               ? 
_refine.pdbx_TLS_residual_ADP_flag               ? 
_refine.pdbx_diffrn_id                           1 
_refine.overall_SU_B                             ? 
_refine.overall_SU_ML                            0.1100 
_refine.overall_SU_R_Cruickshank_DPI             ? 
_refine.overall_SU_R_free                        ? 
_refine.overall_FOM_free_R_set                   ? 
_refine.overall_FOM_work_R_set                   ? 
_refine.pdbx_average_fsc_overall                 ? 
_refine.pdbx_average_fsc_work                    ? 
_refine.pdbx_average_fsc_free                    ? 
# 
_refine_hist.pdbx_refine_id                   'X-RAY DIFFRACTION' 
_refine_hist.cycle_id                         final 
_refine_hist.details                          ? 
_refine_hist.d_res_high                       1.3500 
_refine_hist.d_res_low                        18.5900 
_refine_hist.number_atoms_solvent             67 
_refine_hist.number_atoms_total               541 
_refine_hist.number_reflns_all                ? 
_refine_hist.number_reflns_obs                ? 
_refine_hist.number_reflns_R_free             ? 
_refine_hist.number_reflns_R_work             ? 
_refine_hist.R_factor_all                     ? 
_refine_hist.R_factor_obs                     ? 
_refine_hist.R_factor_R_free                  ? 
_refine_hist.R_factor_R_work                  ? 
_refine_hist.pdbx_number_residues_total       58 
_refine_hist.pdbx_B_iso_mean_ligand           61.03 
_refine_hist.pdbx_B_iso_mean_solvent          30.68 
_refine_hist.pdbx_number_atoms_protein        467 
_refine_hist.pdbx_number_atoms_nucleic_acid   0 
_refine_hist.pdbx_number_atoms_ligand         7 
_refine_hist.pdbx_number_atoms_lipid          ? 
_refine_hist.pdbx_number_atoms_carb           ? 
_refine_hist.pdbx_pseudo_atom_details         ? 
# 
loop_
_refine_ls_shell.pdbx_refine_id 
_refine_ls_shell.d_res_high 
_refine_ls_shell.d_res_low 
_refine_ls_shell.number_reflns_all 
_refine_ls_shell.number_reflns_obs 
_refine_ls_shell.number_reflns_R_free 
_refine_ls_shell.number_reflns_R_work 
_refine_ls_shell.percent_reflns_obs 
_refine_ls_shell.percent_reflns_R_free 
_refine_ls_shell.R_factor_all 
_refine_ls_shell.R_factor_obs 
_refine_ls_shell.R_factor_R_free 
_refine_ls_shell.R_factor_R_free_error 
_refine_ls_shell.R_factor_R_work 
_refine_ls_shell.redundancy_reflns_all 
_refine_ls_shell.redundancy_reflns_obs 
_refine_ls_shell.wR_factor_all 
_refine_ls_shell.wR_factor_obs 
_refine_ls_shell.wR_factor_R_free 
_refine_ls_shell.wR_factor_R_work 
_refine_ls_shell.pdbx_R_complete 
_refine_ls_shell.pdbx_total_number_of_bins_used 
_refine_ls_shell.pdbx_phase_error 
_refine_ls_shell.pdbx_fsc_work 
_refine_ls_shell.pdbx_fsc_free 
'X-RAY DIFFRACTION' 1.3500 1.4100  2782 . 154 2628 99.0000  . . . 0.2462 0.0000 0.2293 . . . . . . . 8 . . . 
'X-RAY DIFFRACTION' 1.4100 1.4900  2811 . 117 2694 99.0000  . . . 0.1916 0.0000 0.1973 . . . . . . . 8 . . . 
'X-RAY DIFFRACTION' 1.4900 1.5800  2766 . 110 2656 100.0000 . . . 0.1877 0.0000 0.1806 . . . . . . . 8 . . . 
'X-RAY DIFFRACTION' 1.5800 1.7000  2787 . 124 2663 100.0000 . . . 0.1860 0.0000 0.1559 . . . . . . . 8 . . . 
'X-RAY DIFFRACTION' 1.7000 1.8700  2793 . 114 2679 100.0000 . . . 0.2085 0.0000 0.1955 . . . . . . . 8 . . . 
'X-RAY DIFFRACTION' 1.8700 2.1400  2777 . 174 2603 100.0000 . . . 0.1607 0.0000 0.1542 . . . . . . . 8 . . . 
'X-RAY DIFFRACTION' 2.1400 2.7000  2812 . 186 2626 100.0000 . . . 0.1748 0.0000 0.1562 . . . . . . . 8 . . . 
'X-RAY DIFFRACTION' 2.7000 18.5900 2792 . 165 2627 100.0000 . . . 0.1848 0.0000 0.1411 . . . . . . . 8 . . . 
# 
_struct.entry_id                     7NES 
_struct.title                        'Crystal structure of the v-Src SH3 domain N117D-V124L mutant' 
_struct.pdbx_model_details           'Intertwined dimer' 
_struct.pdbx_formula_weight          ? 
_struct.pdbx_formula_weight_method   ? 
_struct.pdbx_model_type_details      ? 
_struct.pdbx_CASP_flag               N 
# 
_struct_keywords.entry_id        7NES 
_struct_keywords.text            'beta barrel, SH3 domain, PROTEIN BINDING' 
_struct_keywords.pdbx_keywords   'PROTEIN BINDING' 
# 
loop_
_struct_asym.id 
_struct_asym.pdbx_blank_PDB_chainid_flag 
_struct_asym.pdbx_modified 
_struct_asym.entity_id 
_struct_asym.details 
A N N 1 ? 
B N N 2 ? 
C N N 3 ? 
# 
_struct_ref.id                         1 
_struct_ref.db_name                    PDB 
_struct_ref.db_code                    7NES 
_struct_ref.pdbx_db_accession          7NES 
_struct_ref.pdbx_db_isoform            ? 
_struct_ref.entity_id                  1 
_struct_ref.pdbx_seq_one_letter_code   ? 
_struct_ref.pdbx_align_begin           1 
# 
_struct_ref_seq.align_id                      1 
_struct_ref_seq.ref_id                        1 
_struct_ref_seq.pdbx_PDB_id_code              7NES 
_struct_ref_seq.pdbx_strand_id                A 
_struct_ref_seq.seq_align_beg                 1 
_struct_ref_seq.pdbx_seq_align_beg_ins_code   ? 
_struct_ref_seq.seq_align_end                 61 
_struct_ref_seq.pdbx_seq_align_end_ins_code   ? 
_struct_ref_seq.pdbx_db_accession             7NES 
_struct_ref_seq.db_align_beg                  81 
_struct_ref_seq.pdbx_db_align_beg_ins_code    ? 
_struct_ref_seq.db_align_end                  141 
_struct_ref_seq.pdbx_db_align_end_ins_code    ? 
_struct_ref_seq.pdbx_auth_seq_align_beg       81 
_struct_ref_seq.pdbx_auth_seq_align_end       141 
# 
_pdbx_struct_assembly.id                   1 
_pdbx_struct_assembly.details              author_and_software_defined_assembly 
_pdbx_struct_assembly.method_details       PISA 
_pdbx_struct_assembly.oligomeric_details   monomeric 
_pdbx_struct_assembly.oligomeric_count     1 
# 
loop_
_pdbx_struct_assembly_prop.biol_id 
_pdbx_struct_assembly_prop.type 
_pdbx_struct_assembly_prop.value 
_pdbx_struct_assembly_prop.details 
1 'ABSA (A^2)' 0    ? 
1 MORE         0    ? 
1 'SSA (A^2)'  3950 ? 
# 
_pdbx_struct_assembly_gen.assembly_id       1 
_pdbx_struct_assembly_gen.oper_expression   1 
_pdbx_struct_assembly_gen.asym_id_list      A,B,C 
# 
_pdbx_struct_assembly_auth_evidence.id                     1 
_pdbx_struct_assembly_auth_evidence.assembly_id            1 
_pdbx_struct_assembly_auth_evidence.experimental_support   'light scattering' 
_pdbx_struct_assembly_auth_evidence.details                ? 
# 
_pdbx_struct_oper_list.id                   1 
_pdbx_struct_oper_list.type                 'identity operation' 
_pdbx_struct_oper_list.name                 1_555 
_pdbx_struct_oper_list.symmetry_operation   x,y,z 
_pdbx_struct_oper_list.matrix[1][1]         1.0000000000 
_pdbx_struct_oper_list.matrix[1][2]         0.0000000000 
_pdbx_struct_oper_list.matrix[1][3]         0.0000000000 
_pdbx_struct_oper_list.vector[1]            0.0000000000 
_pdbx_struct_oper_list.matrix[2][1]         0.0000000000 
_pdbx_struct_oper_list.matrix[2][2]         1.0000000000 
_pdbx_struct_oper_list.matrix[2][3]         0.0000000000 
_pdbx_struct_oper_list.vector[2]            0.0000000000 
_pdbx_struct_oper_list.matrix[3][1]         0.0000000000 
_pdbx_struct_oper_list.matrix[3][2]         0.0000000000 
_pdbx_struct_oper_list.matrix[3][3]         1.0000000000 
_pdbx_struct_oper_list.vector[3]            0.0000000000 
# 
_struct_sheet.id               AA1 
_struct_sheet.type             ? 
_struct_sheet.number_strands   5 
_struct_sheet.details          ? 
# 
loop_
_struct_sheet_order.sheet_id 
_struct_sheet_order.range_id_1 
_struct_sheet_order.range_id_2 
_struct_sheet_order.offset 
_struct_sheet_order.sense 
AA1 1 2 ? anti-parallel 
AA1 2 3 ? anti-parallel 
AA1 3 4 ? anti-parallel 
AA1 4 5 ? anti-parallel 
# 
loop_
_struct_sheet_range.sheet_id 
_struct_sheet_range.id 
_struct_sheet_range.beg_label_comp_id 
_struct_sheet_range.beg_label_asym_id 
_struct_sheet_range.beg_label_seq_id 
_struct_sheet_range.pdbx_beg_PDB_ins_code 
_struct_sheet_range.end_label_comp_id 
_struct_sheet_range.end_label_asym_id 
_struct_sheet_range.end_label_seq_id 
_struct_sheet_range.pdbx_end_PDB_ins_code 
_struct_sheet_range.beg_auth_comp_id 
_struct_sheet_range.beg_auth_asym_id 
_struct_sheet_range.beg_auth_seq_id 
_struct_sheet_range.end_auth_comp_id 
_struct_sheet_range.end_auth_asym_id 
_struct_sheet_range.end_auth_seq_id 
AA1 1 THR A 49 ? PRO A 53 ? THR A 129 PRO A 133 
AA1 2 TRP A 38 ? SER A 43 ? TRP A 118 SER A 123 
AA1 3 ARG A 27 ? ILE A 30 ? ARG A 107 ILE A 110 
AA1 4 PHE A 6  ? ALA A 8  ? PHE A 86  ALA A 88  
AA1 5 VAL A 57 ? PRO A 59 ? VAL A 137 PRO A 139 
# 
loop_
_pdbx_struct_sheet_hbond.sheet_id 
_pdbx_struct_sheet_hbond.range_id_1 
_pdbx_struct_sheet_hbond.range_id_2 
_pdbx_struct_sheet_hbond.range_1_label_atom_id 
_pdbx_struct_sheet_hbond.range_1_label_comp_id 
_pdbx_struct_sheet_hbond.range_1_label_asym_id 
_pdbx_struct_sheet_hbond.range_1_label_seq_id 
_pdbx_struct_sheet_hbond.range_1_PDB_ins_code 
_pdbx_struct_sheet_hbond.range_1_auth_atom_id 
_pdbx_struct_sheet_hbond.range_1_auth_comp_id 
_pdbx_struct_sheet_hbond.range_1_auth_asym_id 
_pdbx_struct_sheet_hbond.range_1_auth_seq_id 
_pdbx_struct_sheet_hbond.range_2_label_atom_id 
_pdbx_struct_sheet_hbond.range_2_label_comp_id 
_pdbx_struct_sheet_hbond.range_2_label_asym_id 
_pdbx_struct_sheet_hbond.range_2_label_seq_id 
_pdbx_struct_sheet_hbond.range_2_PDB_ins_code 
_pdbx_struct_sheet_hbond.range_2_auth_atom_id 
_pdbx_struct_sheet_hbond.range_2_auth_comp_id 
_pdbx_struct_sheet_hbond.range_2_auth_asym_id 
_pdbx_struct_sheet_hbond.range_2_auth_seq_id 
AA1 1 2 O GLY A 50 ? O GLY A 130 N ALA A 41 ? N ALA A 121 
AA1 2 3 O HIS A 42 ? O HIS A 122 N GLN A 29 ? N GLN A 109 
AA1 3 4 O LEU A 28 ? O LEU A 108 N PHE A 6  ? N PHE A 86  
AA1 4 5 N VAL A 7  ? N VAL A 87  O ALA A 58 ? O ALA A 138 
# 
_struct_site.id                   AC1 
_struct_site.pdbx_evidence_code   Software 
_struct_site.pdbx_auth_asym_id    A 
_struct_site.pdbx_auth_comp_id    GLY 
_struct_site.pdbx_auth_seq_id     201 
_struct_site.pdbx_auth_ins_code   ? 
_struct_site.pdbx_num_residues    6 
_struct_site.details              'binding site for residue GLY A 201' 
# 
loop_
_struct_site_gen.id 
_struct_site_gen.site_id 
_struct_site_gen.pdbx_num_res 
_struct_site_gen.label_comp_id 
_struct_site_gen.label_asym_id 
_struct_site_gen.label_seq_id 
_struct_site_gen.pdbx_auth_ins_code 
_struct_site_gen.auth_comp_id 
_struct_site_gen.auth_asym_id 
_struct_site_gen.auth_seq_id 
_struct_site_gen.label_atom_id 
_struct_site_gen.label_alt_id 
_struct_site_gen.symmetry 
_struct_site_gen.details 
1 AC1 6 THR A 5  ? THR A 85  . ? 1_555 ? 
2 AC1 6 ARG A 27 ? ARG A 107 . ? 1_555 ? 
3 AC1 6 TRP A 38 ? TRP A 118 . ? 3_665 ? 
4 AC1 6 SER A 60 ? SER A 140 . ? 1_555 ? 
5 AC1 6 HOH C .  ? HOH A 307 . ? 3_665 ? 
6 AC1 6 HOH C .  ? HOH A 321 . ? 1_555 ? 
# 
_pdbx_validate_torsion.id              1 
_pdbx_validate_torsion.PDB_model_num   1 
_pdbx_validate_torsion.auth_comp_id    ASN 
_pdbx_validate_torsion.auth_asym_id    A 
_pdbx_validate_torsion.auth_seq_id     112 
_pdbx_validate_torsion.PDB_ins_code    ? 
_pdbx_validate_torsion.label_alt_id    ? 
_pdbx_validate_torsion.phi             -105.22 
_pdbx_validate_torsion.psi             -76.75 
# 
_pdbx_struct_special_symmetry.id              1 
_pdbx_struct_special_symmetry.PDB_model_num   1 
_pdbx_struct_special_symmetry.auth_asym_id    A 
_pdbx_struct_special_symmetry.auth_comp_id    HOH 
_pdbx_struct_special_symmetry.auth_seq_id     363 
_pdbx_struct_special_symmetry.PDB_ins_code    ? 
_pdbx_struct_special_symmetry.label_asym_id   C 
_pdbx_struct_special_symmetry.label_comp_id   HOH 
_pdbx_struct_special_symmetry.label_seq_id    . 
# 
_phasing.method   MR 
# 
_pdbx_entry_details.entry_id                 7NES 
_pdbx_entry_details.has_ligand_of_interest   N 
_pdbx_entry_details.compound_details         ? 
_pdbx_entry_details.source_details           ? 
_pdbx_entry_details.nonpolymer_details       ? 
_pdbx_entry_details.sequence_details         ? 
# 
loop_
_pdbx_unobs_or_zero_occ_residues.id 
_pdbx_unobs_or_zero_occ_residues.PDB_model_num 
_pdbx_unobs_or_zero_occ_residues.polymer_flag 
_pdbx_unobs_or_zero_occ_residues.occupancy_flag 
_pdbx_unobs_or_zero_occ_residues.auth_asym_id 
_pdbx_unobs_or_zero_occ_residues.auth_comp_id 
_pdbx_unobs_or_zero_occ_residues.auth_seq_id 
_pdbx_unobs_or_zero_occ_residues.PDB_ins_code 
_pdbx_unobs_or_zero_occ_residues.label_asym_id 
_pdbx_unobs_or_zero_occ_residues.label_comp_id 
_pdbx_unobs_or_zero_occ_residues.label_seq_id 
1 1 Y 1 A GLY 81  ? A GLY 1  
2 1 Y 1 A GLY 82  ? A GLY 2  
3 1 Y 1 A ASP 141 ? A ASP 61 
# 
loop_
_chem_comp_atom.comp_id 
_chem_comp_atom.atom_id 
_chem_comp_atom.type_symbol 
_chem_comp_atom.pdbx_aromatic_flag 
_chem_comp_atom.pdbx_stereo_config 
_chem_comp_atom.pdbx_ordinal 
ALA N    N N N 1   
ALA CA   C N S 2   
ALA C    C N N 3   
ALA O    O N N 4   
ALA CB   C N N 5   
ALA OXT  O N N 6   
ALA H    H N N 7   
ALA H2   H N N 8   
ALA HA   H N N 9   
ALA HB1  H N N 10  
ALA HB2  H N N 11  
ALA HB3  H N N 12  
ALA HXT  H N N 13  
ARG N    N N N 14  
ARG CA   C N S 15  
ARG C    C N N 16  
ARG O    O N N 17  
ARG CB   C N N 18  
ARG CG   C N N 19  
ARG CD   C N N 20  
ARG NE   N N N 21  
ARG CZ   C N N 22  
ARG NH1  N N N 23  
ARG NH2  N N N 24  
ARG OXT  O N N 25  
ARG H    H N N 26  
ARG H2   H N N 27  
ARG HA   H N N 28  
ARG HB2  H N N 29  
ARG HB3  H N N 30  
ARG HG2  H N N 31  
ARG HG3  H N N 32  
ARG HD2  H N N 33  
ARG HD3  H N N 34  
ARG HE   H N N 35  
ARG HH11 H N N 36  
ARG HH12 H N N 37  
ARG HH21 H N N 38  
ARG HH22 H N N 39  
ARG HXT  H N N 40  
ASN N    N N N 41  
ASN CA   C N S 42  
ASN C    C N N 43  
ASN O    O N N 44  
ASN CB   C N N 45  
ASN CG   C N N 46  
ASN OD1  O N N 47  
ASN ND2  N N N 48  
ASN OXT  O N N 49  
ASN H    H N N 50  
ASN H2   H N N 51  
ASN HA   H N N 52  
ASN HB2  H N N 53  
ASN HB3  H N N 54  
ASN HD21 H N N 55  
ASN HD22 H N N 56  
ASN HXT  H N N 57  
ASP N    N N N 58  
ASP CA   C N S 59  
ASP C    C N N 60  
ASP O    O N N 61  
ASP CB   C N N 62  
ASP CG   C N N 63  
ASP OD1  O N N 64  
ASP OD2  O N N 65  
ASP OXT  O N N 66  
ASP H    H N N 67  
ASP H2   H N N 68  
ASP HA   H N N 69  
ASP HB2  H N N 70  
ASP HB3  H N N 71  
ASP HD2  H N N 72  
ASP HXT  H N N 73  
GLN N    N N N 74  
GLN CA   C N S 75  
GLN C    C N N 76  
GLN O    O N N 77  
GLN CB   C N N 78  
GLN CG   C N N 79  
GLN CD   C N N 80  
GLN OE1  O N N 81  
GLN NE2  N N N 82  
GLN OXT  O N N 83  
GLN H    H N N 84  
GLN H2   H N N 85  
GLN HA   H N N 86  
GLN HB2  H N N 87  
GLN HB3  H N N 88  
GLN HG2  H N N 89  
GLN HG3  H N N 90  
GLN HE21 H N N 91  
GLN HE22 H N N 92  
GLN HXT  H N N 93  
GLU N    N N N 94  
GLU CA   C N S 95  
GLU C    C N N 96  
GLU O    O N N 97  
GLU CB   C N N 98  
GLU CG   C N N 99  
GLU CD   C N N 100 
GLU OE1  O N N 101 
GLU OE2  O N N 102 
GLU OXT  O N N 103 
GLU H    H N N 104 
GLU H2   H N N 105 
GLU HA   H N N 106 
GLU HB2  H N N 107 
GLU HB3  H N N 108 
GLU HG2  H N N 109 
GLU HG3  H N N 110 
GLU HE2  H N N 111 
GLU HXT  H N N 112 
GLY N    N N N 113 
GLY CA   C N N 114 
GLY C    C N N 115 
GLY O    O N N 116 
GLY OXT  O N N 117 
GLY H    H N N 118 
GLY H2   H N N 119 
GLY HA2  H N N 120 
GLY HA3  H N N 121 
GLY HXT  H N N 122 
HIS N    N N N 123 
HIS CA   C N S 124 
HIS C    C N N 125 
HIS O    O N N 126 
HIS CB   C N N 127 
HIS CG   C Y N 128 
HIS ND1  N Y N 129 
HIS CD2  C Y N 130 
HIS CE1  C Y N 131 
HIS NE2  N Y N 132 
HIS OXT  O N N 133 
HIS H    H N N 134 
HIS H2   H N N 135 
HIS HA   H N N 136 
HIS HB2  H N N 137 
HIS HB3  H N N 138 
HIS HD1  H N N 139 
HIS HD2  H N N 140 
HIS HE1  H N N 141 
HIS HE2  H N N 142 
HIS HXT  H N N 143 
HOH O    O N N 144 
HOH H1   H N N 145 
HOH H2   H N N 146 
ILE N    N N N 147 
ILE CA   C N S 148 
ILE C    C N N 149 
ILE O    O N N 150 
ILE CB   C N S 151 
ILE CG1  C N N 152 
ILE CG2  C N N 153 
ILE CD1  C N N 154 
ILE OXT  O N N 155 
ILE H    H N N 156 
ILE H2   H N N 157 
ILE HA   H N N 158 
ILE HB   H N N 159 
ILE HG12 H N N 160 
ILE HG13 H N N 161 
ILE HG21 H N N 162 
ILE HG22 H N N 163 
ILE HG23 H N N 164 
ILE HD11 H N N 165 
ILE HD12 H N N 166 
ILE HD13 H N N 167 
ILE HXT  H N N 168 
LEU N    N N N 169 
LEU CA   C N S 170 
LEU C    C N N 171 
LEU O    O N N 172 
LEU CB   C N N 173 
LEU CG   C N N 174 
LEU CD1  C N N 175 
LEU CD2  C N N 176 
LEU OXT  O N N 177 
LEU H    H N N 178 
LEU H2   H N N 179 
LEU HA   H N N 180 
LEU HB2  H N N 181 
LEU HB3  H N N 182 
LEU HG   H N N 183 
LEU HD11 H N N 184 
LEU HD12 H N N 185 
LEU HD13 H N N 186 
LEU HD21 H N N 187 
LEU HD22 H N N 188 
LEU HD23 H N N 189 
LEU HXT  H N N 190 
LYS N    N N N 191 
LYS CA   C N S 192 
LYS C    C N N 193 
LYS O    O N N 194 
LYS CB   C N N 195 
LYS CG   C N N 196 
LYS CD   C N N 197 
LYS CE   C N N 198 
LYS NZ   N N N 199 
LYS OXT  O N N 200 
LYS H    H N N 201 
LYS H2   H N N 202 
LYS HA   H N N 203 
LYS HB2  H N N 204 
LYS HB3  H N N 205 
LYS HG2  H N N 206 
LYS HG3  H N N 207 
LYS HD2  H N N 208 
LYS HD3  H N N 209 
LYS HE2  H N N 210 
LYS HE3  H N N 211 
LYS HZ1  H N N 212 
LYS HZ2  H N N 213 
LYS HZ3  H N N 214 
LYS HXT  H N N 215 
PHE N    N N N 216 
PHE CA   C N S 217 
PHE C    C N N 218 
PHE O    O N N 219 
PHE CB   C N N 220 
PHE CG   C Y N 221 
PHE CD1  C Y N 222 
PHE CD2  C Y N 223 
PHE CE1  C Y N 224 
PHE CE2  C Y N 225 
PHE CZ   C Y N 226 
PHE OXT  O N N 227 
PHE H    H N N 228 
PHE H2   H N N 229 
PHE HA   H N N 230 
PHE HB2  H N N 231 
PHE HB3  H N N 232 
PHE HD1  H N N 233 
PHE HD2  H N N 234 
PHE HE1  H N N 235 
PHE HE2  H N N 236 
PHE HZ   H N N 237 
PHE HXT  H N N 238 
PRO N    N N N 239 
PRO CA   C N S 240 
PRO C    C N N 241 
PRO O    O N N 242 
PRO CB   C N N 243 
PRO CG   C N N 244 
PRO CD   C N N 245 
PRO OXT  O N N 246 
PRO H    H N N 247 
PRO HA   H N N 248 
PRO HB2  H N N 249 
PRO HB3  H N N 250 
PRO HG2  H N N 251 
PRO HG3  H N N 252 
PRO HD2  H N N 253 
PRO HD3  H N N 254 
PRO HXT  H N N 255 
SER N    N N N 256 
SER CA   C N S 257 
SER C    C N N 258 
SER O    O N N 259 
SER CB   C N N 260 
SER OG   O N N 261 
SER OXT  O N N 262 
SER H    H N N 263 
SER H2   H N N 264 
SER HA   H N N 265 
SER HB2  H N N 266 
SER HB3  H N N 267 
SER HG   H N N 268 
SER HXT  H N N 269 
THR N    N N N 270 
THR CA   C N S 271 
THR C    C N N 272 
THR O    O N N 273 
THR CB   C N R 274 
THR OG1  O N N 275 
THR CG2  C N N 276 
THR OXT  O N N 277 
THR H    H N N 278 
THR H2   H N N 279 
THR HA   H N N 280 
THR HB   H N N 281 
THR HG1  H N N 282 
THR HG21 H N N 283 
THR HG22 H N N 284 
THR HG23 H N N 285 
THR HXT  H N N 286 
TRP N    N N N 287 
TRP CA   C N S 288 
TRP C    C N N 289 
TRP O    O N N 290 
TRP CB   C N N 291 
TRP CG   C Y N 292 
TRP CD1  C Y N 293 
TRP CD2  C Y N 294 
TRP NE1  N Y N 295 
TRP CE2  C Y N 296 
TRP CE3  C Y N 297 
TRP CZ2  C Y N 298 
TRP CZ3  C Y N 299 
TRP CH2  C Y N 300 
TRP OXT  O N N 301 
TRP H    H N N 302 
TRP H2   H N N 303 
TRP HA   H N N 304 
TRP HB2  H N N 305 
TRP HB3  H N N 306 
TRP HD1  H N N 307 
TRP HE1  H N N 308 
TRP HE3  H N N 309 
TRP HZ2  H N N 310 
TRP HZ3  H N N 311 
TRP HH2  H N N 312 
TRP HXT  H N N 313 
TYR N    N N N 314 
TYR CA   C N S 315 
TYR C    C N N 316 
TYR O    O N N 317 
TYR CB   C N N 318 
TYR CG   C Y N 319 
TYR CD1  C Y N 320 
TYR CD2  C Y N 321 
TYR CE1  C Y N 322 
TYR CE2  C Y N 323 
TYR CZ   C Y N 324 
TYR OH   O N N 325 
TYR OXT  O N N 326 
TYR H    H N N 327 
TYR H2   H N N 328 
TYR HA   H N N 329 
TYR HB2  H N N 330 
TYR HB3  H N N 331 
TYR HD1  H N N 332 
TYR HD2  H N N 333 
TYR HE1  H N N 334 
TYR HE2  H N N 335 
TYR HH   H N N 336 
TYR HXT  H N N 337 
VAL N    N N N 338 
VAL CA   C N S 339 
VAL C    C N N 340 
VAL O    O N N 341 
VAL CB   C N N 342 
VAL CG1  C N N 343 
VAL CG2  C N N 344 
VAL OXT  O N N 345 
VAL H    H N N 346 
VAL H2   H N N 347 
VAL HA   H N N 348 
VAL HB   H N N 349 
VAL HG11 H N N 350 
VAL HG12 H N N 351 
VAL HG13 H N N 352 
VAL HG21 H N N 353 
VAL HG22 H N N 354 
VAL HG23 H N N 355 
VAL HXT  H N N 356 
# 
loop_
_chem_comp_bond.comp_id 
_chem_comp_bond.atom_id_1 
_chem_comp_bond.atom_id_2 
_chem_comp_bond.value_order 
_chem_comp_bond.pdbx_aromatic_flag 
_chem_comp_bond.pdbx_stereo_config 
_chem_comp_bond.pdbx_ordinal 
ALA N   CA   sing N N 1   
ALA N   H    sing N N 2   
ALA N   H2   sing N N 3   
ALA CA  C    sing N N 4   
ALA CA  CB   sing N N 5   
ALA CA  HA   sing N N 6   
ALA C   O    doub N N 7   
ALA C   OXT  sing N N 8   
ALA CB  HB1  sing N N 9   
ALA CB  HB2  sing N N 10  
ALA CB  HB3  sing N N 11  
ALA OXT HXT  sing N N 12  
ARG N   CA   sing N N 13  
ARG N   H    sing N N 14  
ARG N   H2   sing N N 15  
ARG CA  C    sing N N 16  
ARG CA  CB   sing N N 17  
ARG CA  HA   sing N N 18  
ARG C   O    doub N N 19  
ARG C   OXT  sing N N 20  
ARG CB  CG   sing N N 21  
ARG CB  HB2  sing N N 22  
ARG CB  HB3  sing N N 23  
ARG CG  CD   sing N N 24  
ARG CG  HG2  sing N N 25  
ARG CG  HG3  sing N N 26  
ARG CD  NE   sing N N 27  
ARG CD  HD2  sing N N 28  
ARG CD  HD3  sing N N 29  
ARG NE  CZ   sing N N 30  
ARG NE  HE   sing N N 31  
ARG CZ  NH1  sing N N 32  
ARG CZ  NH2  doub N N 33  
ARG NH1 HH11 sing N N 34  
ARG NH1 HH12 sing N N 35  
ARG NH2 HH21 sing N N 36  
ARG NH2 HH22 sing N N 37  
ARG OXT HXT  sing N N 38  
ASN N   CA   sing N N 39  
ASN N   H    sing N N 40  
ASN N   H2   sing N N 41  
ASN CA  C    sing N N 42  
ASN CA  CB   sing N N 43  
ASN CA  HA   sing N N 44  
ASN C   O    doub N N 45  
ASN C   OXT  sing N N 46  
ASN CB  CG   sing N N 47  
ASN CB  HB2  sing N N 48  
ASN CB  HB3  sing N N 49  
ASN CG  OD1  doub N N 50  
ASN CG  ND2  sing N N 51  
ASN ND2 HD21 sing N N 52  
ASN ND2 HD22 sing N N 53  
ASN OXT HXT  sing N N 54  
ASP N   CA   sing N N 55  
ASP N   H    sing N N 56  
ASP N   H2   sing N N 57  
ASP CA  C    sing N N 58  
ASP CA  CB   sing N N 59  
ASP CA  HA   sing N N 60  
ASP C   O    doub N N 61  
ASP C   OXT  sing N N 62  
ASP CB  CG   sing N N 63  
ASP CB  HB2  sing N N 64  
ASP CB  HB3  sing N N 65  
ASP CG  OD1  doub N N 66  
ASP CG  OD2  sing N N 67  
ASP OD2 HD2  sing N N 68  
ASP OXT HXT  sing N N 69  
GLN N   CA   sing N N 70  
GLN N   H    sing N N 71  
GLN N   H2   sing N N 72  
GLN CA  C    sing N N 73  
GLN CA  CB   sing N N 74  
GLN CA  HA   sing N N 75  
GLN C   O    doub N N 76  
GLN C   OXT  sing N N 77  
GLN CB  CG   sing N N 78  
GLN CB  HB2  sing N N 79  
GLN CB  HB3  sing N N 80  
GLN CG  CD   sing N N 81  
GLN CG  HG2  sing N N 82  
GLN CG  HG3  sing N N 83  
GLN CD  OE1  doub N N 84  
GLN CD  NE2  sing N N 85  
GLN NE2 HE21 sing N N 86  
GLN NE2 HE22 sing N N 87  
GLN OXT HXT  sing N N 88  
GLU N   CA   sing N N 89  
GLU N   H    sing N N 90  
GLU N   H2   sing N N 91  
GLU CA  C    sing N N 92  
GLU CA  CB   sing N N 93  
GLU CA  HA   sing N N 94  
GLU C   O    doub N N 95  
GLU C   OXT  sing N N 96  
GLU CB  CG   sing N N 97  
GLU CB  HB2  sing N N 98  
GLU CB  HB3  sing N N 99  
GLU CG  CD   sing N N 100 
GLU CG  HG2  sing N N 101 
GLU CG  HG3  sing N N 102 
GLU CD  OE1  doub N N 103 
GLU CD  OE2  sing N N 104 
GLU OE2 HE2  sing N N 105 
GLU OXT HXT  sing N N 106 
GLY N   CA   sing N N 107 
GLY N   H    sing N N 108 
GLY N   H2   sing N N 109 
GLY CA  C    sing N N 110 
GLY CA  HA2  sing N N 111 
GLY CA  HA3  sing N N 112 
GLY C   O    doub N N 113 
GLY C   OXT  sing N N 114 
GLY OXT HXT  sing N N 115 
HIS N   CA   sing N N 116 
HIS N   H    sing N N 117 
HIS N   H2   sing N N 118 
HIS CA  C    sing N N 119 
HIS CA  CB   sing N N 120 
HIS CA  HA   sing N N 121 
HIS C   O    doub N N 122 
HIS C   OXT  sing N N 123 
HIS CB  CG   sing N N 124 
HIS CB  HB2  sing N N 125 
HIS CB  HB3  sing N N 126 
HIS CG  ND1  sing Y N 127 
HIS CG  CD2  doub Y N 128 
HIS ND1 CE1  doub Y N 129 
HIS ND1 HD1  sing N N 130 
HIS CD2 NE2  sing Y N 131 
HIS CD2 HD2  sing N N 132 
HIS CE1 NE2  sing Y N 133 
HIS CE1 HE1  sing N N 134 
HIS NE2 HE2  sing N N 135 
HIS OXT HXT  sing N N 136 
HOH O   H1   sing N N 137 
HOH O   H2   sing N N 138 
ILE N   CA   sing N N 139 
ILE N   H    sing N N 140 
ILE N   H2   sing N N 141 
ILE CA  C    sing N N 142 
ILE CA  CB   sing N N 143 
ILE CA  HA   sing N N 144 
ILE C   O    doub N N 145 
ILE C   OXT  sing N N 146 
ILE CB  CG1  sing N N 147 
ILE CB  CG2  sing N N 148 
ILE CB  HB   sing N N 149 
ILE CG1 CD1  sing N N 150 
ILE CG1 HG12 sing N N 151 
ILE CG1 HG13 sing N N 152 
ILE CG2 HG21 sing N N 153 
ILE CG2 HG22 sing N N 154 
ILE CG2 HG23 sing N N 155 
ILE CD1 HD11 sing N N 156 
ILE CD1 HD12 sing N N 157 
ILE CD1 HD13 sing N N 158 
ILE OXT HXT  sing N N 159 
LEU N   CA   sing N N 160 
LEU N   H    sing N N 161 
LEU N   H2   sing N N 162 
LEU CA  C    sing N N 163 
LEU CA  CB   sing N N 164 
LEU CA  HA   sing N N 165 
LEU C   O    doub N N 166 
LEU C   OXT  sing N N 167 
LEU CB  CG   sing N N 168 
LEU CB  HB2  sing N N 169 
LEU CB  HB3  sing N N 170 
LEU CG  CD1  sing N N 171 
LEU CG  CD2  sing N N 172 
LEU CG  HG   sing N N 173 
LEU CD1 HD11 sing N N 174 
LEU CD1 HD12 sing N N 175 
LEU CD1 HD13 sing N N 176 
LEU CD2 HD21 sing N N 177 
LEU CD2 HD22 sing N N 178 
LEU CD2 HD23 sing N N 179 
LEU OXT HXT  sing N N 180 
LYS N   CA   sing N N 181 
LYS N   H    sing N N 182 
LYS N   H2   sing N N 183 
LYS CA  C    sing N N 184 
LYS CA  CB   sing N N 185 
LYS CA  HA   sing N N 186 
LYS C   O    doub N N 187 
LYS C   OXT  sing N N 188 
LYS CB  CG   sing N N 189 
LYS CB  HB2  sing N N 190 
LYS CB  HB3  sing N N 191 
LYS CG  CD   sing N N 192 
LYS CG  HG2  sing N N 193 
LYS CG  HG3  sing N N 194 
LYS CD  CE   sing N N 195 
LYS CD  HD2  sing N N 196 
LYS CD  HD3  sing N N 197 
LYS CE  NZ   sing N N 198 
LYS CE  HE2  sing N N 199 
LYS CE  HE3  sing N N 200 
LYS NZ  HZ1  sing N N 201 
LYS NZ  HZ2  sing N N 202 
LYS NZ  HZ3  sing N N 203 
LYS OXT HXT  sing N N 204 
PHE N   CA   sing N N 205 
PHE N   H    sing N N 206 
PHE N   H2   sing N N 207 
PHE CA  C    sing N N 208 
PHE CA  CB   sing N N 209 
PHE CA  HA   sing N N 210 
PHE C   O    doub N N 211 
PHE C   OXT  sing N N 212 
PHE CB  CG   sing N N 213 
PHE CB  HB2  sing N N 214 
PHE CB  HB3  sing N N 215 
PHE CG  CD1  doub Y N 216 
PHE CG  CD2  sing Y N 217 
PHE CD1 CE1  sing Y N 218 
PHE CD1 HD1  sing N N 219 
PHE CD2 CE2  doub Y N 220 
PHE CD2 HD2  sing N N 221 
PHE CE1 CZ   doub Y N 222 
PHE CE1 HE1  sing N N 223 
PHE CE2 CZ   sing Y N 224 
PHE CE2 HE2  sing N N 225 
PHE CZ  HZ   sing N N 226 
PHE OXT HXT  sing N N 227 
PRO N   CA   sing N N 228 
PRO N   CD   sing N N 229 
PRO N   H    sing N N 230 
PRO CA  C    sing N N 231 
PRO CA  CB   sing N N 232 
PRO CA  HA   sing N N 233 
PRO C   O    doub N N 234 
PRO C   OXT  sing N N 235 
PRO CB  CG   sing N N 236 
PRO CB  HB2  sing N N 237 
PRO CB  HB3  sing N N 238 
PRO CG  CD   sing N N 239 
PRO CG  HG2  sing N N 240 
PRO CG  HG3  sing N N 241 
PRO CD  HD2  sing N N 242 
PRO CD  HD3  sing N N 243 
PRO OXT HXT  sing N N 244 
SER N   CA   sing N N 245 
SER N   H    sing N N 246 
SER N   H2   sing N N 247 
SER CA  C    sing N N 248 
SER CA  CB   sing N N 249 
SER CA  HA   sing N N 250 
SER C   O    doub N N 251 
SER C   OXT  sing N N 252 
SER CB  OG   sing N N 253 
SER CB  HB2  sing N N 254 
SER CB  HB3  sing N N 255 
SER OG  HG   sing N N 256 
SER OXT HXT  sing N N 257 
THR N   CA   sing N N 258 
THR N   H    sing N N 259 
THR N   H2   sing N N 260 
THR CA  C    sing N N 261 
THR CA  CB   sing N N 262 
THR CA  HA   sing N N 263 
THR C   O    doub N N 264 
THR C   OXT  sing N N 265 
THR CB  OG1  sing N N 266 
THR CB  CG2  sing N N 267 
THR CB  HB   sing N N 268 
THR OG1 HG1  sing N N 269 
THR CG2 HG21 sing N N 270 
THR CG2 HG22 sing N N 271 
THR CG2 HG23 sing N N 272 
THR OXT HXT  sing N N 273 
TRP N   CA   sing N N 274 
TRP N   H    sing N N 275 
TRP N   H2   sing N N 276 
TRP CA  C    sing N N 277 
TRP CA  CB   sing N N 278 
TRP CA  HA   sing N N 279 
TRP C   O    doub N N 280 
TRP C   OXT  sing N N 281 
TRP CB  CG   sing N N 282 
TRP CB  HB2  sing N N 283 
TRP CB  HB3  sing N N 284 
TRP CG  CD1  doub Y N 285 
TRP CG  CD2  sing Y N 286 
TRP CD1 NE1  sing Y N 287 
TRP CD1 HD1  sing N N 288 
TRP CD2 CE2  doub Y N 289 
TRP CD2 CE3  sing Y N 290 
TRP NE1 CE2  sing Y N 291 
TRP NE1 HE1  sing N N 292 
TRP CE2 CZ2  sing Y N 293 
TRP CE3 CZ3  doub Y N 294 
TRP CE3 HE3  sing N N 295 
TRP CZ2 CH2  doub Y N 296 
TRP CZ2 HZ2  sing N N 297 
TRP CZ3 CH2  sing Y N 298 
TRP CZ3 HZ3  sing N N 299 
TRP CH2 HH2  sing N N 300 
TRP OXT HXT  sing N N 301 
TYR N   CA   sing N N 302 
TYR N   H    sing N N 303 
TYR N   H2   sing N N 304 
TYR CA  C    sing N N 305 
TYR CA  CB   sing N N 306 
TYR CA  HA   sing N N 307 
TYR C   O    doub N N 308 
TYR C   OXT  sing N N 309 
TYR CB  CG   sing N N 310 
TYR CB  HB2  sing N N 311 
TYR CB  HB3  sing N N 312 
TYR CG  CD1  doub Y N 313 
TYR CG  CD2  sing Y N 314 
TYR CD1 CE1  sing Y N 315 
TYR CD1 HD1  sing N N 316 
TYR CD2 CE2  doub Y N 317 
TYR CD2 HD2  sing N N 318 
TYR CE1 CZ   doub Y N 319 
TYR CE1 HE1  sing N N 320 
TYR CE2 CZ   sing Y N 321 
TYR CE2 HE2  sing N N 322 
TYR CZ  OH   sing N N 323 
TYR OH  HH   sing N N 324 
TYR OXT HXT  sing N N 325 
VAL N   CA   sing N N 326 
VAL N   H    sing N N 327 
VAL N   H2   sing N N 328 
VAL CA  C    sing N N 329 
VAL CA  CB   sing N N 330 
VAL CA  HA   sing N N 331 
VAL C   O    doub N N 332 
VAL C   OXT  sing N N 333 
VAL CB  CG1  sing N N 334 
VAL CB  CG2  sing N N 335 
VAL CB  HB   sing N N 336 
VAL CG1 HG11 sing N N 337 
VAL CG1 HG12 sing N N 338 
VAL CG1 HG13 sing N N 339 
VAL CG2 HG21 sing N N 340 
VAL CG2 HG22 sing N N 341 
VAL CG2 HG23 sing N N 342 
VAL OXT HXT  sing N N 343 
# 
_pdbx_audit_support.funding_organization   'Spanish Ministry of Economy and Competitiveness' 
_pdbx_audit_support.country                Spain 
_pdbx_audit_support.grant_number           BIO2016-78020-R 
_pdbx_audit_support.ordinal                1 
# 
_atom_sites.entry_id                    7NES 
_atom_sites.Cartn_transf_matrix[1][1]   ? 
_atom_sites.Cartn_transf_matrix[1][2]   ? 
_atom_sites.Cartn_transf_matrix[1][3]   ? 
_atom_sites.Cartn_transf_matrix[2][1]   ? 
_atom_sites.Cartn_transf_matrix[2][2]   ? 
_atom_sites.Cartn_transf_matrix[2][3]   ? 
_atom_sites.Cartn_transf_matrix[3][1]   ? 
_atom_sites.Cartn_transf_matrix[3][2]   ? 
_atom_sites.Cartn_transf_matrix[3][3]   ? 
_atom_sites.Cartn_transf_vector[1]      ? 
_atom_sites.Cartn_transf_vector[2]      ? 
_atom_sites.Cartn_transf_vector[3]      ? 
_atom_sites.fract_transf_matrix[1][1]   -0.00061011 
_atom_sites.fract_transf_matrix[1][2]   0.03044857 
_atom_sites.fract_transf_matrix[1][3]   0.00612593 
_atom_sites.fract_transf_matrix[2][1]   -0.00166027 
_atom_sites.fract_transf_matrix[2][2]   0.00989842 
_atom_sites.fract_transf_matrix[2][3]   0.02939896 
_atom_sites.fract_transf_matrix[3][1]   0.01516978 
_atom_sites.fract_transf_matrix[3][2]   0.00014117 
_atom_sites.fract_transf_matrix[3][3]   0.00080916 
_atom_sites.fract_transf_vector[1]      0.633977 
_atom_sites.fract_transf_vector[2]      0.290120 
_atom_sites.fract_transf_vector[3]      0.307203 
_atom_sites.solution_primary            ? 
_atom_sites.solution_secondary          ? 
_atom_sites.solution_hydrogens          ? 
_atom_sites.special_details             ? 
# 
loop_
_atom_type.symbol 
C 
H 
N 
O 
# 
loop_
_atom_site.group_PDB 
_atom_site.id 
_atom_site.type_symbol 
_atom_site.label_atom_id 
_atom_site.label_alt_id 
_atom_site.label_comp_id 
_atom_site.label_asym_id 
_atom_site.label_entity_id 
_atom_site.label_seq_id 
_atom_site.pdbx_PDB_ins_code 
_atom_site.Cartn_x 
_atom_site.Cartn_y 
_atom_site.Cartn_z 
_atom_site.occupancy 
_atom_site.B_iso_or_equiv 
_atom_site.pdbx_formal_charge 
_atom_site.auth_seq_id 
_atom_site.auth_comp_id 
_atom_site.auth_asym_id 
_atom_site.auth_atom_id 
_atom_site.pdbx_PDB_model_num 
ATOM   1   N N    . VAL A 1 3  ? 5.800   -12.702 3.141   1.00 29.73 ? 83  VAL A N    1 
ATOM   2   C CA   . VAL A 1 3  ? 5.363   -13.596 2.061   1.00 29.73 ? 83  VAL A CA   1 
ATOM   3   C C    . VAL A 1 3  ? 5.530   -12.879 0.714   1.00 29.73 ? 83  VAL A C    1 
ATOM   4   O O    . VAL A 1 3  ? 6.585   -12.948 0.093   1.00 29.73 ? 83  VAL A O    1 
ATOM   5   C CB   . VAL A 1 3  ? 3.923   -14.084 2.288   1.00 29.76 ? 83  VAL A CB   1 
ATOM   6   H HA   . VAL A 1 3  ? 5.940   -14.376 2.052   1.00 35.67 ? 83  VAL A HA   1 
ATOM   7   N N    . THR A 1 4  ? 4.501   -12.152 0.280   1.00 32.36 ? 84  THR A N    1 
ATOM   8   C CA   . THR A 1 4  ? 4.580   -11.325 -0.924  1.00 30.85 ? 84  THR A CA   1 
ATOM   9   C C    . THR A 1 4  ? 4.720   -9.868  -0.506  1.00 25.67 ? 84  THR A C    1 
ATOM   10  O O    . THR A 1 4  ? 3.856   -9.325  0.185   1.00 26.00 ? 84  THR A O    1 
ATOM   11  C CB   . THR A 1 4  ? 3.330   -11.495 -1.793  1.00 33.79 ? 84  THR A CB   1 
ATOM   12  O OG1  . THR A 1 4  ? 3.305   -12.815 -2.350  1.00 36.30 ? 84  THR A OG1  1 
ATOM   13  C CG2  . THR A 1 4  ? 3.322   -10.484 -2.925  1.00 34.91 ? 84  THR A CG2  1 
ATOM   14  H H    . THR A 1 4  ? 3.736   -12.119 0.670   1.00 38.83 ? 84  THR A H    1 
ATOM   15  H HA   . THR A 1 4  ? 5.357   -11.576 -1.448  1.00 37.01 ? 84  THR A HA   1 
ATOM   16  H HB   . THR A 1 4  ? 2.538   -11.356 -1.251  1.00 40.55 ? 84  THR A HB   1 
ATOM   17  H HG1  . THR A 1 4  ? 2.620   -12.913 -2.827  1.00 43.56 ? 84  THR A HG1  1 
ATOM   18  H HG21 . THR A 1 4  ? 2.666   -10.741 -3.592  1.00 41.90 ? 84  THR A HG21 1 
ATOM   19  H HG22 . THR A 1 4  ? 3.096   -9.604  -2.588  1.00 41.90 ? 84  THR A HG22 1 
ATOM   20  H HG23 . THR A 1 4  ? 4.196   -10.448 -3.343  1.00 41.90 ? 84  THR A HG23 1 
ATOM   21  N N    . THR A 1 5  ? 5.796   -9.237  -0.923  1.00 21.38 ? 85  THR A N    1 
ATOM   22  C CA   . THR A 1 5  ? 6.012   -7.824  -0.661  1.00 19.33 ? 85  THR A CA   1 
ATOM   23  C C    . THR A 1 5  ? 5.651   -7.035  -1.909  1.00 17.82 ? 85  THR A C    1 
ATOM   24  O O    . THR A 1 5  ? 5.951   -7.443  -3.017  1.00 18.75 ? 85  THR A O    1 
ATOM   25  C CB   . THR A 1 5  ? 7.465   -7.569  -0.291  1.00 21.12 ? 85  THR A CB   1 
ATOM   26  O OG1  . THR A 1 5  ? 7.782   -8.315  0.877   1.00 22.87 ? 85  THR A OG1  1 
ATOM   27  C CG2  . THR A 1 5  ? 7.698   -6.102  0.004   1.00 22.99 ? 85  THR A CG2  1 
ATOM   28  H H    . THR A 1 5  ? 6.431   -9.608  -1.368  1.00 25.66 ? 85  THR A H    1 
ATOM   29  H HA   . THR A 1 5  ? 5.448   -7.530  0.070   1.00 23.20 ? 85  THR A HA   1 
ATOM   30  H HB   . THR A 1 5  ? 8.045   -7.839  -1.021  1.00 25.35 ? 85  THR A HB   1 
ATOM   31  H HG1  . THR A 1 5  ? 8.583   -8.184  1.094   1.00 27.45 ? 85  THR A HG1  1 
ATOM   32  H HG21 . THR A 1 5  ? 8.570   -5.982  0.413   1.00 27.59 ? 85  THR A HG21 1 
ATOM   33  H HG22 . THR A 1 5  ? 7.664   -5.586  -0.817  1.00 27.59 ? 85  THR A HG22 1 
ATOM   34  H HG23 . THR A 1 5  ? 7.018   -5.774  0.613   1.00 27.59 ? 85  THR A HG23 1 
ATOM   35  N N    . PHE A 1 6  ? 4.976   -5.908  -1.724  1.00 16.64 ? 86  PHE A N    1 
ATOM   36  C CA   . PHE A 1 6  ? 4.595   -5.022  -2.807  1.00 14.88 ? 86  PHE A CA   1 
ATOM   37  C C    . PHE A 1 6  ? 5.411   -3.730  -2.739  1.00 14.29 ? 86  PHE A C    1 
ATOM   38  O O    . PHE A 1 6  ? 5.839   -3.310  -1.672  1.00 15.80 ? 86  PHE A O    1 
ATOM   39  C CB   . PHE A 1 6  ? 3.110   -4.665  -2.704  1.00 14.97 ? 86  PHE A CB   1 
ATOM   40  C CG   . PHE A 1 6  ? 2.185   -5.780  -3.071  1.00 15.90 ? 86  PHE A CG   1 
ATOM   41  C CD1  . PHE A 1 6  ? 1.894   -6.779  -2.166  1.00 17.49 ? 86  PHE A CD1  1 
ATOM   42  C CD2  . PHE A 1 6  ? 1.594   -5.825  -4.317  1.00 15.69 ? 86  PHE A CD2  1 
ATOM   43  C CE1  . PHE A 1 6  ? 1.021   -7.800  -2.505  1.00 19.28 ? 86  PHE A CE1  1 
ATOM   44  C CE2  . PHE A 1 6  ? 0.725   -6.858  -4.658  1.00 16.35 ? 86  PHE A CE2  1 
ATOM   45  C CZ   . PHE A 1 6  ? 0.458   -7.839  -3.762  1.00 16.95 ? 86  PHE A CZ   1 
ATOM   46  H H    . PHE A 1 6  ? 4.720   -5.629  -0.952  1.00 19.97 ? 86  PHE A H    1 
ATOM   47  H HA   . PHE A 1 6  ? 4.755   -5.452  -3.661  1.00 17.86 ? 86  PHE A HA   1 
ATOM   48  H HB2  . PHE A 1 6  ? 2.914   -4.409  -1.790  1.00 17.96 ? 86  PHE A HB2  1 
ATOM   49  H HB3  . PHE A 1 6  ? 2.926   -3.922  -3.300  1.00 17.96 ? 86  PHE A HB3  1 
ATOM   50  H HD1  . PHE A 1 6  ? 2.278   -6.761  -1.319  1.00 20.99 ? 86  PHE A HD1  1 
ATOM   51  H HD2  . PHE A 1 6  ? 1.781   -5.159  -4.938  1.00 18.82 ? 86  PHE A HD2  1 
ATOM   52  H HE1  . PHE A 1 6  ? 0.836   -8.474  -1.892  1.00 23.13 ? 86  PHE A HE1  1 
ATOM   53  H HE2  . PHE A 1 6  ? 0.337   -6.881  -5.504  1.00 19.62 ? 86  PHE A HE2  1 
ATOM   54  H HZ   . PHE A 1 6  ? -0.127  -8.525  -3.986  1.00 20.34 ? 86  PHE A HZ   1 
ATOM   55  N N    . VAL A 1 7  ? 5.597   -3.104  -3.887  1.00 13.71 ? 87  VAL A N    1 
ATOM   56  C CA   . VAL A 1 7  ? 6.261   -1.807  -3.983  1.00 15.03 ? 87  VAL A CA   1 
ATOM   57  C C    . VAL A 1 7  ? 5.291   -0.792  -4.594  1.00 15.16 ? 87  VAL A C    1 
ATOM   58  O O    . VAL A 1 7  ? 4.530   -1.107  -5.513  1.00 15.21 ? 87  VAL A O    1 
ATOM   59  C CB   . VAL A 1 7  ? 7.602   -1.904  -4.758  1.00 15.93 ? 87  VAL A CB   1 
ATOM   60  C CG1  . VAL A 1 7  ? 7.383   -2.317  -6.205  1.00 17.59 ? 87  VAL A CG1  1 
ATOM   61  C CG2  . VAL A 1 7  ? 8.333   -0.581  -4.707  1.00 16.08 ? 87  VAL A CG2  1 
ATOM   62  H H    . VAL A 1 7  ? 5.342   -3.414  -4.648  1.00 16.45 ? 87  VAL A H    1 
ATOM   63  H HA   . VAL A 1 7  ? 6.470   -1.501  -3.088  1.00 18.04 ? 87  VAL A HA   1 
ATOM   64  H HB   . VAL A 1 7  ? 8.163   -2.573  -4.336  1.00 19.11 ? 87  VAL A HB   1 
ATOM   65  H HG11 . VAL A 1 7  ? 6.449   -2.542  -6.334  1.00 21.11 ? 87  VAL A HG11 1 
ATOM   66  H HG12 . VAL A 1 7  ? 7.629   -1.579  -6.785  1.00 21.11 ? 87  VAL A HG12 1 
ATOM   67  H HG13 . VAL A 1 7  ? 7.938   -3.089  -6.399  1.00 21.11 ? 87  VAL A HG13 1 
ATOM   68  H HG21 . VAL A 1 7  ? 9.200   -0.684  -5.131  1.00 19.29 ? 87  VAL A HG21 1 
ATOM   69  H HG22 . VAL A 1 7  ? 7.813   0.088   -5.178  1.00 19.29 ? 87  VAL A HG22 1 
ATOM   70  H HG23 . VAL A 1 7  ? 8.447   -0.320  -3.779  1.00 19.29 ? 87  VAL A HG23 1 
ATOM   71  N N    . ALA A 1 8  ? 5.331   0.424   -4.065  1.00 14.74 ? 88  ALA A N    1 
ATOM   72  C CA   . ALA A 1 8  ? 4.546   1.522   -4.608  1.00 14.70 ? 88  ALA A CA   1 
ATOM   73  C C    . ALA A 1 8  ? 5.122   1.973   -5.942  1.00 15.12 ? 88  ALA A C    1 
ATOM   74  O O    . ALA A 1 8  ? 6.323   2.258   -6.060  1.00 14.16 ? 88  ALA A O    1 
ATOM   75  C CB   . ALA A 1 8  ? 4.556   2.688   -3.616  1.00 14.75 ? 88  ALA A CB   1 
ATOM   76  H H    . ALA A 1 8  ? 5.809   0.640   -3.384  1.00 17.69 ? 88  ALA A H    1 
ATOM   77  H HA   . ALA A 1 8  ? 3.629   1.235   -4.744  1.00 17.64 ? 88  ALA A HA   1 
ATOM   78  H HB1  . ALA A 1 8  ? 4.036   3.419   -3.984  1.00 17.70 ? 88  ALA A HB1  1 
ATOM   79  H HB2  . ALA A 1 8  ? 4.166   2.393   -2.778  1.00 17.70 ? 88  ALA A HB2  1 
ATOM   80  H HB3  . ALA A 1 8  ? 5.472   2.973   -3.473  1.00 17.70 ? 88  ALA A HB3  1 
ATOM   81  N N    . LEU A 1 9  ? 4.271   2.078   -6.949  1.00 16.15 ? 89  LEU A N    1 
ATOM   82  C CA   . LEU A 1 9  ? 4.686   2.501   -8.290  1.00 16.82 ? 89  LEU A CA   1 
ATOM   83  C C    . LEU A 1 9  ? 4.634   4.013   -8.487  1.00 17.48 ? 89  LEU A C    1 
ATOM   84  O O    . LEU A 1 9  ? 5.294   4.536   -9.394  1.00 17.25 ? 89  LEU A O    1 
ATOM   85  C CB   . LEU A 1 9  ? 3.774   1.835   -9.340  1.00 19.53 ? 89  LEU A CB   1 
ATOM   86  C CG   . LEU A 1 9  ? 3.590   0.317   -9.234  1.00 20.53 ? 89  LEU A CG   1 
ATOM   87  C CD1  . LEU A 1 9  ? 2.668   -0.160  -10.313 1.00 22.51 ? 89  LEU A CD1  1 
ATOM   88  C CD2  . LEU A 1 9  ? 4.912   -0.396  -9.339  1.00 21.89 ? 89  LEU A CD2  1 
ATOM   89  H H    . LEU A 1 9  ? 3.430   1.908   -6.886  1.00 19.39 ? 89  LEU A H    1 
ATOM   90  H HA   . LEU A 1 9  ? 5.598   2.213   -8.448  1.00 20.19 ? 89  LEU A HA   1 
ATOM   91  H HB2  . LEU A 1 9  ? 2.893   2.236   -9.272  1.00 23.44 ? 89  LEU A HB2  1 
ATOM   92  H HB3  . LEU A 1 9  ? 4.141   2.018   -10.219 1.00 23.44 ? 89  LEU A HB3  1 
ATOM   93  H HG   . LEU A 1 9  ? 3.193   0.101   -8.376  1.00 24.63 ? 89  LEU A HG   1 
ATOM   94  H HD11 . LEU A 1 9  ? 2.573   -1.123  -10.243 1.00 27.01 ? 89  LEU A HD11 1 
ATOM   95  H HD12 . LEU A 1 9  ? 1.804   0.267   -10.201 1.00 27.01 ? 89  LEU A HD12 1 
ATOM   96  H HD13 . LEU A 1 9  ? 3.045   0.074   -11.175 1.00 27.01 ? 89  LEU A HD13 1 
ATOM   97  H HD21 . LEU A 1 9  ? 4.819   -1.280  -8.952  1.00 26.27 ? 89  LEU A HD21 1 
ATOM   98  H HD22 . LEU A 1 9  ? 5.142   -0.475  -10.276 1.00 26.27 ? 89  LEU A HD22 1 
ATOM   99  H HD23 . LEU A 1 9  ? 5.596   0.097   -8.863  1.00 26.27 ? 89  LEU A HD23 1 
ATOM   100 N N    . TYR A 1 10 ? 3.844   4.717   -7.673  1.00 17.20 ? 90  TYR A N    1 
ATOM   101 C CA   . TYR A 1 10 ? 3.687   6.157   -7.768  1.00 16.74 ? 90  TYR A CA   1 
ATOM   102 C C    . TYR A 1 10 ? 3.461   6.692   -6.365  1.00 16.36 ? 90  TYR A C    1 
ATOM   103 O O    . TYR A 1 10 ? 3.002   5.967   -5.485  1.00 17.12 ? 90  TYR A O    1 
ATOM   104 C CB   . TYR A 1 10 ? 2.463   6.535   -8.613  1.00 18.08 ? 90  TYR A CB   1 
ATOM   105 C CG   . TYR A 1 10 ? 2.201   5.615   -9.778  1.00 18.11 ? 90  TYR A CG   1 
ATOM   106 C CD1  . TYR A 1 10 ? 2.960   5.700   -10.933 1.00 19.19 ? 90  TYR A CD1  1 
ATOM   107 C CD2  . TYR A 1 10 ? 1.180   4.680   -9.743  1.00 17.96 ? 90  TYR A CD2  1 
ATOM   108 C CE1  . TYR A 1 10 ? 2.711   4.869   -12.021 1.00 19.28 ? 90  TYR A CE1  1 
ATOM   109 C CE2  . TYR A 1 10 ? 0.926   3.846   -10.814 1.00 18.46 ? 90  TYR A CE2  1 
ATOM   110 C CZ   . TYR A 1 10 ? 1.709   3.944   -11.944 1.00 18.82 ? 90  TYR A CZ   1 
ATOM   111 O OH   . TYR A 1 10 ? 1.463   3.125   -13.017 1.00 20.21 ? 90  TYR A OH   1 
ATOM   112 H H    . TYR A 1 10 ? 3.378   4.366   -7.041  1.00 20.64 ? 90  TYR A H    1 
ATOM   113 H HA   . TYR A 1 10 ? 4.482   6.564   -8.146  1.00 20.08 ? 90  TYR A HA   1 
ATOM   114 H HB2  . TYR A 1 10 ? 1.677   6.520   -8.045  1.00 21.70 ? 90  TYR A HB2  1 
ATOM   115 H HB3  . TYR A 1 10 ? 2.594   7.428   -8.967  1.00 21.70 ? 90  TYR A HB3  1 
ATOM   116 H HD1  . TYR A 1 10 ? 3.647   6.325   -10.983 1.00 23.03 ? 90  TYR A HD1  1 
ATOM   117 H HD2  . TYR A 1 10 ? 0.656   4.609   -8.978  1.00 21.56 ? 90  TYR A HD2  1 
ATOM   118 H HE1  . TYR A 1 10 ? 3.234   4.929   -12.788 1.00 23.14 ? 90  TYR A HE1  1 
ATOM   119 H HE2  . TYR A 1 10 ? 0.242   3.219   -10.769 1.00 22.15 ? 90  TYR A HE2  1 
ATOM   120 H HH   . TYR A 1 10 ? 0.815   2.618   -12.848 1.00 24.25 ? 90  TYR A HH   1 
ATOM   121 N N    . ASP A 1 11 ? 3.755   7.969   -6.171  1.00 16.76 ? 91  ASP A N    1 
ATOM   122 C CA   . ASP A 1 11 ? 3.381   8.631   -4.930  1.00 16.48 ? 91  ASP A CA   1 
ATOM   123 C C    . ASP A 1 11 ? 1.858   8.615   -4.763  1.00 16.93 ? 91  ASP A C    1 
ATOM   124 O O    . ASP A 1 11 ? 1.107   8.787   -5.727  1.00 18.29 ? 91  ASP A O    1 
ATOM   125 C CB   . ASP A 1 11 ? 3.835   10.094  -4.933  1.00 18.51 ? 91  ASP A CB   1 
ATOM   126 C CG   . ASP A 1 11 ? 5.351   10.265  -4.783  1.00 21.84 ? 91  ASP A CG   1 
ATOM   127 O OD1  . ASP A 1 11 ? 6.071   9.269   -4.745  1.00 20.79 ? 91  ASP A OD1  1 
ATOM   128 O OD2  . ASP A 1 11 ? 5.811   11.421  -4.678  1.00 24.42 ? 91  ASP A OD2  1 
ATOM   129 H H    . ASP A 1 11 ? 4.166   8.471   -6.735  1.00 20.11 ? 91  ASP A H    1 
ATOM   130 H HA   . ASP A 1 11 ? 3.787   8.175   -4.176  1.00 19.78 ? 91  ASP A HA   1 
ATOM   131 H HB2  . ASP A 1 11 ? 3.572   10.502  -5.772  1.00 22.21 ? 91  ASP A HB2  1 
ATOM   132 H HB3  . ASP A 1 11 ? 3.409   10.556  -4.194  1.00 22.21 ? 91  ASP A HB3  1 
ATOM   133 N N    . TYR A 1 12 ? 1.400   8.421   -3.525  1.00 16.75 ? 92  TYR A N    1 
ATOM   134 C CA   . TYR A 1 12 ? -0.031  8.485   -3.218  1.00 15.95 ? 92  TYR A CA   1 
ATOM   135 C C    . TYR A 1 12 ? -0.227  9.295   -1.949  1.00 17.67 ? 92  TYR A C    1 
ATOM   136 O O    . TYR A 1 12 ? 0.159   8.869   -0.867  1.00 17.64 ? 92  TYR A O    1 
ATOM   137 C CB   . TYR A 1 12 ? -0.631  7.085   -3.065  1.00 15.25 ? 92  TYR A CB   1 
ATOM   138 C CG   . TYR A 1 12 ? -2.110  7.130   -2.731  1.00 16.14 ? 92  TYR A CG   1 
ATOM   139 C CD1  . TYR A 1 12 ? -3.025  7.574   -3.656  1.00 17.04 ? 92  TYR A CD1  1 
ATOM   140 C CD2  . TYR A 1 12 ? -2.591  6.747   -1.484  1.00 16.54 ? 92  TYR A CD2  1 
ATOM   141 C CE1  . TYR A 1 12 ? -4.382  7.659   -3.346  1.00 17.26 ? 92  TYR A CE1  1 
ATOM   142 C CE2  . TYR A 1 12 ? -3.963  6.816   -1.178  1.00 15.75 ? 92  TYR A CE2  1 
ATOM   143 C CZ   . TYR A 1 12 ? -4.835  7.273   -2.127  1.00 15.25 ? 92  TYR A CZ   1 
ATOM   144 O OH   . TYR A 1 12 ? -6.192  7.364   -1.852  1.00 16.05 ? 92  TYR A OH   1 
ATOM   145 H H    . TYR A 1 12 ? 1.897   8.251   -2.844  1.00 20.10 ? 92  TYR A H    1 
ATOM   146 H HA   . TYR A 1 12 ? -0.495  8.936   -3.939  1.00 19.15 ? 92  TYR A HA   1 
ATOM   147 H HB2  . TYR A 1 12 ? -0.523  6.599   -3.897  1.00 18.30 ? 92  TYR A HB2  1 
ATOM   148 H HB3  . TYR A 1 12 ? -0.174  6.621   -2.346  1.00 18.30 ? 92  TYR A HB3  1 
ATOM   149 H HD1  . TYR A 1 12 ? -2.731  7.850   -4.494  1.00 20.45 ? 92  TYR A HD1  1 
ATOM   150 H HD2  . TYR A 1 12 ? -1.994  6.443   -0.839  1.00 19.85 ? 92  TYR A HD2  1 
ATOM   151 H HE1  . TYR A 1 12 ? -4.983  7.962   -3.987  1.00 20.71 ? 92  TYR A HE1  1 
ATOM   152 H HE2  . TYR A 1 12 ? -4.272  6.560   -0.339  1.00 18.90 ? 92  TYR A HE2  1 
ATOM   153 H HH   . TYR A 1 12 ? -6.346  7.098   -1.070  1.00 19.26 ? 92  TYR A HH   1 
ATOM   154 N N    . GLU A 1 13 ? -0.847  10.467  -2.084  1.00 20.10 ? 93  GLU A N    1 
ATOM   155 C CA   . GLU A 1 13 ? -1.241  11.304  -0.956  1.00 20.61 ? 93  GLU A CA   1 
ATOM   156 C C    . GLU A 1 13 ? -2.762  11.421  -0.950  1.00 20.10 ? 93  GLU A C    1 
ATOM   157 O O    . GLU A 1 13 ? -3.380  11.776  -1.958  1.00 22.66 ? 93  GLU A O    1 
ATOM   158 C CB   . GLU A 1 13 ? -0.569  12.679  -1.015  1.00 25.97 ? 93  GLU A CB   1 
ATOM   159 C CG   . GLU A 1 13 ? -0.939  13.641  0.119   1.00 31.23 ? 93  GLU A CG   1 
ATOM   160 C CD   . GLU A 1 13 ? -0.582  13.155  1.530   1.00 34.62 ? 93  GLU A CD   1 
ATOM   161 O OE1  . GLU A 1 13 ? 0.500   12.566  1.708   1.00 35.26 ? 93  GLU A OE1  1 
ATOM   162 O OE2  . GLU A 1 13 ? -1.414  13.371  2.466   1.00 36.29 ? 93  GLU A OE2  1 
ATOM   163 H H    . GLU A 1 13 ? -1.055  10.808  -2.846  1.00 24.12 ? 93  GLU A H    1 
ATOM   164 H HA   . GLU A 1 13 ? -0.971  10.873  -0.131  1.00 24.73 ? 93  GLU A HA   1 
ATOM   165 H HB2  . GLU A 1 13 ? 0.392   12.553  -0.987  1.00 31.16 ? 93  GLU A HB2  1 
ATOM   166 H HB3  . GLU A 1 13 ? -0.815  13.106  -1.851  1.00 31.16 ? 93  GLU A HB3  1 
ATOM   167 H HG2  . GLU A 1 13 ? -0.465  14.468  -0.031  1.00 37.47 ? 93  GLU A HG2  1 
ATOM   168 H HG3  . GLU A 1 13 ? -1.894  13.802  0.094   1.00 37.47 ? 93  GLU A HG3  1 
ATOM   169 N N    . SER A 1 14 ? -3.361  11.105  0.175   1.00 17.71 ? 94  SER A N    1 
ATOM   170 C CA   . SER A 1 14 ? -4.803  11.110  0.283   1.00 16.33 ? 94  SER A CA   1 
ATOM   171 C C    . SER A 1 14 ? -5.275  12.063  1.359   1.00 15.52 ? 94  SER A C    1 
ATOM   172 O O    . SER A 1 14 ? -4.658  12.193  2.409   1.00 17.37 ? 94  SER A O    1 
ATOM   173 C CB   . SER A 1 14 ? -5.262  9.710   0.640   1.00 16.25 ? 94  SER A CB   1 
ATOM   174 O OG   . SER A 1 14 ? -6.661  9.683   0.805   1.00 17.01 ? 94  SER A OG   1 
ATOM   175 H H    . SER A 1 14 ? -2.953  10.882  0.899   1.00 21.25 ? 94  SER A H    1 
ATOM   176 H HA   . SER A 1 14 ? -5.204  11.365  -0.561  1.00 19.59 ? 94  SER A HA   1 
ATOM   177 H HB2  . SER A 1 14 ? -5.015  9.105   -0.076  1.00 19.50 ? 94  SER A HB2  1 
ATOM   178 H HB3  . SER A 1 14 ? -4.838  9.438   1.469   1.00 19.50 ? 94  SER A HB3  1 
ATOM   179 H HG   . SER A 1 14 ? -6.913  8.905   1.001   1.00 20.42 ? 94  SER A HG   1 
ATOM   180 N N    . TRP A 1 15 ? -6.447  12.662  1.127   1.00 15.19 ? 95  TRP A N    1 
ATOM   181 C CA   . TRP A 1 15 ? -7.077  13.449  2.175   1.00 15.79 ? 95  TRP A CA   1 
ATOM   182 C C    . TRP A 1 15 ? -8.016  12.622  3.055   1.00 14.70 ? 95  TRP A C    1 
ATOM   183 O O    . TRP A 1 15 ? -8.570  13.168  4.000   1.00 16.30 ? 95  TRP A O    1 
ATOM   184 C CB   . TRP A 1 15 ? -7.756  14.695  1.605   1.00 17.37 ? 95  TRP A CB   1 
ATOM   185 C CG   . TRP A 1 15 ? -8.906  14.505  0.651   1.00 18.44 ? 95  TRP A CG   1 
ATOM   186 C CD1  . TRP A 1 15 ? -9.504  13.333  0.272   1.00 19.31 ? 95  TRP A CD1  1 
ATOM   187 C CD2  . TRP A 1 15 ? -9.600  15.545  -0.051  1.00 20.20 ? 95  TRP A CD2  1 
ATOM   188 N NE1  . TRP A 1 15 ? -10.532 13.583  -0.607  1.00 20.10 ? 95  TRP A NE1  1 
ATOM   189 C CE2  . TRP A 1 15 ? -10.620 14.929  -0.814  1.00 21.08 ? 95  TRP A CE2  1 
ATOM   190 C CE3  . TRP A 1 15 ? -9.475  16.939  -0.092  1.00 21.69 ? 95  TRP A CE3  1 
ATOM   191 C CZ2  . TRP A 1 15 ? -11.495 15.649  -1.622  1.00 22.57 ? 95  TRP A CZ2  1 
ATOM   192 C CZ3  . TRP A 1 15 ? -10.340 17.656  -0.884  1.00 22.61 ? 95  TRP A CZ3  1 
ATOM   193 C CH2  . TRP A 1 15 ? -11.348 17.009  -1.637  1.00 21.74 ? 95  TRP A CH2  1 
ATOM   194 H H    . TRP A 1 15 ? -6.885  12.626  0.388   1.00 18.23 ? 95  TRP A H    1 
ATOM   195 H HA   . TRP A 1 15 ? -6.374  13.773  2.760   1.00 18.95 ? 95  TRP A HA   1 
ATOM   196 H HB2  . TRP A 1 15 ? -8.094  15.216  2.351   1.00 20.84 ? 95  TRP A HB2  1 
ATOM   197 H HB3  . TRP A 1 15 ? -7.084  15.213  1.140   1.00 20.84 ? 95  TRP A HB3  1 
ATOM   198 H HD1  . TRP A 1 15 ? -9.257  12.489  0.575   1.00 23.18 ? 95  TRP A HD1  1 
ATOM   199 H HE1  . TRP A 1 15 ? -11.040 12.988  -0.964  1.00 24.12 ? 95  TRP A HE1  1 
ATOM   200 H HE3  . TRP A 1 15 ? -8.825  17.373  0.413   1.00 26.02 ? 95  TRP A HE3  1 
ATOM   201 H HZ2  . TRP A 1 15 ? -12.152 15.226  -2.126  1.00 27.08 ? 95  TRP A HZ2  1 
ATOM   202 H HZ3  . TRP A 1 15 ? -10.268 18.583  -0.918  1.00 27.14 ? 95  TRP A HZ3  1 
ATOM   203 H HH2  . TRP A 1 15 ? -11.912 17.520  -2.172  1.00 26.09 ? 95  TRP A HH2  1 
ATOM   204 N N    . ILE A 1 16 ? -8.133  11.320  2.811   1.00 14.50 ? 96  ILE A N    1 
ATOM   205 C CA   . ILE A 1 16 ? -8.878  10.404  3.666   1.00 14.16 ? 96  ILE A CA   1 
ATOM   206 C C    . ILE A 1 16 ? -7.897  9.794   4.651   1.00 14.60 ? 96  ILE A C    1 
ATOM   207 O O    . ILE A 1 16 ? -6.955  9.104   4.257   1.00 15.00 ? 96  ILE A O    1 
ATOM   208 C CB   . ILE A 1 16 ? -9.553  9.292   2.836   1.00 15.21 ? 96  ILE A CB   1 
ATOM   209 C CG1  . ILE A 1 16 ? -10.335 9.861   1.647   1.00 17.75 ? 96  ILE A CG1  1 
ATOM   210 C CG2  . ILE A 1 16 ? -10.418 8.423   3.759   1.00 15.79 ? 96  ILE A CG2  1 
ATOM   211 C CD1  . ILE A 1 16 ? -11.341 10.834  2.053   1.00 17.13 ? 96  ILE A CD1  1 
ATOM   212 H H    . ILE A 1 16 ? -7.778  10.932  2.131   1.00 17.40 ? 96  ILE A H    1 
ATOM   213 H HA   . ILE A 1 16 ? -9.559  10.891  4.146   1.00 16.99 ? 96  ILE A HA   1 
ATOM   214 H HB   . ILE A 1 16 ? -8.849  8.728   2.478   1.00 18.25 ? 96  ILE A HB   1 
ATOM   215 H HG12 . ILE A 1 16 ? -9.719  10.301  1.040   1.00 21.30 ? 96  ILE A HG12 1 
ATOM   216 H HG13 . ILE A 1 16 ? -10.787 9.135   1.191   1.00 21.30 ? 96  ILE A HG13 1 
ATOM   217 H HG21 . ILE A 1 16 ? -10.967 7.838   3.215   1.00 18.95 ? 96  ILE A HG21 1 
ATOM   218 H HG22 . ILE A 1 16 ? -9.840  7.895   4.332   1.00 18.95 ? 96  ILE A HG22 1 
ATOM   219 H HG23 . ILE A 1 16 ? -10.982 8.999   4.298   1.00 18.95 ? 96  ILE A HG23 1 
ATOM   220 H HD11 . ILE A 1 16 ? -11.888 11.058  1.284   1.00 20.55 ? 96  ILE A HD11 1 
ATOM   221 H HD12 . ILE A 1 16 ? -11.895 10.448  2.749   1.00 20.55 ? 96  ILE A HD12 1 
ATOM   222 H HD13 . ILE A 1 16 ? -10.898 11.631  2.385   1.00 20.55 ? 96  ILE A HD13 1 
ATOM   223 N N    . GLU A 1 17 ? -8.097  10.059  5.929   1.00 15.38 ? 97  GLU A N    1 
ATOM   224 C CA   . GLU A 1 17 ? -7.075  9.719   6.920   1.00 17.67 ? 97  GLU A CA   1 
ATOM   225 C C    . GLU A 1 17 ? -6.975  8.233   7.208   1.00 15.40 ? 97  GLU A C    1 
ATOM   226 O O    . GLU A 1 17 ? -5.940  7.801   7.728   1.00 17.54 ? 97  GLU A O    1 
ATOM   227 C CB   . GLU A 1 17 ? -7.291  10.531  8.189   1.00 20.57 ? 97  GLU A CB   1 
ATOM   228 C CG   . GLU A 1 17 ? -7.132  12.031  7.891   1.00 22.96 ? 97  GLU A CG   1 
ATOM   229 C CD   . GLU A 1 17 ? -7.326  12.933  9.098   1.00 27.40 ? 97  GLU A CD   1 
ATOM   230 O OE1  . GLU A 1 17 ? -7.444  12.411  10.236  1.00 30.19 ? 97  GLU A OE1  1 
ATOM   231 O OE2  . GLU A 1 17 ? -7.361  14.167  8.888   1.00 28.05 ? 97  GLU A OE2  1 
ATOM   232 H H    . GLU A 1 17 ? -8.793  10.420  6.255   1.00 18.46 ? 97  GLU A H    1 
ATOM   233 H HA   . GLU A 1 17 ? -6.216  9.989   6.560   1.00 21.20 ? 97  GLU A HA   1 
ATOM   234 H HB2  . GLU A 1 17 ? -8.188  10.377  8.524   1.00 24.68 ? 97  GLU A HB2  1 
ATOM   235 H HB3  . GLU A 1 17 ? -6.631  10.277  8.854   1.00 24.68 ? 97  GLU A HB3  1 
ATOM   236 H HG2  . GLU A 1 17 ? -6.238  12.187  7.548   1.00 27.56 ? 97  GLU A HG2  1 
ATOM   237 H HG3  . GLU A 1 17 ? -7.788  12.288  7.225   1.00 27.56 ? 97  GLU A HG3  1 
ATOM   238 N N    . THR A 1 18 ? -7.979  7.435   6.867   1.00 14.10 ? 98  THR A N    1 
ATOM   239 C CA   . THR A 1 18 ? -7.875  5.987   6.952   1.00 14.85 ? 98  THR A CA   1 
ATOM   240 C C    . THR A 1 18 ? -7.218  5.375   5.732   1.00 14.68 ? 98  THR A C    1 
ATOM   241 O O    . THR A 1 18 ? -7.045  4.148   5.701   1.00 15.45 ? 98  THR A O    1 
ATOM   242 C CB   . THR A 1 18 ? -9.264  5.368   7.148   1.00 16.55 ? 98  THR A CB   1 
ATOM   243 O OG1  . THR A 1 18 ? -10.195 5.989   6.254   1.00 15.26 ? 98  THR A OG1  1 
ATOM   244 C CG2  . THR A 1 18 ? -9.769  5.550   8.580   1.00 18.29 ? 98  THR A CG2  1 
ATOM   245 H H    . THR A 1 18 ? -8.740  7.713   6.579   1.00 16.92 ? 98  THR A H    1 
ATOM   246 H HA   . THR A 1 18 ? -7.336  5.757   7.726   1.00 17.83 ? 98  THR A HA   1 
ATOM   247 H HB   . THR A 1 18 ? -9.221  4.418   6.958   1.00 19.86 ? 98  THR A HB   1 
ATOM   248 H HG1  . THR A 1 18 ? -10.974 5.721   6.420   1.00 18.31 ? 98  THR A HG1  1 
ATOM   249 H HG21 . THR A 1 18 ? -10.648 5.150   8.675   1.00 21.95 ? 98  THR A HG21 1 
ATOM   250 H HG22 . THR A 1 18 ? -9.160  5.124   9.203   1.00 21.95 ? 98  THR A HG22 1 
ATOM   251 H HG23 . THR A 1 18 ? -9.828  6.495   8.794   1.00 21.95 ? 98  THR A HG23 1 
ATOM   252 N N    . ASP A 1 19 ? -6.882  6.176   4.725   1.00 14.72 ? 99  ASP A N    1 
ATOM   253 C CA   . ASP A 1 19 ? -6.018  5.700   3.657   1.00 14.88 ? 99  ASP A CA   1 
ATOM   254 C C    . ASP A 1 19 ? -4.584  5.683   4.152   1.00 16.24 ? 99  ASP A C    1 
ATOM   255 O O    . ASP A 1 19 ? -4.191  6.443   5.027   1.00 17.65 ? 99  ASP A O    1 
ATOM   256 C CB   . ASP A 1 19 ? -6.074  6.610   2.433   1.00 13.56 ? 99  ASP A CB   1 
ATOM   257 C CG   . ASP A 1 19 ? -7.315  6.433   1.616   1.00 13.49 ? 99  ASP A CG   1 
ATOM   258 O OD1  . ASP A 1 19 ? -8.186  5.600   1.957   1.00 15.49 ? 99  ASP A OD1  1 
ATOM   259 O OD2  . ASP A 1 19 ? -7.418  7.160   0.583   1.00 14.45 ? 99  ASP A OD2  1 
ATOM   260 H H    . ASP A 1 19 ? -7.141  6.991   4.637   1.00 17.66 ? 99  ASP A H    1 
ATOM   261 H HA   . ASP A 1 19 ? -6.274  4.801   3.396   1.00 17.85 ? 99  ASP A HA   1 
ATOM   262 H HB2  . ASP A 1 19 ? -6.037  7.534   2.725   1.00 16.28 ? 99  ASP A HB2  1 
ATOM   263 H HB3  . ASP A 1 19 ? -5.314  6.416   1.864   1.00 16.28 ? 99  ASP A HB3  1 
ATOM   264 N N    . LEU A 1 20 ? -3.804  4.808   3.569   1.00 15.66 ? 100 LEU A N    1 
ATOM   265 C CA   . LEU A 1 20 ? -2.363  4.824   3.725   1.00 17.63 ? 100 LEU A CA   1 
ATOM   266 C C    . LEU A 1 20 ? -1.795  5.658   2.594   1.00 18.93 ? 100 LEU A C    1 
ATOM   267 O O    . LEU A 1 20 ? -2.009  5.349   1.422   1.00 20.48 ? 100 LEU A O    1 
ATOM   268 C CB   . LEU A 1 20 ? -1.892  3.377   3.667   1.00 20.25 ? 100 LEU A CB   1 
ATOM   269 C CG   . LEU A 1 20 ? -0.442  3.038   3.778   1.00 21.14 ? 100 LEU A CG   1 
ATOM   270 C CD1  . LEU A 1 20 ? 0.133   3.614   5.059   1.00 21.65 ? 100 LEU A CD1  1 
ATOM   271 C CD2  . LEU A 1 20 ? -0.246  1.535   3.738   1.00 22.01 ? 100 LEU A CD2  1 
ATOM   272 H H    . LEU A 1 20 ? -4.088  4.174   3.062   1.00 18.79 ? 100 LEU A H    1 
ATOM   273 H HA   . LEU A 1 20 ? -2.115  5.215   4.578   1.00 21.16 ? 100 LEU A HA   1 
ATOM   274 H HB2  . LEU A 1 20 ? -2.337  2.900   4.385   1.00 24.30 ? 100 LEU A HB2  1 
ATOM   275 H HB3  . LEU A 1 20 ? -2.193  3.011   2.822   1.00 24.30 ? 100 LEU A HB3  1 
ATOM   276 H HG   . LEU A 1 20 ? 0.036   3.427   3.028   1.00 25.37 ? 100 LEU A HG   1 
ATOM   277 H HD11 . LEU A 1 20 ? -0.390  3.294   5.811   1.00 25.98 ? 100 LEU A HD11 1 
ATOM   278 H HD12 . LEU A 1 20 ? 1.054   3.324   5.149   1.00 25.98 ? 100 LEU A HD12 1 
ATOM   279 H HD13 . LEU A 1 20 ? 0.094   4.582   5.016   1.00 25.98 ? 100 LEU A HD13 1 
ATOM   280 H HD21 . LEU A 1 20 ? -0.592  1.193   2.898   1.00 26.41 ? 100 LEU A HD21 1 
ATOM   281 H HD22 . LEU A 1 20 ? 0.701   1.339   3.810   1.00 26.41 ? 100 LEU A HD22 1 
ATOM   282 H HD23 . LEU A 1 20 ? -0.725  1.135   4.481   1.00 26.41 ? 100 LEU A HD23 1 
ATOM   283 N N    . SER A 1 21 ? -1.126  6.741   2.929   1.00 18.75 ? 101 SER A N    1 
ATOM   284 C CA   . SER A 1 21 ? -0.370  7.491   1.933   1.00 19.57 ? 101 SER A CA   1 
ATOM   285 C C    . SER A 1 21 ? 1.055   6.943   1.901   1.00 20.12 ? 101 SER A C    1 
ATOM   286 O O    . SER A 1 21 ? 1.535   6.363   2.883   1.00 21.72 ? 101 SER A O    1 
ATOM   287 C CB   . SER A 1 21 ? -0.379  8.993   2.264   1.00 22.32 ? 101 SER A CB   1 
ATOM   288 O OG   . SER A 1 21 ? -1.710  9.544   2.150   1.00 22.51 ? 101 SER A OG   1 
ATOM   289 H H    . SER A 1 21 ? -1.088  7.068   3.723   1.00 22.50 ? 101 SER A H    1 
ATOM   290 H HA   . SER A 1 21 ? -0.768  7.368   1.057   1.00 23.48 ? 101 SER A HA   1 
ATOM   291 H HB2  . SER A 1 21 ? -0.064  9.117   3.173   1.00 26.79 ? 101 SER A HB2  1 
ATOM   292 H HB3  . SER A 1 21 ? 0.207   9.455   1.644   1.00 26.79 ? 101 SER A HB3  1 
ATOM   293 H HG   . SER A 1 21 ? -1.701  10.360  2.353   1.00 27.01 ? 101 SER A HG   1 
ATOM   294 N N    . PHE A 1 22 ? 1.718   7.078   0.750   1.00 18.73 ? 102 PHE A N    1 
ATOM   295 C CA   . PHE A 1 22 ? 3.007   6.412   0.590   1.00 18.28 ? 102 PHE A CA   1 
ATOM   296 C C    . PHE A 1 22 ? 3.777   7.029   -0.558  1.00 17.82 ? 102 PHE A C    1 
ATOM   297 O O    . PHE A 1 22 ? 3.249   7.733   -1.414  1.00 18.72 ? 102 PHE A O    1 
ATOM   298 C CB   . PHE A 1 22 ? 2.830   4.892   0.403   1.00 18.36 ? 102 PHE A CB   1 
ATOM   299 C CG   . PHE A 1 22 ? 1.870   4.515   -0.683  1.00 15.49 ? 102 PHE A CG   1 
ATOM   300 C CD1  . PHE A 1 22 ? 2.254   4.552   -2.020  1.00 15.43 ? 102 PHE A CD1  1 
ATOM   301 C CD2  . PHE A 1 22 ? 0.587   4.113   -0.381  1.00 15.57 ? 102 PHE A CD2  1 
ATOM   302 C CE1  . PHE A 1 22 ? 1.391   4.207   -3.023  1.00 15.40 ? 102 PHE A CE1  1 
ATOM   303 C CE2  . PHE A 1 22 ? -0.281  3.767   -1.373  1.00 14.58 ? 102 PHE A CE2  1 
ATOM   304 C CZ   . PHE A 1 22 ? 0.113   3.810   -2.703  1.00 15.07 ? 102 PHE A CZ   1 
ATOM   305 H H    . PHE A 1 22 ? 1.453   7.533   0.070   1.00 22.47 ? 102 PHE A H    1 
ATOM   306 H HA   . PHE A 1 22 ? 3.528   6.549   1.396   1.00 21.94 ? 102 PHE A HA   1 
ATOM   307 H HB2  . PHE A 1 22 ? 3.691   4.503   0.184   1.00 22.03 ? 102 PHE A HB2  1 
ATOM   308 H HB3  . PHE A 1 22 ? 2.501   4.512   1.233   1.00 22.03 ? 102 PHE A HB3  1 
ATOM   309 H HD1  . PHE A 1 22 ? 3.118   4.820   -2.237  1.00 18.52 ? 102 PHE A HD1  1 
ATOM   310 H HD2  . PHE A 1 22 ? 0.310   4.079   0.507   1.00 18.68 ? 102 PHE A HD2  1 
ATOM   311 H HE1  . PHE A 1 22 ? 1.664   4.239   -3.912  1.00 18.48 ? 102 PHE A HE1  1 
ATOM   312 H HE2  . PHE A 1 22 ? -1.145  3.499   -1.157  1.00 17.49 ? 102 PHE A HE2  1 
ATOM   313 H HZ   . PHE A 1 22 ? -0.485  3.574   -3.375  1.00 18.09 ? 102 PHE A HZ   1 
ATOM   314 N N    . LYS A 1 23 ? 5.077   6.727   -0.562  1.00 18.60 ? 103 LYS A N    1 
ATOM   315 C CA   . LYS A 1 23 ? 6.031   7.244   -1.535  1.00 18.25 ? 103 LYS A CA   1 
ATOM   316 C C    . LYS A 1 23 ? 6.326   6.177   -2.571  1.00 16.05 ? 103 LYS A C    1 
ATOM   317 O O    . LYS A 1 23 ? 6.418   4.990   -2.253  1.00 17.41 ? 103 LYS A O    1 
ATOM   318 C CB   . LYS A 1 23 ? 7.331   7.600   -0.817  1.00 19.87 ? 103 LYS A CB   1 
ATOM   319 C CG   . LYS A 1 23 ? 8.376   8.263   -1.694  1.00 21.41 ? 103 LYS A CG   1 
ATOM   320 C CD   . LYS A 1 23 ? 7.917   9.654   -2.073  1.00 23.26 ? 103 LYS A CD   1 
ATOM   321 C CE   . LYS A 1 23 ? 8.995   10.412  -2.795  1.00 27.28 ? 103 LYS A CE   1 
ATOM   322 N NZ   . LYS A 1 23 ? 8.470   11.769  -3.114  1.00 32.45 ? 103 LYS A NZ   1 
ATOM   323 H H    . LYS A 1 23 ? 5.439   6.202   0.014   1.00 22.32 ? 103 LYS A H    1 
ATOM   324 H HA   . LYS A 1 23 ? 5.673   8.031   -1.974  1.00 21.90 ? 103 LYS A HA   1 
ATOM   325 H HB2  . LYS A 1 23 ? 7.128   8.209   -0.090  1.00 23.85 ? 103 LYS A HB2  1 
ATOM   326 H HB3  . LYS A 1 23 ? 7.720   6.786   -0.460  1.00 23.85 ? 103 LYS A HB3  1 
ATOM   327 H HG2  . LYS A 1 23 ? 9.213   8.336   -1.212  1.00 25.69 ? 103 LYS A HG2  1 
ATOM   328 H HG3  . LYS A 1 23 ? 8.499   7.748   -2.506  1.00 25.69 ? 103 LYS A HG3  1 
ATOM   329 H HD2  . LYS A 1 23 ? 7.147   9.591   -2.658  1.00 27.91 ? 103 LYS A HD2  1 
ATOM   330 H HD3  . LYS A 1 23 ? 7.688   10.145  -1.269  1.00 27.91 ? 103 LYS A HD3  1 
ATOM   331 H HE2  . LYS A 1 23 ? 9.775   10.504  -2.225  1.00 32.74 ? 103 LYS A HE2  1 
ATOM   332 H HE3  . LYS A 1 23 ? 9.220   9.959   -3.622  1.00 32.74 ? 103 LYS A HE3  1 
ATOM   333 H HZ1  . LYS A 1 23 ? 9.090   12.241  -3.544  1.00 38.94 ? 103 LYS A HZ1  1 
ATOM   334 H HZ2  . LYS A 1 23 ? 7.748   11.701  -3.631  1.00 38.94 ? 103 LYS A HZ2  1 
ATOM   335 H HZ3  . LYS A 1 23 ? 8.249   12.194  -2.364  1.00 38.94 ? 103 LYS A HZ3  1 
ATOM   336 N N    . LYS A 1 24 ? 6.465   6.594   -3.823  1.00 15.84 ? 104 LYS A N    1 
ATOM   337 C CA   . LYS A 1 24 ? 6.971   5.702   -4.848  1.00 16.04 ? 104 LYS A CA   1 
ATOM   338 C C    . LYS A 1 24 ? 8.242   5.008   -4.367  1.00 15.59 ? 104 LYS A C    1 
ATOM   339 O O    . LYS A 1 24 ? 9.189   5.660   -3.910  1.00 16.36 ? 104 LYS A O    1 
ATOM   340 C CB   . LYS A 1 24 ? 7.270   6.503   -6.115  1.00 16.69 ? 104 LYS A CB   1 
ATOM   341 C CG   . LYS A 1 24 ? 7.820   5.658   -7.246  1.00 18.57 ? 104 LYS A CG   1 
ATOM   342 C CD   . LYS A 1 24 ? 7.827   6.411   -8.580  1.00 20.89 ? 104 LYS A CD   1 
ATOM   343 C CE   . LYS A 1 24 ? 8.402   5.572   -9.722  1.00 23.95 ? 104 LYS A CE   1 
ATOM   344 N NZ   . LYS A 1 24 ? 9.848   5.357   -9.558  1.00 29.51 ? 104 LYS A NZ   1 
ATOM   345 H H    . LYS A 1 24 ? 6.275   7.385   -4.101  1.00 19.01 ? 104 LYS A H    1 
ATOM   346 H HA   . LYS A 1 24 ? 6.305   5.027   -5.055  1.00 19.24 ? 104 LYS A HA   1 
ATOM   347 H HB2  . LYS A 1 24 ? 6.449   6.917   -6.425  1.00 20.03 ? 104 LYS A HB2  1 
ATOM   348 H HB3  . LYS A 1 24 ? 7.926   7.187   -5.906  1.00 20.03 ? 104 LYS A HB3  1 
ATOM   349 H HG2  . LYS A 1 24 ? 8.734   5.405   -7.039  1.00 22.29 ? 104 LYS A HG2  1 
ATOM   350 H HG3  . LYS A 1 24 ? 7.269   4.866   -7.348  1.00 22.29 ? 104 LYS A HG3  1 
ATOM   351 H HD2  . LYS A 1 24 ? 6.917   6.652   -8.812  1.00 25.07 ? 104 LYS A HD2  1 
ATOM   352 H HD3  . LYS A 1 24 ? 8.371   7.210   -8.490  1.00 25.07 ? 104 LYS A HD3  1 
ATOM   353 H HE2  . LYS A 1 24 ? 7.965   4.706   -9.734  1.00 28.74 ? 104 LYS A HE2  1 
ATOM   354 H HE3  . LYS A 1 24 ? 8.256   6.034   -10.563 1.00 28.74 ? 104 LYS A HE3  1 
ATOM   355 H HZ1  . LYS A 1 24 ? 10.272  6.140   -9.545  1.00 35.41 ? 104 LYS A HZ1  1 
ATOM   356 H HZ2  . LYS A 1 24 ? 10.008  4.929   -8.795  1.00 35.41 ? 104 LYS A HZ2  1 
ATOM   357 H HZ3  . LYS A 1 24 ? 10.161  4.869   -10.233 1.00 35.41 ? 104 LYS A HZ3  1 
ATOM   358 N N    . GLY A 1 25 ? 8.253   3.670   -4.438  1.00 15.03 ? 105 GLY A N    1 
ATOM   359 C CA   . GLY A 1 25 ? 9.356   2.863   -3.977  1.00 14.64 ? 105 GLY A CA   1 
ATOM   360 C C    . GLY A 1 25 ? 9.172   2.268   -2.603  1.00 15.21 ? 105 GLY A C    1 
ATOM   361 O O    . GLY A 1 25 ? 9.915   1.353   -2.221  1.00 16.17 ? 105 GLY A O    1 
ATOM   362 H H    . GLY A 1 25 ? 7.606   3.207   -4.761  1.00 18.03 ? 105 GLY A H    1 
ATOM   363 H HA2  . GLY A 1 25 ? 9.496   2.135   -4.602  1.00 17.57 ? 105 GLY A HA2  1 
ATOM   364 H HA3  . GLY A 1 25 ? 10.159  3.406   -3.961  1.00 17.57 ? 105 GLY A HA3  1 
ATOM   365 N N    . GLU A 1 26 ? 8.221   2.783   -1.833  1.00 15.05 ? 106 GLU A N    1 
ATOM   366 C CA   . GLU A 1 26 ? 7.951   2.239   -0.515  1.00 14.83 ? 106 GLU A CA   1 
ATOM   367 C C    . GLU A 1 26 ? 7.350   0.841   -0.615  1.00 15.83 ? 106 GLU A C    1 
ATOM   368 O O    . GLU A 1 26 ? 6.566   0.544   -1.515  1.00 16.34 ? 106 GLU A O    1 
ATOM   369 C CB   . GLU A 1 26 ? 6.985   3.180   0.199   1.00 16.03 ? 106 GLU A CB   1 
ATOM   370 C CG   . GLU A 1 26 ? 6.681   2.800   1.605   1.00 19.10 ? 106 GLU A CG   1 
ATOM   371 C CD   . GLU A 1 26 ? 5.949   3.919   2.344   1.00 19.46 ? 106 GLU A CD   1 
ATOM   372 O OE1  . GLU A 1 26 ? 6.017   5.109   1.920   1.00 20.88 ? 106 GLU A OE1  1 
ATOM   373 O OE2  . GLU A 1 26 ? 5.329   3.613   3.366   1.00 21.22 ? 106 GLU A OE2  1 
ATOM   374 H H    . GLU A 1 26 ? 7.721   3.448   -2.051  1.00 18.07 ? 106 GLU A H    1 
ATOM   375 H HA   . GLU A 1 26 ? 8.774   2.190   -0.004  1.00 17.79 ? 106 GLU A HA   1 
ATOM   376 H HB2  . GLU A 1 26 ? 7.372   4.068   0.209   1.00 19.23 ? 106 GLU A HB2  1 
ATOM   377 H HB3  . GLU A 1 26 ? 6.147   3.194   -0.290  1.00 19.23 ? 106 GLU A HB3  1 
ATOM   378 H HG2  . GLU A 1 26 ? 6.114   2.013   1.608   1.00 22.92 ? 106 GLU A HG2  1 
ATOM   379 H HG3  . GLU A 1 26 ? 7.511   2.618   2.073   1.00 22.92 ? 106 GLU A HG3  1 
ATOM   380 N N    . ARG A 1 27 ? 7.725   -0.011  0.320   1.00 16.28 ? 107 ARG A N    1 
ATOM   381 C CA   . ARG A 1 27 ? 7.239   -1.370  0.392   1.00 16.77 ? 107 ARG A CA   1 
ATOM   382 C C    . ARG A 1 27 ? 5.988   -1.440  1.258   1.00 16.04 ? 107 ARG A C    1 
ATOM   383 O O    . ARG A 1 27 ? 5.907   -0.844  2.344   1.00 17.45 ? 107 ARG A O    1 
ATOM   384 C CB   . ARG A 1 27 ? 8.326   -2.287  0.957   1.00 18.54 ? 107 ARG A CB   1 
ATOM   385 C CG   . ARG A 1 27 ? 9.558   -2.500  0.089   1.00 19.69 ? 107 ARG A CG   1 
ATOM   386 C CD   . ARG A 1 27 ? 9.207   -2.815  -1.344  1.00 19.63 ? 107 ARG A CD   1 
ATOM   387 N NE   . ARG A 1 27 ? 10.344  -3.477  -1.992  1.00 19.65 ? 107 ARG A NE   1 
ATOM   388 C CZ   . ARG A 1 27 ? 11.469  -2.886  -2.355  1.00 17.84 ? 107 ARG A CZ   1 
ATOM   389 N NH1  . ARG A 1 27 ? 11.675  -1.604  -2.155  1.00 17.09 ? 107 ARG A NH1  1 
ATOM   390 N NH2  . ARG A 1 27 ? 12.416  -3.606  -2.941  1.00 18.39 ? 107 ARG A NH2  1 
ATOM   391 H H    . ARG A 1 27 ? 8.282   0.184   0.946   1.00 19.54 ? 107 ARG A H    1 
ATOM   392 H HA   . ARG A 1 27 ? 7.007   -1.672  -0.498  1.00 20.12 ? 107 ARG A HA   1 
ATOM   393 H HB2  . ARG A 1 27 ? 8.629   -1.914  1.799   1.00 22.25 ? 107 ARG A HB2  1 
ATOM   394 H HB3  . ARG A 1 27 ? 7.933   -3.159  1.116   1.00 22.25 ? 107 ARG A HB3  1 
ATOM   395 H HG2  . ARG A 1 27 ? 10.095  -1.692  0.097   1.00 23.63 ? 107 ARG A HG2  1 
ATOM   396 H HG3  . ARG A 1 27 ? 10.071  -3.243  0.443   1.00 23.63 ? 107 ARG A HG3  1 
ATOM   397 H HD2  . ARG A 1 27 ? 8.444   -3.413  -1.370  1.00 23.56 ? 107 ARG A HD2  1 
ATOM   398 H HD3  . ARG A 1 27 ? 9.013   -1.993  -1.821  1.00 23.56 ? 107 ARG A HD3  1 
ATOM   399 H HE   . ARG A 1 27 ? 10.288  -4.327  -2.116  1.00 23.58 ? 107 ARG A HE   1 
ATOM   400 H HH11 . ARG A 1 27 ? 11.071  -1.124  -1.777  1.00 20.51 ? 107 ARG A HH11 1 
ATOM   401 H HH12 . ARG A 1 27 ? 12.417  -1.245  -2.401  1.00 20.51 ? 107 ARG A HH12 1 
ATOM   402 H HH21 . ARG A 1 27 ? 12.294  -4.446  -3.079  1.00 22.06 ? 107 ARG A HH21 1 
ATOM   403 H HH22 . ARG A 1 27 ? 13.152  -3.234  -3.181  1.00 22.06 ? 107 ARG A HH22 1 
ATOM   404 N N    . LEU A 1 28 ? 5.024   -2.215  0.785   1.00 14.89 ? 108 LEU A N    1 
ATOM   405 C CA   . LEU A 1 28 ? 3.725   -2.372  1.411   1.00 15.08 ? 108 LEU A CA   1 
ATOM   406 C C    . LEU A 1 28 ? 3.356   -3.840  1.356   1.00 15.13 ? 108 LEU A C    1 
ATOM   407 O O    . LEU A 1 28 ? 3.927   -4.616  0.589   1.00 15.50 ? 108 LEU A O    1 
ATOM   408 C CB   . LEU A 1 28 ? 2.649   -1.584  0.662   1.00 18.11 ? 108 LEU A CB   1 
ATOM   409 C CG   . LEU A 1 28 ? 2.955   -0.121  0.388   1.00 21.06 ? 108 LEU A CG   1 
ATOM   410 C CD1  . LEU A 1 28 ? 1.904   0.473   -0.489  1.00 23.22 ? 108 LEU A CD1  1 
ATOM   411 C CD2  . LEU A 1 28 ? 3.041   0.652   1.652   1.00 24.88 ? 108 LEU A CD2  1 
ATOM   412 H H    . LEU A 1 28 ? 5.106   -2.682  0.068   1.00 17.87 ? 108 LEU A H    1 
ATOM   413 H HA   . LEU A 1 28 ? 3.755   -2.080  2.336   1.00 18.10 ? 108 LEU A HA   1 
ATOM   414 H HB2  . LEU A 1 28 ? 2.500   -2.012  -0.196  1.00 21.73 ? 108 LEU A HB2  1 
ATOM   415 H HB3  . LEU A 1 28 ? 1.831   -1.615  1.182   1.00 21.73 ? 108 LEU A HB3  1 
ATOM   416 H HG   . LEU A 1 28 ? 3.807   -0.052  -0.070  1.00 25.28 ? 108 LEU A HG   1 
ATOM   417 H HD11 . LEU A 1 28 ? 2.142   1.392   -0.690  1.00 27.87 ? 108 LEU A HD11 1 
ATOM   418 H HD12 . LEU A 1 28 ? 1.852   -0.043  -1.309  1.00 27.87 ? 108 LEU A HD12 1 
ATOM   419 H HD13 . LEU A 1 28 ? 1.052   0.444   -0.026  1.00 27.87 ? 108 LEU A HD13 1 
ATOM   420 H HD21 . LEU A 1 28 ? 3.076   1.598   1.441   1.00 29.86 ? 108 LEU A HD21 1 
ATOM   421 H HD22 . LEU A 1 28 ? 2.259   0.461   2.192   1.00 29.86 ? 108 LEU A HD22 1 
ATOM   422 H HD23 . LEU A 1 28 ? 3.843   0.391   2.128   1.00 29.86 ? 108 LEU A HD23 1 
ATOM   423 N N    . GLN A 1 29 ? 2.368   -4.221  2.176   1.00 14.93 ? 109 GLN A N    1 
ATOM   424 C CA   . GLN A 1 29 ? 1.891   -5.586  2.221   1.00 15.77 ? 109 GLN A CA   1 
ATOM   425 C C    . GLN A 1 29 ? 0.371   -5.551  2.328   1.00 16.07 ? 109 GLN A C    1 
ATOM   426 O O    . GLN A 1 29 ? -0.185  -4.612  2.889   1.00 16.32 ? 109 GLN A O    1 
ATOM   427 C CB   . GLN A 1 29 ? 2.411   -6.379  3.434   1.00 19.88 ? 109 GLN A CB   1 
ATOM   428 C CG   . GLN A 1 29 ? 3.674   -5.973  4.022   1.00 25.13 ? 109 GLN A CG   1 
ATOM   429 C CD   . GLN A 1 29 ? 3.856   -6.647  5.373   1.00 24.78 ? 109 GLN A CD   1 
ATOM   430 O OE1  . GLN A 1 29 ? 3.600   -6.056  6.432   1.00 23.98 ? 109 GLN A OE1  1 
ATOM   431 N NE2  . GLN A 1 29 ? 4.281   -7.893  5.339   1.00 23.93 ? 109 GLN A NE2  1 
ATOM   432 H H    . GLN A 1 29 ? 1.961   -3.692  2.719   1.00 17.92 ? 109 GLN A H    1 
ATOM   433 H HA   . GLN A 1 29 ? 2.139   -6.053  1.408   1.00 18.92 ? 109 GLN A HA   1 
ATOM   434 H HB2  . GLN A 1 29 ? 1.743   -6.322  4.135   1.00 23.85 ? 109 GLN A HB2  1 
ATOM   435 H HB3  . GLN A 1 29 ? 2.509   -7.306  3.165   1.00 23.85 ? 109 GLN A HB3  1 
ATOM   436 H HG2  . GLN A 1 29 ? 4.403   -6.242  3.442   1.00 30.16 ? 109 GLN A HG2  1 
ATOM   437 H HG3  . GLN A 1 29 ? 3.682   -5.013  4.158   1.00 30.16 ? 109 GLN A HG3  1 
ATOM   438 H HE21 . GLN A 1 29 ? 4.446   -8.270  4.585   1.00 28.72 ? 109 GLN A HE21 1 
ATOM   439 H HE22 . GLN A 1 29 ? 4.401   -8.326  6.072   1.00 28.72 ? 109 GLN A HE22 1 
ATOM   440 N N    . ILE A 1 30 ? -0.281  -6.577  1.843   1.00 16.44 ? 110 ILE A N    1 
ATOM   441 C CA   . ILE A 1 30 ? -1.733  -6.640  1.942   1.00 17.68 ? 110 ILE A CA   1 
ATOM   442 C C    . ILE A 1 30 ? -2.179  -7.327  3.232   1.00 15.18 ? 110 ILE A C    1 
ATOM   443 O O    . ILE A 1 30 ? -1.617  -8.320  3.672   1.00 15.77 ? 110 ILE A O    1 
ATOM   444 C CB   . ILE A 1 30 ? -2.374  -7.296  0.706   1.00 22.47 ? 110 ILE A CB   1 
ATOM   445 C CG1  . ILE A 1 30 ? -1.946  -8.751  0.581   1.00 25.84 ? 110 ILE A CG1  1 
ATOM   446 C CG2  . ILE A 1 30 ? -2.037  -6.537  -0.593  1.00 24.88 ? 110 ILE A CG2  1 
ATOM   447 C CD1  . ILE A 1 30 ? -3.023  -9.636  -0.053  1.00 28.64 ? 110 ILE A CD1  1 
ATOM   448 H H    . ILE A 1 30 ? 0.082   -7.252  1.453   1.00 19.73 ? 110 ILE A H    1 
ATOM   449 H HA   . ILE A 1 30 ? -2.071  -5.731  1.978   1.00 21.22 ? 110 ILE A HA   1 
ATOM   450 H HB   . ILE A 1 30 ? -3.336  -7.276  0.822   1.00 26.96 ? 110 ILE A HB   1 
ATOM   451 H HG12 . ILE A 1 30 ? -1.158  -8.796  0.016   1.00 31.00 ? 110 ILE A HG12 1 
ATOM   452 H HG13 . ILE A 1 30 ? -1.742  -9.117  1.454   1.00 31.00 ? 110 ILE A HG13 1 
ATOM   453 H HG21 . ILE A 1 30 ? -2.467  -6.984  -1.340  1.00 29.85 ? 110 ILE A HG21 1 
ATOM   454 H HG22 . ILE A 1 30 ? -2.363  -5.626  -0.520  1.00 29.85 ? 110 ILE A HG22 1 
ATOM   455 H HG23 . ILE A 1 30 ? -1.075  -6.535  -0.717  1.00 29.85 ? 110 ILE A HG23 1 
ATOM   456 H HD11 . ILE A 1 30 ? -2.660  -10.525 -0.195  1.00 34.37 ? 110 ILE A HD11 1 
ATOM   457 H HD12 . ILE A 1 30 ? -3.780  -9.679  0.550   1.00 34.37 ? 110 ILE A HD12 1 
ATOM   458 H HD13 . ILE A 1 30 ? -3.294  -9.249  -0.899  1.00 34.37 ? 110 ILE A HD13 1 
ATOM   459 N N    . VAL A 1 31 ? -3.232  -6.791  3.829   1.00 13.94 ? 111 VAL A N    1 
ATOM   460 C CA   . VAL A 1 31 ? -3.766  -7.350  5.069   1.00 15.27 ? 111 VAL A CA   1 
ATOM   461 C C    . VAL A 1 31 ? -4.789  -8.449  4.814   1.00 16.12 ? 111 VAL A C    1 
ATOM   462 O O    . VAL A 1 31 ? -4.808  -9.455  5.528   1.00 17.44 ? 111 VAL A O    1 
ATOM   463 C CB   . VAL A 1 31 ? -4.362  -6.208  5.916   1.00 16.07 ? 111 VAL A CB   1 
ATOM   464 C CG1  . VAL A 1 31 ? -5.051  -6.775  7.133   1.00 17.22 ? 111 VAL A CG1  1 
ATOM   465 C CG2  . VAL A 1 31 ? -3.276  -5.215  6.291   1.00 16.64 ? 111 VAL A CG2  1 
ATOM   466 H H    . VAL A 1 31 ? -3.659  -6.103  3.540   1.00 16.72 ? 111 VAL A H    1 
ATOM   467 H HA   . VAL A 1 31 ? -3.039  -7.744  5.572   1.00 18.32 ? 111 VAL A HA   1 
ATOM   468 H HB   . VAL A 1 31 ? -5.026  -5.739  5.388   1.00 19.28 ? 111 VAL A HB   1 
ATOM   469 H HG11 . VAL A 1 31 ? -5.166  -6.066  7.785   1.00 20.66 ? 111 VAL A HG11 1 
ATOM   470 H HG12 . VAL A 1 31 ? -5.916  -7.128  6.875   1.00 20.66 ? 111 VAL A HG12 1 
ATOM   471 H HG13 . VAL A 1 31 ? -4.500  -7.481  7.508   1.00 20.66 ? 111 VAL A HG13 1 
ATOM   472 H HG21 . VAL A 1 31 ? -3.670  -4.502  6.818   1.00 19.97 ? 111 VAL A HG21 1 
ATOM   473 H HG22 . VAL A 1 31 ? -2.595  -5.671  6.810   1.00 19.97 ? 111 VAL A HG22 1 
ATOM   474 H HG23 . VAL A 1 31 ? -2.886  -4.850  5.481   1.00 19.97 ? 111 VAL A HG23 1 
ATOM   475 N N    . ASN A 1 32 ? -5.620  -8.308  3.795   1.00 16.04 ? 112 ASN A N    1 
ATOM   476 C CA   . ASN A 1 32 ? -6.695  -9.264  3.547   1.00 16.26 ? 112 ASN A CA   1 
ATOM   477 C C    . ASN A 1 32 ? -6.366  -10.168 2.369   1.00 17.44 ? 112 ASN A C    1 
ATOM   478 O O    . ASN A 1 32 ? -5.998  -11.324 2.557   1.00 20.64 ? 112 ASN A O    1 
ATOM   479 C CB   . ASN A 1 32 ? -8.038  -8.544  3.316   1.00 16.47 ? 112 ASN A CB   1 
ATOM   480 C CG   . ASN A 1 32 ? -8.510  -7.817  4.548   1.00 16.40 ? 112 ASN A CG   1 
ATOM   481 O OD1  . ASN A 1 32 ? -8.797  -6.625  4.519   1.00 19.40 ? 112 ASN A OD1  1 
ATOM   482 N ND2  . ASN A 1 32 ? -8.585  -8.530  5.639   1.00 14.88 ? 112 ASN A ND2  1 
ATOM   483 H H    . ASN A 1 32 ? -5.585  -7.664  3.226   1.00 19.25 ? 112 ASN A H    1 
ATOM   484 H HA   . ASN A 1 32 ? -6.797  -9.831  4.326   1.00 19.51 ? 112 ASN A HA   1 
ATOM   485 H HB2  . ASN A 1 32 ? -7.933  -7.894  2.604   1.00 19.76 ? 112 ASN A HB2  1 
ATOM   486 H HB3  . ASN A 1 32 ? -8.712  -9.198  3.075   1.00 19.76 ? 112 ASN A HB3  1 
ATOM   487 H HD21 . ASN A 1 32 ? -8.842  -8.167  6.368   1.00 17.86 ? 112 ASN A HD21 1 
ATOM   488 H HD22 . ASN A 1 32 ? -8.373  -9.364  5.625   1.00 17.86 ? 112 ASN A HD22 1 
ATOM   489 N N    . ASN A 1 33 ? -6.495  -9.665  1.152   1.00 16.74 ? 113 ASN A N    1 
ATOM   490 C CA   . ASN A 1 33 ? -6.304  -10.431 -0.079  1.00 17.14 ? 113 ASN A CA   1 
ATOM   491 C C    . ASN A 1 33 ? -6.224  -9.413  -1.213  1.00 16.90 ? 113 ASN A C    1 
ATOM   492 O O    . ASN A 1 33 ? -6.282  -8.203  -0.986  1.00 18.15 ? 113 ASN A O    1 
ATOM   493 C CB   . ASN A 1 33 ? -7.459  -11.399 -0.300  1.00 20.23 ? 113 ASN A CB   1 
ATOM   494 C CG   . ASN A 1 33 ? -8.780  -10.706 -0.197  1.00 23.13 ? 113 ASN A CG   1 
ATOM   495 O OD1  . ASN A 1 33 ? -9.046  -9.785  -0.959  1.00 23.19 ? 113 ASN A OD1  1 
ATOM   496 N ND2  . ASN A 1 33 ? -9.600  -11.106 0.771   1.00 25.72 ? 113 ASN A ND2  1 
ATOM   497 H H    . ASN A 1 33 ? -6.702  -8.844  1.004   1.00 20.09 ? 113 ASN A H    1 
ATOM   498 H HA   . ASN A 1 33 ? -5.477  -10.935 -0.040  1.00 20.57 ? 113 ASN A HA   1 
ATOM   499 H HB2  . ASN A 1 33 ? -7.388  -11.789 -1.185  1.00 24.28 ? 113 ASN A HB2  1 
ATOM   500 H HB3  . ASN A 1 33 ? -7.427  -12.094 0.376   1.00 24.28 ? 113 ASN A HB3  1 
ATOM   501 H HD21 . ASN A 1 33 ? -9.371  -11.752 1.290   1.00 30.87 ? 113 ASN A HD21 1 
ATOM   502 H HD22 . ASN A 1 33 ? -10.368 -10.730 0.866   1.00 30.87 ? 113 ASN A HD22 1 
ATOM   503 N N    . THR A 1 34 ? -6.082  -9.906  -2.439  1.00 19.15 ? 114 THR A N    1 
ATOM   504 C CA   . THR A 1 34 ? -5.924  -9.059  -3.613  1.00 22.09 ? 114 THR A CA   1 
ATOM   505 C C    . THR A 1 34 ? -7.230  -8.848  -4.376  1.00 20.49 ? 114 THR A C    1 
ATOM   506 O O    . THR A 1 34 ? -7.209  -8.376  -5.519  1.00 20.37 ? 114 THR A O    1 
ATOM   507 C CB   . THR A 1 34 ? -4.837  -9.645  -4.516  1.00 25.05 ? 114 THR A CB   1 
ATOM   508 O OG1  . THR A 1 34 ? -5.155  -11.010 -4.761  1.00 25.65 ? 114 THR A OG1  1 
ATOM   509 C CG2  . THR A 1 34 ? -3.446  -9.539  -3.875  1.00 25.97 ? 114 THR A CG2  1 
ATOM   510 H H    . THR A 1 34 ? -6.074  -10.747 -2.619  1.00 22.98 ? 114 THR A H    1 
ATOM   511 H HA   . THR A 1 34 ? -5.618  -8.186  -3.322  1.00 26.50 ? 114 THR A HA   1 
ATOM   512 H HB   . THR A 1 34 ? -4.823  -9.162  -5.357  1.00 30.06 ? 114 THR A HB   1 
ATOM   513 H HG1  . THR A 1 34 ? -4.572  -11.356 -5.256  1.00 30.77 ? 114 THR A HG1  1 
ATOM   514 H HG21 . THR A 1 34 ? -2.773  -9.871  -4.489  1.00 31.17 ? 114 THR A HG21 1 
ATOM   515 H HG22 . THR A 1 34 ? -3.250  -8.613  -3.662  1.00 31.17 ? 114 THR A HG22 1 
ATOM   516 H HG23 . THR A 1 34 ? -3.417  -10.063 -3.059  1.00 31.17 ? 114 THR A HG23 1 
ATOM   517 N N    . GLU A 1 35 ? -8.362  -9.190  -3.774  1.00 21.26 ? 115 GLU A N    1 
ATOM   518 C CA   . GLU A 1 35 ? -9.656  -8.911  -4.383  1.00 22.01 ? 115 GLU A CA   1 
ATOM   519 C C    . GLU A 1 35 ? -10.033 -7.464  -4.116  1.00 21.62 ? 115 GLU A C    1 
ATOM   520 O O    . GLU A 1 35 ? -9.805  -6.941  -3.016  1.00 21.91 ? 115 GLU A O    1 
ATOM   521 C CB   . GLU A 1 35 ? -10.729 -9.817  -3.787  1.00 25.37 ? 115 GLU A CB   1 
ATOM   522 C CG   . GLU A 1 35 ? -10.546 -11.289 -4.081  1.00 30.24 ? 115 GLU A CG   1 
ATOM   523 C CD   . GLU A 1 35 ? -10.785 -11.639 -5.544  1.00 36.16 ? 115 GLU A CD   1 
ATOM   524 O OE1  . GLU A 1 35 ? -11.472 -10.857 -6.252  1.00 38.22 ? 115 GLU A OE1  1 
ATOM   525 O OE2  . GLU A 1 35 ? -10.265 -12.701 -5.984  1.00 39.13 ? 115 GLU A OE2  1 
ATOM   526 H H    . GLU A 1 35 ? -8.410  -9.586  -3.012  1.00 25.52 ? 115 GLU A H    1 
ATOM   527 H HA   . GLU A 1 35 ? -9.614  -9.057  -5.340  1.00 26.41 ? 115 GLU A HA   1 
ATOM   528 H HB2  . GLU A 1 35 ? -10.727 -9.707  -2.823  1.00 30.44 ? 115 GLU A HB2  1 
ATOM   529 H HB3  . GLU A 1 35 ? -11.592 -9.551  -4.142  1.00 30.44 ? 115 GLU A HB3  1 
ATOM   530 H HG2  . GLU A 1 35 ? -9.637  -11.544 -3.857  1.00 36.28 ? 115 GLU A HG2  1 
ATOM   531 H HG3  . GLU A 1 35 ? -11.174 -11.797 -3.545  1.00 36.28 ? 115 GLU A HG3  1 
ATOM   532 N N    . GLY A 1 36 ? -10.593 -6.819  -5.126  1.00 22.96 ? 116 GLY A N    1 
ATOM   533 C CA   . GLY A 1 36 ? -11.061 -5.451  -5.036  1.00 21.28 ? 116 GLY A CA   1 
ATOM   534 C C    . GLY A 1 36 ? -10.082 -4.482  -5.664  1.00 20.02 ? 116 GLY A C    1 
ATOM   535 O O    . GLY A 1 36 ? -8.931  -4.802  -5.968  1.00 21.25 ? 116 GLY A O    1 
ATOM   536 H H    . GLY A 1 36 ? -10.717 -7.169  -5.902  1.00 27.55 ? 116 GLY A H    1 
ATOM   537 H HA2  . GLY A 1 36 ? -11.912 -5.369  -5.493  1.00 25.54 ? 116 GLY A HA2  1 
ATOM   538 H HA3  . GLY A 1 36 ? -11.184 -5.209  -4.105  1.00 25.54 ? 116 GLY A HA3  1 
ATOM   539 N N    . ASP A 1 37 ? -10.570 -3.271  -5.871  1.00 18.14 ? 117 ASP A N    1 
ATOM   540 C CA   . ASP A 1 37 ? -9.749  -2.183  -6.373  1.00 19.28 ? 117 ASP A CA   1 
ATOM   541 C C    . ASP A 1 37 ? -9.138  -1.339  -5.272  1.00 17.71 ? 117 ASP A C    1 
ATOM   542 O O    . ASP A 1 37 ? -8.214  -0.566  -5.552  1.00 18.91 ? 117 ASP A O    1 
ATOM   543 C CB   . ASP A 1 37 ? -10.593 -1.297  -7.288  1.00 23.54 ? 117 ASP A CB   1 
ATOM   544 C CG   . ASP A 1 37 ? -10.698 -1.864  -8.666  1.00 30.19 ? 117 ASP A CG   1 
ATOM   545 O OD1  . ASP A 1 37 ? -11.552 -2.719  -8.889  1.00 33.61 ? 117 ASP A OD1  1 
ATOM   546 O OD2  . ASP A 1 37 ? -9.858  -1.498  -9.522  1.00 35.40 ? 117 ASP A OD2  1 
ATOM   547 H H    . ASP A 1 37 ? -11.388 -3.049  -5.725  1.00 21.77 ? 117 ASP A H    1 
ATOM   548 H HA   . ASP A 1 37 ? -9.024  -2.551  -6.903  1.00 23.14 ? 117 ASP A HA   1 
ATOM   549 H HB2  . ASP A 1 37 ? -11.487 -1.222  -6.922  1.00 28.24 ? 117 ASP A HB2  1 
ATOM   550 H HB3  . ASP A 1 37 ? -10.182 -0.421  -7.350  1.00 28.24 ? 117 ASP A HB3  1 
ATOM   551 N N    . TRP A 1 38 ? -9.606  -1.484  -4.039  1.00 16.31 ? 118 TRP A N    1 
ATOM   552 C CA   . TRP A 1 38 ? -9.025  -0.828  -2.873  1.00 15.48 ? 118 TRP A CA   1 
ATOM   553 C C    . TRP A 1 38 ? -8.741  -1.900  -1.832  1.00 14.51 ? 118 TRP A C    1 
ATOM   554 O O    . TRP A 1 38 ? -9.632  -2.704  -1.501  1.00 16.51 ? 118 TRP A O    1 
ATOM   555 C CB   . TRP A 1 38 ? -9.958  0.264   -2.344  1.00 15.39 ? 118 TRP A CB   1 
ATOM   556 C CG   . TRP A 1 38 ? -9.962  1.460   -3.206  1.00 15.14 ? 118 TRP A CG   1 
ATOM   557 C CD1  . TRP A 1 38 ? -10.688 1.647   -4.347  1.00 15.02 ? 118 TRP A CD1  1 
ATOM   558 C CD2  . TRP A 1 38 ? -9.220  2.650   -2.999  1.00 16.09 ? 118 TRP A CD2  1 
ATOM   559 N NE1  . TRP A 1 38 ? -10.434 2.893   -4.871  1.00 16.77 ? 118 TRP A NE1  1 
ATOM   560 C CE2  . TRP A 1 38 ? -9.522  3.521   -4.063  1.00 16.82 ? 118 TRP A CE2  1 
ATOM   561 C CE3  . TRP A 1 38 ? -8.320  3.068   -2.020  1.00 17.52 ? 118 TRP A CE3  1 
ATOM   562 C CZ2  . TRP A 1 38 ? -8.957  4.785   -4.161  1.00 17.73 ? 118 TRP A CZ2  1 
ATOM   563 C CZ3  . TRP A 1 38 ? -7.763  4.333   -2.122  1.00 18.38 ? 118 TRP A CZ3  1 
ATOM   564 C CH2  . TRP A 1 38 ? -8.075  5.166   -3.183  1.00 19.40 ? 118 TRP A CH2  1 
ATOM   565 H H    . TRP A 1 38 ? -10.286 -1.974  -3.845  1.00 19.57 ? 118 TRP A H    1 
ATOM   566 H HA   . TRP A 1 38 ? -8.183  -0.415  -3.121  1.00 18.58 ? 118 TRP A HA   1 
ATOM   567 H HB2  . TRP A 1 38 ? -10.863 -0.082  -2.307  1.00 18.46 ? 118 TRP A HB2  1 
ATOM   568 H HB3  . TRP A 1 38 ? -9.665  0.530   -1.459  1.00 18.46 ? 118 TRP A HB3  1 
ATOM   569 H HD1  . TRP A 1 38 ? -11.264 1.020   -4.720  1.00 18.02 ? 118 TRP A HD1  1 
ATOM   570 H HE1  . TRP A 1 38 ? -10.773 3.214   -5.593  1.00 20.12 ? 118 TRP A HE1  1 
ATOM   571 H HE3  . TRP A 1 38 ? -8.099  2.509   -1.311  1.00 21.03 ? 118 TRP A HE3  1 
ATOM   572 H HZ2  . TRP A 1 38 ? -9.173  5.355   -4.863  1.00 21.27 ? 118 TRP A HZ2  1 
ATOM   573 H HZ3  . TRP A 1 38 ? -7.154  4.618   -1.480  1.00 22.06 ? 118 TRP A HZ3  1 
ATOM   574 H HH2  . TRP A 1 38 ? -7.686  6.009   -3.228  1.00 23.28 ? 118 TRP A HH2  1 
ATOM   575 N N    . TRP A 1 39 ? -7.489  -1.936  -1.349  1.00 14.53 ? 119 TRP A N    1 
ATOM   576 C CA   . TRP A 1 39 ? -7.003  -2.983  -0.470  1.00 15.29 ? 119 TRP A CA   1 
ATOM   577 C C    . TRP A 1 39 ? -6.587  -2.377  0.861   1.00 14.39 ? 119 TRP A C    1 
ATOM   578 O O    . TRP A 1 39 ? -5.900  -1.355  0.902   1.00 14.82 ? 119 TRP A O    1 
ATOM   579 C CB   . TRP A 1 39 ? -5.751  -3.614  -1.062  1.00 16.57 ? 119 TRP A CB   1 
ATOM   580 C CG   . TRP A 1 39 ? -5.908  -4.351  -2.350  1.00 16.59 ? 119 TRP A CG   1 
ATOM   581 C CD1  . TRP A 1 39 ? -7.068  -4.752  -2.932  1.00 18.33 ? 119 TRP A CD1  1 
ATOM   582 C CD2  . TRP A 1 39 ? -4.854  -4.764  -3.232  1.00 18.10 ? 119 TRP A CD2  1 
ATOM   583 N NE1  . TRP A 1 39 ? -6.800  -5.396  -4.107  1.00 19.32 ? 119 TRP A NE1  1 
ATOM   584 C CE2  . TRP A 1 39 ? -5.453  -5.428  -4.315  1.00 19.32 ? 119 TRP A CE2  1 
ATOM   585 C CE3  . TRP A 1 39 ? -3.455  -4.645  -3.207  1.00 17.15 ? 119 TRP A CE3  1 
ATOM   586 C CZ2  . TRP A 1 39 ? -4.717  -5.964  -5.363  1.00 20.19 ? 119 TRP A CZ2  1 
ATOM   587 C CZ3  . TRP A 1 39 ? -2.729  -5.195  -4.246  1.00 18.20 ? 119 TRP A CZ3  1 
ATOM   588 C CH2  . TRP A 1 39 ? -3.365  -5.840  -5.307  1.00 19.98 ? 119 TRP A CH2  1 
ATOM   589 H H    . TRP A 1 39 ? -6.895  -1.341  -1.528  1.00 17.43 ? 119 TRP A H    1 
ATOM   590 H HA   . TRP A 1 39 ? -7.680  -3.662  -0.327  1.00 18.34 ? 119 TRP A HA   1 
ATOM   591 H HB2  . TRP A 1 39 ? -5.100  -2.911  -1.212  1.00 19.88 ? 119 TRP A HB2  1 
ATOM   592 H HB3  . TRP A 1 39 ? -5.396  -4.244  -0.414  1.00 19.88 ? 119 TRP A HB3  1 
ATOM   593 H HD1  . TRP A 1 39 ? -7.918  -4.615  -2.579  1.00 22.00 ? 119 TRP A HD1  1 
ATOM   594 H HE1  . TRP A 1 39 ? -7.391  -5.737  -4.631  1.00 23.19 ? 119 TRP A HE1  1 
ATOM   595 H HE3  . TRP A 1 39 ? -3.027  -4.226  -2.496  1.00 20.58 ? 119 TRP A HE3  1 
ATOM   596 H HZ2  . TRP A 1 39 ? -5.133  -6.394  -6.074  1.00 24.23 ? 119 TRP A HZ2  1 
ATOM   597 H HZ3  . TRP A 1 39 ? -1.801  -5.126  -4.243  1.00 21.85 ? 119 TRP A HZ3  1 
ATOM   598 H HH2  . TRP A 1 39 ? -2.851  -6.191  -5.997  1.00 23.97 ? 119 TRP A HH2  1 
ATOM   599 N N    . LEU A 1 40 ? -6.912  -3.065  1.949   1.00 14.50 ? 120 LEU A N    1 
ATOM   600 C CA   . LEU A 1 40 ? -6.310  -2.734  3.228   1.00 14.99 ? 120 LEU A CA   1 
ATOM   601 C C    . LEU A 1 40 ? -4.850  -3.172  3.217   1.00 15.01 ? 120 LEU A C    1 
ATOM   602 O O    . LEU A 1 40 ? -4.539  -4.325  2.905   1.00 15.82 ? 120 LEU A O    1 
ATOM   603 C CB   . LEU A 1 40 ? -7.056  -3.395  4.369   1.00 16.20 ? 120 LEU A CB   1 
ATOM   604 C CG   . LEU A 1 40 ? -6.640  -2.925  5.765   1.00 16.86 ? 120 LEU A CG   1 
ATOM   605 C CD1  . LEU A 1 40 ? -6.938  -1.438  5.936   1.00 17.42 ? 120 LEU A CD1  1 
ATOM   606 C CD2  . LEU A 1 40 ? -7.313  -3.764  6.848   1.00 17.62 ? 120 LEU A CD2  1 
ATOM   607 H H    . LEU A 1 40 ? -7.471  -3.718  1.971   1.00 17.41 ? 120 LEU A H    1 
ATOM   608 H HA   . LEU A 1 40 ? -6.340  -1.773  3.352   1.00 17.98 ? 120 LEU A HA   1 
ATOM   609 H HB2  . LEU A 1 40 ? -8.003  -3.211  4.267   1.00 19.44 ? 120 LEU A HB2  1 
ATOM   610 H HB3  . LEU A 1 40 ? -6.903  -4.352  4.325   1.00 19.44 ? 120 LEU A HB3  1 
ATOM   611 H HG   . LEU A 1 40 ? -5.681  -3.043  5.859   1.00 20.23 ? 120 LEU A HG   1 
ATOM   612 H HD11 . LEU A 1 40 ? -6.293  -0.925  5.425   1.00 20.90 ? 120 LEU A HD11 1 
ATOM   613 H HD12 . LEU A 1 40 ? -7.835  -1.257  5.614   1.00 20.90 ? 120 LEU A HD12 1 
ATOM   614 H HD13 . LEU A 1 40 ? -6.870  -1.210  6.876   1.00 20.90 ? 120 LEU A HD13 1 
ATOM   615 H HD21 . LEU A 1 40 ? -7.042  -4.690  6.743   1.00 21.14 ? 120 LEU A HD21 1 
ATOM   616 H HD22 . LEU A 1 40 ? -7.038  -3.436  7.718   1.00 21.14 ? 120 LEU A HD22 1 
ATOM   617 H HD23 . LEU A 1 40 ? -8.275  -3.687  6.754   1.00 21.14 ? 120 LEU A HD23 1 
ATOM   618 N N    . ALA A 1 41 ? -3.964  -2.245  3.532   1.00 14.46 ? 121 ALA A N    1 
ATOM   619 C CA   . ALA A 1 41 ? -2.543  -2.487  3.386   1.00 14.28 ? 121 ALA A CA   1 
ATOM   620 C C    . ALA A 1 41 ? -1.778  -1.964  4.592   1.00 13.40 ? 121 ALA A C    1 
ATOM   621 O O    . ALA A 1 41 ? -2.299  -1.257  5.440   1.00 14.52 ? 121 ALA A O    1 
ATOM   622 C CB   . ALA A 1 41 ? -2.010  -1.864  2.090   1.00 14.85 ? 121 ALA A CB   1 
ATOM   623 H H    . ALA A 1 41 ? -4.161  -1.464  3.832   1.00 17.35 ? 121 ALA A H    1 
ATOM   624 H HA   . ALA A 1 41 ? -2.390  -3.443  3.336   1.00 17.13 ? 121 ALA A HA   1 
ATOM   625 H HB1  . ALA A 1 41 ? -1.060  -2.044  2.021   1.00 17.82 ? 121 ALA A HB1  1 
ATOM   626 H HB2  . ALA A 1 41 ? -2.477  -2.257  1.335   1.00 17.82 ? 121 ALA A HB2  1 
ATOM   627 H HB3  . ALA A 1 41 ? -2.166  -0.907  2.112   1.00 17.82 ? 121 ALA A HB3  1 
ATOM   628 N N    . HIS A 1 42 ? -0.496  -2.330  4.650   1.00 14.31 ? 122 HIS A N    1 
ATOM   629 C CA   . HIS A 1 42 ? 0.387   -1.983  5.748   1.00 13.60 ? 122 HIS A CA   1 
ATOM   630 C C    . HIS A 1 42 ? 1.731   -1.586  5.169   1.00 13.77 ? 122 HIS A C    1 
ATOM   631 O O    . HIS A 1 42 ? 2.261   -2.272  4.293   1.00 14.12 ? 122 HIS A O    1 
ATOM   632 C CB   . HIS A 1 42 ? 0.575   -3.205  6.651   1.00 15.64 ? 122 HIS A CB   1 
ATOM   633 C CG   . HIS A 1 42 ? 1.610   -3.036  7.711   1.00 16.40 ? 122 HIS A CG   1 
ATOM   634 N ND1  . HIS A 1 42 ? 2.751   -3.801  7.764   1.00 17.32 ? 122 HIS A ND1  1 
ATOM   635 C CD2  . HIS A 1 42 ? 1.679   -2.180  8.758   1.00 17.32 ? 122 HIS A CD2  1 
ATOM   636 C CE1  . HIS A 1 42 ? 3.473   -3.438  8.814   1.00 16.44 ? 122 HIS A CE1  1 
ATOM   637 N NE2  . HIS A 1 42 ? 2.850   -2.448  9.427   1.00 18.15 ? 122 HIS A NE2  1 
ATOM   638 H H    . HIS A 1 42 ? -0.109  -2.796  4.040   1.00 17.17 ? 122 HIS A H    1 
ATOM   639 H HA   . HIS A 1 42 ? 0.022   -1.249  6.263   1.00 16.33 ? 122 HIS A HA   1 
ATOM   640 H HB2  . HIS A 1 42 ? -0.268  -3.398  7.092   1.00 18.77 ? 122 HIS A HB2  1 
ATOM   641 H HB3  . HIS A 1 42 ? 0.837   -3.961  6.102   1.00 18.77 ? 122 HIS A HB3  1 
ATOM   642 H HD1  . HIS A 1 42 ? 2.955   -4.430  7.213   1.00 20.78 ? 122 HIS A HD1  1 
ATOM   643 H HD2  . HIS A 1 42 ? 1.050   -1.535  8.986   1.00 20.78 ? 122 HIS A HD2  1 
ATOM   644 H HE1  . HIS A 1 42 ? 4.291   -3.802  9.064   1.00 19.73 ? 122 HIS A HE1  1 
ATOM   645 N N    . SER A 1 43 ? 2.263   -0.471  5.634   1.00 14.26 ? 123 SER A N    1 
ATOM   646 C CA   . SER A 1 43 ? 3.588   -0.051  5.196   1.00 14.31 ? 123 SER A CA   1 
ATOM   647 C C    . SER A 1 43 ? 4.708   -0.743  5.961   1.00 14.71 ? 123 SER A C    1 
ATOM   648 O O    . SER A 1 43 ? 4.737   -0.743  7.196   1.00 15.06 ? 123 SER A O    1 
ATOM   649 C CB   . SER A 1 43 ? 3.760   1.459   5.333   1.00 15.93 ? 123 SER A CB   1 
ATOM   650 O OG   . SER A 1 43 ? 5.128   1.780   5.123   1.00 17.56 ? 123 SER A OG   1 
ATOM   651 H H    . SER A 1 43 ? 1.887   0.057   6.198   1.00 17.11 ? 123 SER A H    1 
ATOM   652 H HA   . SER A 1 43 ? 3.690   -0.275  4.259   1.00 17.17 ? 123 SER A HA   1 
ATOM   653 H HB2  . SER A 1 43 ? 3.216   1.908   4.666   1.00 19.11 ? 123 SER A HB2  1 
ATOM   654 H HB3  . SER A 1 43 ? 3.496   1.734   6.225   1.00 19.11 ? 123 SER A HB3  1 
ATOM   655 H HG   . SER A 1 43 ? 5.230   2.613   5.125   1.00 21.07 ? 123 SER A HG   1 
ATOM   656 N N    . LEU A 1 44 ? 5.645   -1.306  5.218   1.00 15.94 ? 124 LEU A N    1 
ATOM   657 C CA   . LEU A 1 44 ? 6.842   -1.909  5.808   1.00 16.64 ? 124 LEU A CA   1 
ATOM   658 C C    . LEU A 1 44 ? 7.886   -0.879  6.204   1.00 17.54 ? 124 LEU A C    1 
ATOM   659 O O    . LEU A 1 44 ? 8.962   -1.259  6.698   1.00 18.38 ? 124 LEU A O    1 
ATOM   660 C CB   . LEU A 1 44 ? 7.432   -2.939  4.853   1.00 18.80 ? 124 LEU A CB   1 
ATOM   661 C CG   . LEU A 1 44 ? 6.646   -4.251  4.786   1.00 19.97 ? 124 LEU A CG   1 
ATOM   662 C CD1  . LEU A 1 44 ? 6.994   -5.004  3.539   1.00 22.32 ? 124 LEU A CD1  1 
ATOM   663 C CD2  . LEU A 1 44 ? 6.932   -5.104  6.007   1.00 22.25 ? 124 LEU A CD2  1 
ATOM   664 H H    . LEU A 1 44 ? 5.617   -1.356  4.360   1.00 19.13 ? 124 LEU A H    1 
ATOM   665 H HA   . LEU A 1 44 ? 6.580   -2.378  6.616   1.00 19.97 ? 124 LEU A HA   1 
ATOM   666 H HB2  . LEU A 1 44 ? 7.451   -2.561  3.961   1.00 22.56 ? 124 LEU A HB2  1 
ATOM   667 H HB3  . LEU A 1 44 ? 8.334   -3.149  5.139   1.00 22.56 ? 124 LEU A HB3  1 
ATOM   668 H HG   . LEU A 1 44 ? 5.697   -4.055  4.769   1.00 23.96 ? 124 LEU A HG   1 
ATOM   669 H HD11 . LEU A 1 44 ? 6.621   -5.897  3.594   1.00 26.78 ? 124 LEU A HD11 1 
ATOM   670 H HD12 . LEU A 1 44 ? 6.624   -4.536  2.774   1.00 26.78 ? 124 LEU A HD12 1 
ATOM   671 H HD13 . LEU A 1 44 ? 7.960   -5.055  3.462   1.00 26.78 ? 124 LEU A HD13 1 
ATOM   672 H HD21 . LEU A 1 44 ? 6.464   -5.949  5.918   1.00 26.70 ? 124 LEU A HD21 1 
ATOM   673 H HD22 . LEU A 1 44 ? 7.887   -5.261  6.064   1.00 26.70 ? 124 LEU A HD22 1 
ATOM   674 H HD23 . LEU A 1 44 ? 6.624   -4.637  6.799   1.00 26.70 ? 124 LEU A HD23 1 
ATOM   675 N N    A THR A 1 45 ? 7.608   0.398   6.002   0.59 17.60 ? 125 THR A N    1 
ATOM   676 N N    B THR A 1 45 ? 7.616   0.402   5.985   0.41 18.12 ? 125 THR A N    1 
ATOM   677 C CA   A THR A 1 45 ? 8.515   1.466   6.396   0.59 18.11 ? 125 THR A CA   1 
ATOM   678 C CA   B THR A 1 45 ? 8.512   1.475   6.397   0.41 19.16 ? 125 THR A CA   1 
ATOM   679 C C    A THR A 1 45 ? 7.976   2.350   7.506   0.59 18.84 ? 125 THR A C    1 
ATOM   680 C C    B THR A 1 45 ? 7.954   2.296   7.549   0.41 19.13 ? 125 THR A C    1 
ATOM   681 O O    A THR A 1 45 ? 8.719   2.705   8.415   0.59 21.32 ? 125 THR A O    1 
ATOM   682 O O    B THR A 1 45 ? 8.646   2.523   8.541   0.41 21.23 ? 125 THR A O    1 
ATOM   683 C CB   A THR A 1 45 ? 8.880   2.323   5.176   0.59 18.74 ? 125 THR A CB   1 
ATOM   684 C CB   B THR A 1 45 ? 8.848   2.386   5.200   0.41 21.18 ? 125 THR A CB   1 
ATOM   685 O OG1  A THR A 1 45 ? 9.740   1.560   4.314   0.59 20.06 ? 125 THR A OG1  1 
ATOM   686 O OG1  B THR A 1 45 ? 7.677   3.090   4.757   0.41 22.80 ? 125 THR A OG1  1 
ATOM   687 C CG2  A THR A 1 45 ? 9.591   3.598   5.617   0.59 20.85 ? 125 THR A CG2  1 
ATOM   688 C CG2  B THR A 1 45 ? 9.426   1.549   4.053   0.41 23.50 ? 125 THR A CG2  1 
ATOM   689 H H    A THR A 1 45 ? 6.887   0.680   5.629   0.59 21.12 ? 125 THR A H    1 
ATOM   690 H H    B THR A 1 45 ? 6.906   0.683   5.590   0.41 21.74 ? 125 THR A H    1 
ATOM   691 H HA   A THR A 1 45 ? 9.337   1.069   6.722   0.59 21.74 ? 125 THR A HA   1 
ATOM   692 H HA   B THR A 1 45 ? 9.344   1.083   6.702   0.41 22.99 ? 125 THR A HA   1 
ATOM   693 H HB   A THR A 1 45 ? 8.073   2.569   4.697   0.59 22.49 ? 125 THR A HB   1 
ATOM   694 H HB   B THR A 1 45 ? 9.521   3.029   5.471   0.41 25.42 ? 125 THR A HB   1 
ATOM   695 H HG1  A THR A 1 45 ? 9.950   2.015   3.640   0.59 24.07 ? 125 THR A HG1  1 
ATOM   696 H HG1  B THR A 1 45 ? 7.097   2.543   4.492   0.41 27.36 ? 125 THR A HG1  1 
ATOM   697 H HG21 A THR A 1 45 ? 10.208  3.401   6.339   0.59 25.02 ? 125 THR A HG21 1 
ATOM   698 H HG21 B THR A 1 45 ? 8.725   1.019   3.643   0.41 28.20 ? 125 THR A HG21 1 
ATOM   699 H HG22 A THR A 1 45 ? 10.088  3.972   4.873   0.59 25.02 ? 125 THR A HG22 1 
ATOM   700 H HG22 B THR A 1 45 ? 9.813   2.132   3.380   0.41 28.20 ? 125 THR A HG22 1 
ATOM   701 H HG23 A THR A 1 45 ? 8.946   4.254   5.923   0.59 25.02 ? 125 THR A HG23 1 
ATOM   702 H HG23 B THR A 1 45 ? 10.114  0.955   4.388   0.41 28.20 ? 125 THR A HG23 1 
ATOM   703 N N    . THR A 1 46 ? 6.700   2.713   7.468   1.00 16.76 ? 126 THR A N    1 
ATOM   704 C CA   . THR A 1 46 ? 6.119   3.544   8.504   1.00 18.03 ? 126 THR A CA   1 
ATOM   705 C C    . THR A 1 46 ? 5.359   2.747   9.546   1.00 16.13 ? 126 THR A C    1 
ATOM   706 O O    . THR A 1 46 ? 5.074   3.283   10.616  1.00 18.44 ? 126 THR A O    1 
ATOM   707 C CB   . THR A 1 46 ? 5.171   4.583   7.904   1.00 19.79 ? 126 THR A CB   1 
ATOM   708 O OG1  . THR A 1 46 ? 4.021   3.910   7.336   1.00 20.74 ? 126 THR A OG1  1 
ATOM   709 C CG2  . THR A 1 46 ? 5.879   5.397   6.844   1.00 21.64 ? 126 THR A CG2  1 
ATOM   710 H H    . THR A 1 46 ? 6.157   2.507   6.834   1.00 20.11 ? 126 THR A H    1 
ATOM   711 H HA   . THR A 1 46 ? 6.826   4.027   8.959   1.00 21.64 ? 126 THR A HA   1 
ATOM   712 H HB   . THR A 1 46 ? 4.874   5.187   8.603   1.00 23.74 ? 126 THR A HB   1 
ATOM   713 H HG1  . THR A 1 46 ? 3.494   4.473   7.004   1.00 24.88 ? 126 THR A HG1  1 
ATOM   714 H HG21 . THR A 1 46 ? 5.302   6.115   6.539   1.00 25.97 ? 126 THR A HG21 1 
ATOM   715 H HG22 . THR A 1 46 ? 6.692   5.780   7.210   1.00 25.97 ? 126 THR A HG22 1 
ATOM   716 H HG23 . THR A 1 46 ? 6.107   4.833   6.089   1.00 25.97 ? 126 THR A HG23 1 
ATOM   717 N N    . GLY A 1 47 ? 5.007   1.498   9.250   1.00 15.80 ? 127 GLY A N    1 
ATOM   718 C CA   . GLY A 1 47 ? 4.250   0.667   10.158  1.00 16.25 ? 127 GLY A CA   1 
ATOM   719 C C    . GLY A 1 47 ? 2.762   0.913   10.174  1.00 18.06 ? 127 GLY A C    1 
ATOM   720 O O    . GLY A 1 47 ? 2.052   0.230   10.927  1.00 21.29 ? 127 GLY A O    1 
ATOM   721 H H    . GLY A 1 47 ? 5.204   1.107   8.510   1.00 18.96 ? 127 GLY A H    1 
ATOM   722 H HA2  . GLY A 1 47 ? 4.394   -0.263  9.925   1.00 19.51 ? 127 GLY A HA2  1 
ATOM   723 H HA3  . GLY A 1 47 ? 4.583   0.803   11.059  1.00 19.51 ? 127 GLY A HA3  1 
ATOM   724 N N    . GLN A 1 48 ? 2.273   1.848   9.373   1.00 18.44 ? 128 GLN A N    1 
ATOM   725 C CA   . GLN A 1 48 ? 0.868   2.236   9.382   1.00 19.39 ? 128 GLN A CA   1 
ATOM   726 C C    . GLN A 1 48 ? 0.034   1.302   8.512   1.00 17.37 ? 128 GLN A C    1 
ATOM   727 O O    . GLN A 1 48 ? 0.524   0.694   7.549   1.00 16.28 ? 128 GLN A O    1 
ATOM   728 C CB   . GLN A 1 48 ? 0.731   3.664   8.859   1.00 22.33 ? 128 GLN A CB   1 
ATOM   729 C CG   . GLN A 1 48 ? 1.417   4.737   9.673   1.00 27.92 ? 128 GLN A CG   1 
ATOM   730 C CD   . GLN A 1 48 ? 1.786   5.979   8.843   1.00 33.23 ? 128 GLN A CD   1 
ATOM   731 O OE1  . GLN A 1 48 ? 1.584   6.032   7.605   1.00 36.47 ? 128 GLN A OE1  1 
ATOM   732 N NE2  . GLN A 1 48 ? 2.324   6.986   9.518   1.00 35.09 ? 128 GLN A NE2  1 
ATOM   733 H H    . GLN A 1 48 ? 2.744   2.284   8.801   1.00 22.12 ? 128 GLN A H    1 
ATOM   734 H HA   . GLN A 1 48 ? 0.527   2.203   10.289  1.00 23.27 ? 128 GLN A HA   1 
ATOM   735 H HB2  . GLN A 1 48 ? 1.103   3.695   7.964   1.00 26.80 ? 128 GLN A HB2  1 
ATOM   736 H HB3  . GLN A 1 48 ? -0.213  3.886   8.824   1.00 26.80 ? 128 GLN A HB3  1 
ATOM   737 H HG2  . GLN A 1 48 ? 0.823   5.020   10.385  1.00 33.50 ? 128 GLN A HG2  1 
ATOM   738 H HG3  . GLN A 1 48 ? 2.235   4.375   10.048  1.00 33.50 ? 128 GLN A HG3  1 
ATOM   739 H HE21 . GLN A 1 48 ? 2.449   6.917   10.366  1.00 42.11 ? 128 GLN A HE21 1 
ATOM   740 H HE22 . GLN A 1 48 ? 2.551   7.707   9.107   1.00 42.11 ? 128 GLN A HE22 1 
ATOM   741 N N    . THR A 1 49 ? -1.244  1.222   8.835   1.00 17.37 ? 129 THR A N    1 
ATOM   742 C CA   . THR A 1 49 ? -2.249  0.431   8.133   1.00 16.61 ? 129 THR A CA   1 
ATOM   743 C C    . THR A 1 49 ? -3.340  1.343   7.587   1.00 15.07 ? 129 THR A C    1 
ATOM   744 O O    . THR A 1 49 ? -3.756  2.283   8.260   1.00 16.87 ? 129 THR A O    1 
ATOM   745 C CB   . THR A 1 49 ? -2.838  -0.589  9.113   1.00 17.45 ? 129 THR A CB   1 
ATOM   746 O OG1  . THR A 1 49 ? -1.792  -1.471  9.513   1.00 18.25 ? 129 THR A OG1  1 
ATOM   747 C CG2  . THR A 1 49 ? -3.993  -1.368  8.489   1.00 17.51 ? 129 THR A CG2  1 
ATOM   748 H H    . THR A 1 49 ? -1.577  1.647   9.505   1.00 20.84 ? 129 THR A H    1 
ATOM   749 H HA   . THR A 1 49 ? -1.836  -0.043  7.396   1.00 19.93 ? 129 THR A HA   1 
ATOM   750 H HB   . THR A 1 49 ? -3.176  -0.122  9.893   1.00 20.94 ? 129 THR A HB   1 
ATOM   751 H HG1  . THR A 1 49 ? -2.089  -2.043  10.052  1.00 21.91 ? 129 THR A HG1  1 
ATOM   752 H HG21 . THR A 1 49 ? -3.742  -1.678  7.604   1.00 21.01 ? 129 THR A HG21 1 
ATOM   753 H HG22 . THR A 1 49 ? -4.210  -2.135  9.041   1.00 21.01 ? 129 THR A HG22 1 
ATOM   754 H HG23 . THR A 1 49 ? -4.776  -0.801  8.414   1.00 21.01 ? 129 THR A HG23 1 
ATOM   755 N N    . GLY A 1 50 ? -3.779  1.075   6.367   1.00 14.54 ? 130 GLY A N    1 
ATOM   756 C CA   . GLY A 1 50 ? -4.852  1.858   5.771   1.00 14.10 ? 130 GLY A CA   1 
ATOM   757 C C    . GLY A 1 50 ? -5.123  1.382   4.376   1.00 12.98 ? 130 GLY A C    1 
ATOM   758 O O    . GLY A 1 50 ? -4.443  0.508   3.840   1.00 14.14 ? 130 GLY A O    1 
ATOM   759 H H    . GLY A 1 50 ? -3.474  0.449   5.863   1.00 17.45 ? 130 GLY A H    1 
ATOM   760 H HA2  . GLY A 1 50 ? -5.661  1.766   6.297   1.00 16.92 ? 130 GLY A HA2  1 
ATOM   761 H HA3  . GLY A 1 50 ? -4.601  2.795   5.741   1.00 16.92 ? 130 GLY A HA3  1 
ATOM   762 N N    . TYR A 1 51 ? -6.186  1.924   3.801   1.00 13.15 ? 131 TYR A N    1 
ATOM   763 C CA   . TYR A 1 51 ? -6.570  1.514   2.461   1.00 13.41 ? 131 TYR A CA   1 
ATOM   764 C C    . TYR A 1 51 ? -5.671  2.155   1.397   1.00 13.57 ? 131 TYR A C    1 
ATOM   765 O O    . TYR A 1 51 ? -5.234  3.306   1.512   1.00 13.81 ? 131 TYR A O    1 
ATOM   766 C CB   . TYR A 1 51 ? -8.011  1.915   2.179   1.00 14.63 ? 131 TYR A CB   1 
ATOM   767 C CG   . TYR A 1 51 ? -9.046  1.103   2.884   1.00 15.69 ? 131 TYR A CG   1 
ATOM   768 C CD1  . TYR A 1 51 ? -9.293  -0.217  2.541   1.00 16.60 ? 131 TYR A CD1  1 
ATOM   769 C CD2  . TYR A 1 51 ? -9.847  1.680   3.870   1.00 18.03 ? 131 TYR A CD2  1 
ATOM   770 C CE1  . TYR A 1 51 ? -10.296 -0.943  3.177   1.00 19.61 ? 131 TYR A CE1  1 
ATOM   771 C CE2  . TYR A 1 51 ? -10.833 0.959   4.496   1.00 20.93 ? 131 TYR A CE2  1 
ATOM   772 C CZ   . TYR A 1 51 ? -11.028 -0.350  4.169   1.00 21.19 ? 131 TYR A CZ   1 
ATOM   773 O OH   . TYR A 1 51 ? -12.032 -1.036  4.827   1.00 25.46 ? 131 TYR A OH   1 
ATOM   774 H H    . TYR A 1 51 ? -6.693  2.519   4.157   1.00 15.78 ? 131 TYR A H    1 
ATOM   775 H HA   . TYR A 1 51 ? -6.499  0.549   2.385   1.00 16.09 ? 131 TYR A HA   1 
ATOM   776 H HB2  . TYR A 1 51 ? -8.131  2.839   2.449   1.00 17.55 ? 131 TYR A HB2  1 
ATOM   777 H HB3  . TYR A 1 51 ? -8.173  1.832   1.226   1.00 17.55 ? 131 TYR A HB3  1 
ATOM   778 H HD1  . TYR A 1 51 ? -8.783  -0.622  1.876   1.00 19.93 ? 131 TYR A HD1  1 
ATOM   779 H HD2  . TYR A 1 51 ? -9.708  2.568   4.109   1.00 21.63 ? 131 TYR A HD2  1 
ATOM   780 H HE1  . TYR A 1 51 ? -10.440 -1.835  2.956   1.00 23.53 ? 131 TYR A HE1  1 
ATOM   781 H HE2  . TYR A 1 51 ? -11.343 1.352   5.166   1.00 25.11 ? 131 TYR A HE2  1 
ATOM   782 H HH   . TYR A 1 51 ? -12.023 -1.844  4.599   1.00 30.56 ? 131 TYR A HH   1 
ATOM   783 N N    . ILE A 1 52 ? -5.454  1.406   0.324   1.00 14.82 ? 132 ILE A N    1 
ATOM   784 C CA   . ILE A 1 52 ? -4.672  1.888   -0.832  1.00 13.84 ? 132 ILE A CA   1 
ATOM   785 C C    . ILE A 1 52 ? -5.351  1.451   -2.105  1.00 14.77 ? 132 ILE A C    1 
ATOM   786 O O    . ILE A 1 52 ? -6.057  0.427   -2.149  1.00 14.64 ? 132 ILE A O    1 
ATOM   787 C CB   . ILE A 1 52 ? -3.203  1.352   -0.823  1.00 14.53 ? 132 ILE A CB   1 
ATOM   788 C CG1  . ILE A 1 52 ? -3.152  -0.148  -1.056  1.00 15.36 ? 132 ILE A CG1  1 
ATOM   789 C CG2  . ILE A 1 52 ? -2.515  1.730   0.480   1.00 15.43 ? 132 ILE A CG2  1 
ATOM   790 C CD1  . ILE A 1 52 ? -1.775  -0.682  -1.207  1.00 16.95 ? 132 ILE A CD1  1 
ATOM   791 H H    . ILE A 1 52 ? -5.748  0.603   0.231   1.00 17.79 ? 132 ILE A H    1 
ATOM   792 H HA   . ILE A 1 52 ? -4.644  2.856   -0.804  1.00 16.61 ? 132 ILE A HA   1 
ATOM   793 H HB   . ILE A 1 52 ? -2.724  1.782   -1.549  1.00 17.44 ? 132 ILE A HB   1 
ATOM   794 H HG12 . ILE A 1 52 ? -3.563  -0.596  -0.300  1.00 18.43 ? 132 ILE A HG12 1 
ATOM   795 H HG13 . ILE A 1 52 ? -3.630  -0.372  -1.869  1.00 18.43 ? 132 ILE A HG13 1 
ATOM   796 H HG21 . ILE A 1 52 ? -1.572  1.509   0.418   1.00 18.52 ? 132 ILE A HG21 1 
ATOM   797 H HG22 . ILE A 1 52 ? -2.621  2.684   0.623   1.00 18.52 ? 132 ILE A HG22 1 
ATOM   798 H HG23 . ILE A 1 52 ? -2.924  1.238   1.208   1.00 18.52 ? 132 ILE A HG23 1 
ATOM   799 H HD11 . ILE A 1 52 ? -1.825  -1.601  -1.515  1.00 20.34 ? 132 ILE A HD11 1 
ATOM   800 H HD12 . ILE A 1 52 ? -1.299  -0.141  -1.856  1.00 20.34 ? 132 ILE A HD12 1 
ATOM   801 H HD13 . ILE A 1 52 ? -1.324  -0.644  -0.350  1.00 20.34 ? 132 ILE A HD13 1 
ATOM   802 N N    . PRO A 1 53 ? -5.137  2.196   -3.195  1.00 15.77 ? 133 PRO A N    1 
ATOM   803 C CA   . PRO A 1 53 ? -5.619  1.746   -4.510  1.00 16.97 ? 133 PRO A CA   1 
ATOM   804 C C    . PRO A 1 53 ? -4.717  0.650   -5.066  1.00 14.74 ? 133 PRO A C    1 
ATOM   805 O O    . PRO A 1 53 ? -3.493  0.791   -5.099  1.00 15.83 ? 133 PRO A O    1 
ATOM   806 C CB   . PRO A 1 53 ? -5.565  3.015   -5.361  1.00 18.39 ? 133 PRO A CB   1 
ATOM   807 C CG   . PRO A 1 53 ? -4.544  3.845   -4.737  1.00 17.62 ? 133 PRO A CG   1 
ATOM   808 C CD   . PRO A 1 53 ? -4.497  3.518   -3.267  1.00 17.18 ? 133 PRO A CD   1 
ATOM   809 H HA   . PRO A 1 53 ? -6.532  1.426   -4.453  1.00 20.36 ? 133 PRO A HA   1 
ATOM   810 H HB2  . PRO A 1 53 ? -5.315  2.788   -6.270  1.00 22.06 ? 133 PRO A HB2  1 
ATOM   811 H HB3  . PRO A 1 53 ? -6.427  3.458   -5.341  1.00 22.06 ? 133 PRO A HB3  1 
ATOM   812 H HG2  . PRO A 1 53 ? -3.687  3.652   -5.146  1.00 21.15 ? 133 PRO A HG2  1 
ATOM   813 H HG3  . PRO A 1 53 ? -4.773  4.779   -4.864  1.00 21.15 ? 133 PRO A HG3  1 
ATOM   814 H HD2  . PRO A 1 53 ? -3.577  3.466   -2.961  1.00 20.61 ? 133 PRO A HD2  1 
ATOM   815 H HD3  . PRO A 1 53 ? -5.005  4.169   -2.758  1.00 20.61 ? 133 PRO A HD3  1 
ATOM   816 N N    . SER A 1 54 ? -5.334  -0.430  -5.538  1.00 17.11 ? 134 SER A N    1 
ATOM   817 C CA   . SER A 1 54 ? -4.585  -1.598  -5.966  1.00 17.15 ? 134 SER A CA   1 
ATOM   818 C C    . SER A 1 54 ? -3.714  -1.298  -7.175  1.00 16.99 ? 134 SER A C    1 
ATOM   819 O O    . SER A 1 54 ? -2.701  -1.970  -7.395  1.00 18.03 ? 134 SER A O    1 
ATOM   820 C CB   . SER A 1 54 ? -5.537  -2.754  -6.266  1.00 20.44 ? 134 SER A CB   1 
ATOM   821 O OG   . SER A 1 54 ? -6.406  -2.460  -7.335  1.00 22.04 ? 134 SER A OG   1 
ATOM   822 H H    . SER A 1 54 ? -6.186  -0.508  -5.619  1.00 20.54 ? 134 SER A H    1 
ATOM   823 H HA   . SER A 1 54 ? -4.002  -1.876  -5.242  1.00 20.59 ? 134 SER A HA   1 
ATOM   824 H HB2  . SER A 1 54 ? -5.012  -3.533  -6.502  1.00 24.53 ? 134 SER A HB2  1 
ATOM   825 H HB3  . SER A 1 54 ? -6.065  -2.938  -5.474  1.00 24.53 ? 134 SER A HB3  1 
ATOM   826 H HG   . SER A 1 54 ? -6.871  -1.784  -7.151  1.00 26.45 ? 134 SER A HG   1 
ATOM   827 N N    . ASN A 1 55 ? -4.103  -0.318  -7.978  1.00 16.79 ? 135 ASN A N    1 
ATOM   828 C CA   . ASN A 1 55 ? -3.379  -0.016  -9.188  1.00 18.14 ? 135 ASN A CA   1 
ATOM   829 C C    . ASN A 1 55 ? -2.158  0.841   -8.921  1.00 17.48 ? 135 ASN A C    1 
ATOM   830 O O    . ASN A 1 55 ? -1.502  1.254   -9.874  1.00 19.91 ? 135 ASN A O    1 
ATOM   831 C CB   . ASN A 1 55 ? -4.285  0.634   -10.232 1.00 20.88 ? 135 ASN A CB   1 
ATOM   832 C CG   . ASN A 1 55 ? -4.674  2.053   -9.874  1.00 23.12 ? 135 ASN A CG   1 
ATOM   833 O OD1  . ASN A 1 55 ? -5.047  2.350   -8.740  1.00 21.80 ? 135 ASN A OD1  1 
ATOM   834 N ND2  . ASN A 1 55 ? -4.565  2.953   -10.849 1.00 27.29 ? 135 ASN A ND2  1 
ATOM   835 H H    . ASN A 1 55 ? -4.787  0.185   -7.840  1.00 20.15 ? 135 ASN A H    1 
ATOM   836 H HA   . ASN A 1 55 ? -3.066  -0.850  -9.568  1.00 21.77 ? 135 ASN A HA   1 
ATOM   837 H HB2  . ASN A 1 55 ? -3.820  0.656   -11.083 1.00 25.06 ? 135 ASN A HB2  1 
ATOM   838 H HB3  . ASN A 1 55 ? -5.098  0.112   -10.312 1.00 25.06 ? 135 ASN A HB3  1 
ATOM   839 H HD21 . ASN A 1 55 ? -4.296  2.710   -11.629 1.00 32.74 ? 135 ASN A HD21 1 
ATOM   840 H HD22 . ASN A 1 55 ? -4.770  3.774   -10.701 1.00 32.74 ? 135 ASN A HD22 1 
ATOM   841 N N    . TYR A 1 56 ? -1.850  1.152   -7.665  1.00 15.59 ? 136 TYR A N    1 
ATOM   842 C CA   . TYR A 1 56 ? -0.634  1.892   -7.349  1.00 16.23 ? 136 TYR A CA   1 
ATOM   843 C C    . TYR A 1 56 ? 0.510   1.019   -6.861  1.00 16.13 ? 136 TYR A C    1 
ATOM   844 O O    . TYR A 1 56 ? 1.554   1.563   -6.516  1.00 16.49 ? 136 TYR A O    1 
ATOM   845 C CB   . TYR A 1 56 ? -0.898  2.969   -6.287  1.00 15.26 ? 136 TYR A CB   1 
ATOM   846 C CG   . TYR A 1 56 ? -1.413  4.289   -6.804  1.00 16.24 ? 136 TYR A CG   1 
ATOM   847 C CD1  . TYR A 1 56 ? -2.563  4.357   -7.569  1.00 17.25 ? 136 TYR A CD1  1 
ATOM   848 C CD2  . TYR A 1 56 ? -0.773  5.474   -6.498  1.00 17.79 ? 136 TYR A CD2  1 
ATOM   849 C CE1  . TYR A 1 56 ? -3.032  5.556   -8.040  1.00 19.91 ? 136 TYR A CE1  1 
ATOM   850 C CE2  . TYR A 1 56 ? -1.213  6.672   -6.967  1.00 19.98 ? 136 TYR A CE2  1 
ATOM   851 C CZ   . TYR A 1 56 ? -2.372  6.711   -7.728  1.00 20.45 ? 136 TYR A CZ   1 
ATOM   852 O OH   . TYR A 1 56 ? -2.859  7.895   -8.216  1.00 24.68 ? 136 TYR A OH   1 
ATOM   853 H H    . TYR A 1 56 ? -2.326  0.948   -6.979  1.00 18.71 ? 136 TYR A H    1 
ATOM   854 H HA   . TYR A 1 56 ? -0.330  2.346   -8.149  1.00 19.48 ? 136 TYR A HA   1 
ATOM   855 H HB2  . TYR A 1 56 ? -1.557  2.627   -5.663  1.00 18.31 ? 136 TYR A HB2  1 
ATOM   856 H HB3  . TYR A 1 56 ? -0.071  3.148   -5.815  1.00 18.31 ? 136 TYR A HB3  1 
ATOM   857 H HD1  . TYR A 1 56 ? -3.017  3.574   -7.782  1.00 20.70 ? 136 TYR A HD1  1 
ATOM   858 H HD2  . TYR A 1 56 ? 0.003   5.448   -5.987  1.00 21.35 ? 136 TYR A HD2  1 
ATOM   859 H HE1  . TYR A 1 56 ? -3.804  5.585   -8.559  1.00 23.89 ? 136 TYR A HE1  1 
ATOM   860 H HE2  . TYR A 1 56 ? -0.763  7.458   -6.750  1.00 23.97 ? 136 TYR A HE2  1 
ATOM   861 H HH   . TYR A 1 56 ? -2.375  8.533   -7.961  1.00 29.62 ? 136 TYR A HH   1 
ATOM   862 N N    . VAL A 1 57 ? 0.346   -0.310  -6.802  1.00 16.20 ? 137 VAL A N    1 
ATOM   863 C CA   . VAL A 1 57 ? 1.376   -1.179  -6.245  1.00 15.45 ? 137 VAL A CA   1 
ATOM   864 C C    . VAL A 1 57 ? 1.591   -2.404  -7.126  1.00 14.92 ? 137 VAL A C    1 
ATOM   865 O O    . VAL A 1 57 ? 0.726   -2.775  -7.918  1.00 17.03 ? 137 VAL A O    1 
ATOM   866 C CB   . VAL A 1 57 ? 1.067   -1.618  -4.793  1.00 15.58 ? 137 VAL A CB   1 
ATOM   867 C CG1  . VAL A 1 57 ? 1.002   -0.442  -3.862  1.00 16.84 ? 137 VAL A CG1  1 
ATOM   868 C CG2  . VAL A 1 57 ? -0.257  -2.389  -4.708  1.00 15.72 ? 137 VAL A CG2  1 
ATOM   869 H H    . VAL A 1 57 ? -0.353  -0.726  -7.079  1.00 19.44 ? 137 VAL A H    1 
ATOM   870 H HA   . VAL A 1 57 ? 2.214   -0.691  -6.225  1.00 18.54 ? 137 VAL A HA   1 
ATOM   871 H HB   . VAL A 1 57 ? 1.776   -2.205  -4.483  1.00 18.70 ? 137 VAL A HB   1 
ATOM   872 H HG11 . VAL A 1 57 ? 0.561   0.298   -4.305  1.00 20.21 ? 137 VAL A HG11 1 
ATOM   873 H HG12 . VAL A 1 57 ? 0.502   -0.697  -3.071  1.00 20.21 ? 137 VAL A HG12 1 
ATOM   874 H HG13 . VAL A 1 57 ? 1.904   -0.190  -3.610  1.00 20.21 ? 137 VAL A HG13 1 
ATOM   875 H HG21 . VAL A 1 57 ? -0.424  -2.630  -3.783  1.00 18.86 ? 137 VAL A HG21 1 
ATOM   876 H HG22 . VAL A 1 57 ? -0.973  -1.824  -5.038  1.00 18.86 ? 137 VAL A HG22 1 
ATOM   877 H HG23 . VAL A 1 57 ? -0.192  -3.191  -5.249  1.00 18.86 ? 137 VAL A HG23 1 
ATOM   878 N N    . ALA A 1 58 ? 2.746   -3.052  -6.965  1.00 14.22 ? 138 ALA A N    1 
ATOM   879 C CA   . ALA A 1 58 ? 3.060   -4.268  -7.682  1.00 13.97 ? 138 ALA A CA   1 
ATOM   880 C C    . ALA A 1 58 ? 3.914   -5.153  -6.796  1.00 14.79 ? 138 ALA A C    1 
ATOM   881 O O    . ALA A 1 58 ? 4.698   -4.635  -5.987  1.00 16.65 ? 138 ALA A O    1 
ATOM   882 C CB   . ALA A 1 58 ? 3.871   -3.961  -8.944  1.00 15.00 ? 138 ALA A CB   1 
ATOM   883 H H    . ALA A 1 58 ? 3.370   -2.794  -6.433  1.00 17.07 ? 138 ALA A H    1 
ATOM   884 H HA   . ALA A 1 58 ? 2.244   -4.729  -7.926  1.00 16.76 ? 138 ALA A HA   1 
ATOM   885 H HB1  . ALA A 1 58 ? 4.710   -3.547  -8.687  1.00 18.00 ? 138 ALA A HB1  1 
ATOM   886 H HB2  . ALA A 1 58 ? 4.043   -4.790  -9.417  1.00 18.00 ? 138 ALA A HB2  1 
ATOM   887 H HB3  . ALA A 1 58 ? 3.362   -3.358  -9.507  1.00 18.00 ? 138 ALA A HB3  1 
ATOM   888 N N    . PRO A 1 59 ? 3.833   -6.475  -6.958  1.00 15.26 ? 139 PRO A N    1 
ATOM   889 C CA   . PRO A 1 59 ? 4.788   -7.349  -6.258  1.00 16.63 ? 139 PRO A CA   1 
ATOM   890 C C    . PRO A 1 59 ? 6.206   -6.945  -6.609  1.00 17.71 ? 139 PRO A C    1 
ATOM   891 O O    . PRO A 1 59 ? 6.512   -6.609  -7.750  1.00 19.14 ? 139 PRO A O    1 
ATOM   892 C CB   . PRO A 1 59 ? 4.462   -8.743  -6.804  1.00 17.44 ? 139 PRO A CB   1 
ATOM   893 C CG   . PRO A 1 59 ? 3.044   -8.650  -7.216  1.00 17.31 ? 139 PRO A CG   1 
ATOM   894 C CD   . PRO A 1 59 ? 2.877   -7.254  -7.759  1.00 15.48 ? 139 PRO A CD   1 
ATOM   895 H HA   . PRO A 1 59 ? 4.655   -7.322  -5.298  1.00 19.96 ? 139 PRO A HA   1 
ATOM   896 H HB2  . PRO A 1 59 ? 5.031   -8.940  -7.564  1.00 20.93 ? 139 PRO A HB2  1 
ATOM   897 H HB3  . PRO A 1 59 ? 4.576   -9.406  -6.104  1.00 20.93 ? 139 PRO A HB3  1 
ATOM   898 H HG2  . PRO A 1 59 ? 2.860   -9.309  -7.904  1.00 20.77 ? 139 PRO A HG2  1 
ATOM   899 H HG3  . PRO A 1 59 ? 2.470   -8.789  -6.446  1.00 20.77 ? 139 PRO A HG3  1 
ATOM   900 H HD2  . PRO A 1 59 ? 3.117   -7.225  -8.698  1.00 18.57 ? 139 PRO A HD2  1 
ATOM   901 H HD3  . PRO A 1 59 ? 1.971   -6.940  -7.611  1.00 18.57 ? 139 PRO A HD3  1 
ATOM   902 N N    . SER A 1 60 ? 7.083   -6.984  -5.618  1.00 19.40 ? 140 SER A N    1 
ATOM   903 C CA   . SER A 1 60 ? 8.454   -6.584  -5.859  1.00 22.35 ? 140 SER A CA   1 
ATOM   904 C C    . SER A 1 60 ? 9.402   -7.769  -5.904  1.00 24.06 ? 140 SER A C    1 
ATOM   905 O O    . SER A 1 60 ? 10.574  -7.586  -6.237  1.00 26.98 ? 140 SER A O    1 
ATOM   906 C CB   . SER A 1 60 ? 8.897   -5.595  -4.783  1.00 28.76 ? 140 SER A CB   1 
ATOM   907 O OG   . SER A 1 60 ? 8.826   -6.196  -3.507  1.00 33.15 ? 140 SER A OG   1 
ATOM   908 H H    . SER A 1 60 ? 6.912   -7.233  -4.812  1.00 23.29 ? 140 SER A H    1 
ATOM   909 H HA   . SER A 1 60 ? 8.512   -6.129  -6.712  1.00 26.82 ? 140 SER A HA   1 
ATOM   910 H HB2  . SER A 1 60 ? 9.813   -5.326  -4.957  1.00 34.51 ? 140 SER A HB2  1 
ATOM   911 H HB3  . SER A 1 60 ? 8.312   -4.822  -4.803  1.00 34.51 ? 140 SER A HB3  1 
ATOM   912 H HG   . SER A 1 60 ? 9.055   -5.644  -2.917  1.00 39.78 ? 140 SER A HG   1 
HETATM 913 N N    . GLY B 2 .  ? 11.167  -8.503  -0.220  1.00 57.71 ? 201 GLY A N    1 
HETATM 914 C CA   . GLY B 2 .  ? 12.022  -8.300  -1.377  0.91 59.91 ? 201 GLY A CA   1 
HETATM 915 C C    . GLY B 2 .  ? 11.593  -7.077  -2.171  0.86 57.68 ? 201 GLY A C    1 
HETATM 916 O O    . GLY B 2 .  ? 10.551  -6.530  -1.829  0.86 52.74 ? 201 GLY A O    1 
HETATM 917 O OXT  . GLY B 2 .  ? 12.227  -6.614  -3.145  0.83 55.00 ? 201 GLY A OXT  1 
HETATM 918 H HA2  . GLY B 2 .  ? 12.939  -8.176  -1.088  0.95 71.89 ? 201 GLY A HA2  1 
HETATM 919 H HA3  . GLY B 2 .  ? 11.980  -9.077  -1.955  0.89 71.89 ? 201 GLY A HA3  1 
HETATM 920 O O    . HOH C 3 .  ? -13.085 -2.944  3.988   1.00 32.44 ? 301 HOH A O    1 
HETATM 921 O O    . HOH C 3 .  ? -9.970  -1.277  -12.074 1.00 26.99 ? 302 HOH A O    1 
HETATM 922 O O    . HOH C 3 .  ? 1.399   -9.046  1.053   1.00 17.84 ? 303 HOH A O    1 
HETATM 923 O O    . HOH C 3 .  ? 3.390   4.897   4.578   1.00 23.34 ? 304 HOH A O    1 
HETATM 924 O O    . HOH C 3 .  ? -8.009  15.325  11.150  1.00 29.35 ? 305 HOH A O    1 
HETATM 925 O O    . HOH C 3 .  ? -9.975  5.008   3.820   1.00 15.26 ? 306 HOH A O    1 
HETATM 926 O O    . HOH C 3 .  ? -7.282  9.574   -2.785  1.00 28.23 ? 307 HOH A O    1 
HETATM 927 O O    . HOH C 3 .  ? -6.505  10.380  11.641  1.00 44.77 ? 308 HOH A O    1 
HETATM 928 O O    . HOH C 3 .  ? -13.844 -3.346  -7.690  1.00 30.61 ? 309 HOH A O    1 
HETATM 929 O O    . HOH C 3 .  ? 6.163   3.876   -11.859 1.00 23.17 ? 310 HOH A O    1 
HETATM 930 O O    . HOH C 3 .  ? -1.285  -4.517  -7.477  1.00 24.76 ? 311 HOH A O    1 
HETATM 931 O O    . HOH C 3 .  ? 8.262   10.118  -6.107  1.00 30.10 ? 312 HOH A O    1 
HETATM 932 O O    . HOH C 3 .  ? -7.738  15.285  5.515   1.00 30.00 ? 313 HOH A O    1 
HETATM 933 O O    . HOH C 3 .  ? 8.586   -10.837 0.152   1.00 27.54 ? 314 HOH A O    1 
HETATM 934 O O    . HOH C 3 .  ? 4.246   13.572  -3.969  1.00 32.78 ? 315 HOH A O    1 
HETATM 935 O O    . HOH C 3 .  ? -8.360  -6.618  -0.100  1.00 32.20 ? 316 HOH A O    1 
HETATM 936 O O    . HOH C 3 .  ? 1.453   10.308  -8.009  1.00 37.32 ? 317 HOH A O    1 
HETATM 937 O O    . HOH C 3 .  ? -6.814  4.410   -8.211  1.00 27.60 ? 318 HOH A O    1 
HETATM 938 O O    . HOH C 3 .  ? -12.312 7.439   7.308   1.00 16.68 ? 319 HOH A O    1 
HETATM 939 O O    . HOH C 3 .  ? 5.413   7.458   3.269   1.00 33.54 ? 320 HOH A O    1 
HETATM 940 O O    . HOH C 3 .  ? 10.056  -7.525  2.260   1.00 25.85 ? 321 HOH A O    1 
HETATM 941 O O    . HOH C 3 .  ? -5.062  -10.509 8.107   1.00 15.53 ? 322 HOH A O    1 
HETATM 942 O O    . HOH C 3 .  ? 4.142   -2.429  11.924  1.00 20.88 ? 323 HOH A O    1 
HETATM 943 O O    . HOH C 3 .  ? -5.965  3.879   8.975   1.00 35.41 ? 324 HOH A O    1 
HETATM 944 O O    . HOH C 3 .  ? 5.282   -5.815  8.685   1.00 25.21 ? 325 HOH A O    1 
HETATM 945 O O    . HOH C 3 .  ? -0.367  7.172   5.884   1.00 26.49 ? 326 HOH A O    1 
HETATM 946 O O    . HOH C 3 .  ? -8.690  -11.378 5.668   1.00 19.74 ? 327 HOH A O    1 
HETATM 947 O O    . HOH C 3 .  ? -5.958  -6.447  1.628   1.00 16.30 ? 328 HOH A O    1 
HETATM 948 O O    . HOH C 3 .  ? 6.666   -1.505  9.170   1.00 24.22 ? 329 HOH A O    1 
HETATM 949 O O    . HOH C 3 .  ? -3.726  9.154   4.190   1.00 24.14 ? 330 HOH A O    1 
HETATM 950 O O    . HOH C 3 .  ? 10.348  7.993   -5.213  1.00 23.06 ? 331 HOH A O    1 
HETATM 951 O O    . HOH C 3 .  ? -3.758  9.532   8.591   1.00 35.77 ? 332 HOH A O    1 
HETATM 952 O O    . HOH C 3 .  ? 1.836   -13.335 0.255   1.00 35.96 ? 333 HOH A O    1 
HETATM 953 O O    . HOH C 3 .  ? -2.814  6.642   7.594   1.00 41.45 ? 334 HOH A O    1 
HETATM 954 O O    . HOH C 3 .  ? -7.319  11.935  -1.576  1.00 21.67 ? 335 HOH A O    1 
HETATM 955 O O    . HOH C 3 .  ? -5.761  6.168   10.174  1.00 43.58 ? 336 HOH A O    1 
HETATM 956 O O    . HOH C 3 .  ? 2.826   7.645   5.454   1.00 41.72 ? 337 HOH A O    1 
HETATM 957 O O    . HOH C 3 .  ? 5.383   -8.900  2.761   1.00 37.81 ? 338 HOH A O    1 
HETATM 958 O O    . HOH C 3 .  ? -9.059  -5.130  1.938   1.00 20.40 ? 339 HOH A O    1 
HETATM 959 O O    . HOH C 3 .  ? 4.931   9.478   -8.514  1.00 28.00 ? 340 HOH A O    1 
HETATM 960 O O    . HOH C 3 .  ? 0.743   -14.403 -2.727  1.00 48.61 ? 341 HOH A O    1 
HETATM 961 O O    . HOH C 3 .  ? -2.097  2.160   11.641  1.00 23.37 ? 342 HOH A O    1 
HETATM 962 O O    . HOH C 3 .  ? -4.691  -12.635 -2.055  1.00 36.64 ? 343 HOH A O    1 
HETATM 963 O O    . HOH C 3 .  ? 7.766   4.512   11.622  1.00 34.84 ? 344 HOH A O    1 
HETATM 964 O O    . HOH C 3 .  ? 8.099   -10.225 -2.835  1.00 30.00 ? 345 HOH A O    1 
HETATM 965 O O    . HOH C 3 .  ? -4.763  7.761   -10.750 1.00 33.64 ? 346 HOH A O    1 
HETATM 966 O O    . HOH C 3 .  ? -9.374  -12.576 3.608   1.00 33.82 ? 347 HOH A O    1 
HETATM 967 O O    . HOH C 3 .  ? 13.385  -9.087  -6.913  1.00 28.77 ? 348 HOH A O    1 
HETATM 968 O O    . HOH C 3 .  ? 3.606   -0.714  13.707  1.00 34.93 ? 349 HOH A O    1 
HETATM 969 O O    . HOH C 3 .  ? 11.142  7.889   -7.824  1.00 34.21 ? 350 HOH A O    1 
HETATM 970 O O    . HOH C 3 .  ? -4.355  -13.480 0.529   1.00 37.24 ? 351 HOH A O    1 
HETATM 971 O O    . HOH C 3 .  ? -8.375  2.175   -7.575  1.00 28.73 ? 352 HOH A O    1 
HETATM 972 O O    . HOH C 3 .  ? 0.362   2.664   12.964  1.00 39.92 ? 353 HOH A O    1 
HETATM 973 O O    . HOH C 3 .  ? -11.051 2.125   -8.383  1.00 29.13 ? 354 HOH A O    1 
HETATM 974 O O    . HOH C 3 .  ? -14.018 -6.840  -6.783  1.00 41.02 ? 355 HOH A O    1 
HETATM 975 O O    . HOH C 3 .  ? -0.366  -11.735 -2.808  1.00 28.57 ? 356 HOH A O    1 
HETATM 976 O O    . HOH C 3 .  ? 14.972  -8.418  0.441   1.00 38.05 ? 357 HOH A O    1 
HETATM 977 O O    . HOH C 3 .  ? 7.702   -10.328 -7.956  1.00 30.00 ? 358 HOH A O    1 
HETATM 978 O O    . HOH C 3 .  ? 2.723   -12.150 -6.202  1.00 45.17 ? 359 HOH A O    1 
HETATM 979 O O    . HOH C 3 .  ? 5.660   -12.207 -5.581  1.00 40.12 ? 360 HOH A O    1 
HETATM 980 O O    . HOH C 3 .  ? 6.071   5.946   -13.332 1.00 32.13 ? 361 HOH A O    1 
HETATM 981 O O    . HOH C 3 .  ? -8.885  16.402  -3.373  1.00 28.13 ? 362 HOH A O    1 
HETATM 982 O O    . HOH C 3 .  ? 1.865   13.056  -4.959  0.50 32.02 ? 363 HOH A O    1 
HETATM 983 O O    . HOH C 3 .  ? -0.114  -11.262 -0.152  1.00 27.50 ? 364 HOH A O    1 
HETATM 984 O O    . HOH C 3 .  ? 9.102   -11.573 -5.094  1.00 30.00 ? 365 HOH A O    1 
HETATM 985 O O    . HOH C 3 .  ? 0.289   -11.158 -5.517  1.00 37.80 ? 366 HOH A O    1 
HETATM 986 O O    . HOH C 3 .  ? -7.815  3.383   11.358  1.00 43.33 ? 367 HOH A O    1 
# 
loop_
_atom_site_anisotrop.id 
_atom_site_anisotrop.type_symbol 
_atom_site_anisotrop.pdbx_label_atom_id 
_atom_site_anisotrop.pdbx_label_alt_id 
_atom_site_anisotrop.pdbx_label_comp_id 
_atom_site_anisotrop.pdbx_label_asym_id 
_atom_site_anisotrop.pdbx_label_seq_id 
_atom_site_anisotrop.pdbx_PDB_ins_code 
_atom_site_anisotrop.U[1][1] 
_atom_site_anisotrop.U[2][2] 
_atom_site_anisotrop.U[3][3] 
_atom_site_anisotrop.U[1][2] 
_atom_site_anisotrop.U[1][3] 
_atom_site_anisotrop.U[2][3] 
_atom_site_anisotrop.pdbx_auth_seq_id 
_atom_site_anisotrop.pdbx_auth_comp_id 
_atom_site_anisotrop.pdbx_auth_asym_id 
_atom_site_anisotrop.pdbx_auth_atom_id 
1   N N   . VAL A 3  ? 0.3765 0.3765 0.3765 0.0000  0.0000  0.0000  83  VAL A N   
2   C CA  . VAL A 3  ? 0.3765 0.3765 0.3765 0.0000  0.0000  0.0000  83  VAL A CA  
3   C C   . VAL A 3  ? 0.3765 0.3765 0.3765 0.0000  0.0000  0.0000  83  VAL A C   
4   O O   . VAL A 3  ? 0.3765 0.3765 0.3765 0.0000  0.0000  0.0000  83  VAL A O   
5   C CB  . VAL A 3  ? 0.3769 0.3769 0.3769 0.0000  0.0000  0.0000  83  VAL A CB  
7   N N   . THR A 4  ? 0.3843 0.4012 0.4441 0.0206  -0.0418 0.0369  84  THR A N   
8   C CA  . THR A 4  ? 0.3802 0.3789 0.4129 0.0108  -0.0444 0.0051  84  THR A CA  
9   C C   . THR A 4  ? 0.3263 0.3322 0.3169 0.0073  -0.0241 -0.0115 84  THR A C   
10  O O   . THR A 4  ? 0.3169 0.3617 0.3092 -0.0087 -0.0035 -0.0105 84  THR A O   
11  C CB  . THR A 4  ? 0.4249 0.3935 0.4655 0.0150  -0.0670 -0.0108 84  THR A CB  
12  O OG1 . THR A 4  ? 0.4503 0.4219 0.5069 -0.0003 -0.0812 -0.0040 84  THR A OG1 
13  C CG2 . THR A 4  ? 0.4330 0.4173 0.4764 0.0220  -0.0759 -0.0029 84  THR A CG2 
21  N N   . THR A 5  ? 0.2937 0.2655 0.2533 0.0022  -0.0268 -0.0107 85  THR A N   
22  C CA  . THR A 5  ? 0.2815 0.2411 0.2120 0.0237  -0.0031 -0.0275 85  THR A CA  
23  C C   . THR A 5  ? 0.2481 0.2542 0.1748 0.0338  0.0063  -0.0217 85  THR A C   
24  O O   . THR A 5  ? 0.2560 0.2573 0.1992 0.0591  0.0152  -0.0405 85  THR A O   
25  C CB  . THR A 5  ? 0.3322 0.2279 0.2424 -0.0002 -0.0481 -0.0235 85  THR A CB  
26  O OG1 . THR A 5  ? 0.3629 0.2637 0.2424 -0.0087 -0.0635 0.0252  85  THR A OG1 
27  C CG2 . THR A 5  ? 0.3413 0.2349 0.2972 -0.0105 -0.0537 -0.0101 85  THR A CG2 
35  N N   . PHE A 6  ? 0.2102 0.2692 0.1528 0.0097  0.0111  -0.0077 86  PHE A N   
36  C CA  . PHE A 6  ? 0.1718 0.2323 0.1614 -0.0098 -0.0191 -0.0238 86  PHE A CA  
37  C C   . PHE A 6  ? 0.1607 0.2187 0.1635 -0.0060 0.0039  -0.0353 86  PHE A C   
38  O O   . PHE A 6  ? 0.1634 0.2733 0.1635 -0.0216 -0.0052 -0.0065 86  PHE A O   
39  C CB  . PHE A 6  ? 0.1617 0.2238 0.1833 0.0019  -0.0189 -0.0040 86  PHE A CB  
40  C CG  . PHE A 6  ? 0.1750 0.2490 0.1803 -0.0203 -0.0230 -0.0018 86  PHE A CG  
41  C CD1 . PHE A 6  ? 0.1843 0.2763 0.2040 -0.0503 -0.0418 0.0128  86  PHE A CD1 
42  C CD2 . PHE A 6  ? 0.1622 0.2545 0.1793 -0.0204 -0.0169 -0.0139 86  PHE A CD2 
43  C CE1 . PHE A 6  ? 0.2091 0.2836 0.2398 -0.0536 -0.0348 0.0164  86  PHE A CE1 
44  C CE2 . PHE A 6  ? 0.1648 0.2611 0.1954 -0.0190 -0.0071 0.0049  86  PHE A CE2 
45  C CZ  . PHE A 6  ? 0.1818 0.2587 0.2034 -0.0447 -0.0250 -0.0009 86  PHE A CZ  
55  N N   . VAL A 7  ? 0.1520 0.1947 0.1743 0.0060  0.0030  -0.0217 87  VAL A N   
56  C CA  . VAL A 7  ? 0.1482 0.2220 0.2009 0.0201  0.0118  -0.0038 87  VAL A CA  
57  C C   . VAL A 7  ? 0.1372 0.2280 0.2110 0.0017  0.0087  0.0004  87  VAL A C   
58  O O   . VAL A 7  ? 0.1317 0.2185 0.2276 0.0185  0.0162  0.0133  87  VAL A O   
59  C CB  . VAL A 7  ? 0.1393 0.2575 0.2083 -0.0040 -0.0047 -0.0093 87  VAL A CB  
60  C CG1 . VAL A 7  ? 0.1567 0.2593 0.2524 -0.0090 -0.0082 -0.0075 87  VAL A CG1 
61  C CG2 . VAL A 7  ? 0.1042 0.2858 0.2208 -0.0009 0.0163  0.0021  87  VAL A CG2 
71  N N   . ALA A 8  ? 0.1504 0.2179 0.1917 0.0047  0.0008  -0.0190 88  ALA A N   
72  C CA  . ALA A 8  ? 0.1359 0.2174 0.2051 0.0129  -0.0055 -0.0435 88  ALA A CA  
73  C C   . ALA A 8  ? 0.1401 0.1994 0.2351 0.0194  -0.0189 -0.0157 88  ALA A C   
74  O O   . ALA A 8  ? 0.1339 0.2026 0.2014 -0.0010 -0.0201 -0.0080 88  ALA A O   
75  C CB  . ALA A 8  ? 0.1312 0.2550 0.1740 -0.0066 -0.0057 -0.0291 88  ALA A CB  
81  N N   . LEU A 9  ? 0.1512 0.2399 0.2227 0.0169  -0.0125 0.0180  89  LEU A N   
82  C CA  . LEU A 9  ? 0.1776 0.2476 0.2140 0.0328  -0.0098 0.0050  89  LEU A CA  
83  C C   . LEU A 9  ? 0.1772 0.2552 0.2319 -0.0037 0.0123  -0.0025 89  LEU A C   
84  O O   . LEU A 9  ? 0.1891 0.2361 0.2303 0.0027  0.0273  -0.0482 89  LEU A O   
85  C CB  . LEU A 9  ? 0.2104 0.2771 0.2547 0.0240  -0.0124 0.0098  89  LEU A CB  
86  C CG  . LEU A 9  ? 0.2235 0.2940 0.2625 0.0245  0.0060  0.0218  89  LEU A CG  
87  C CD1 . LEU A 9  ? 0.2584 0.3324 0.2644 0.0251  -0.0061 0.0422  89  LEU A CD1 
88  C CD2 . LEU A 9  ? 0.2168 0.3076 0.3073 -0.0002 0.0417  0.0216  89  LEU A CD2 
100 N N   . TYR A 10 ? 0.1643 0.2515 0.2377 0.0014  0.0068  -0.0191 90  TYR A N   
101 C CA  . TYR A 10 ? 0.1681 0.2368 0.2311 -0.0139 0.0183  -0.0379 90  TYR A CA  
102 C C   . TYR A 10 ? 0.1633 0.2403 0.2180 -0.0223 0.0203  -0.0103 90  TYR A C   
103 O O   . TYR A 10 ? 0.1722 0.2495 0.2288 -0.0437 0.0246  -0.0109 90  TYR A O   
104 C CB  . TYR A 10 ? 0.2037 0.2416 0.2418 -0.0093 -0.0013 -0.0435 90  TYR A CB  
105 C CG  . TYR A 10 ? 0.2041 0.2552 0.2290 -0.0024 -0.0025 -0.0244 90  TYR A CG  
106 C CD1 . TYR A 10 ? 0.2211 0.2881 0.2201 -0.0004 -0.0044 -0.0074 90  TYR A CD1 
107 C CD2 . TYR A 10 ? 0.2018 0.2541 0.2266 0.0051  0.0066  -0.0099 90  TYR A CD2 
108 C CE1 . TYR A 10 ? 0.2197 0.2862 0.2267 0.0021  -0.0121 -0.0041 90  TYR A CE1 
109 C CE2 . TYR A 10 ? 0.2075 0.2757 0.2182 0.0079  -0.0162 -0.0110 90  TYR A CE2 
110 C CZ  . TYR A 10 ? 0.2246 0.2723 0.2181 -0.0112 -0.0305 -0.0251 90  TYR A CZ  
111 O OH  . TYR A 10 ? 0.2414 0.2775 0.2489 -0.0285 -0.0352 -0.0213 90  TYR A OH  
121 N N   . ASP A 11 ? 0.1759 0.2316 0.2293 -0.0163 0.0065  -0.0320 91  ASP A N   
122 C CA  . ASP A 11 ? 0.1654 0.2211 0.2398 -0.0186 0.0347  -0.0564 91  ASP A CA  
123 C C   . ASP A 11 ? 0.1590 0.2310 0.2534 -0.0077 0.0424  -0.0297 91  ASP A C   
124 O O   . ASP A 11 ? 0.1787 0.2934 0.2229 0.0008  0.0496  -0.0123 91  ASP A O   
125 C CB  . ASP A 11 ? 0.1700 0.2235 0.3098 -0.0178 0.0242  -0.0795 91  ASP A CB  
126 C CG  . ASP A 11 ? 0.1722 0.2888 0.3688 -0.0333 0.0255  -0.0642 91  ASP A CG  
127 O OD1 . ASP A 11 ? 0.1398 0.2869 0.3634 -0.0402 0.0459  -0.0930 91  ASP A OD1 
128 O OD2 . ASP A 11 ? 0.2090 0.3072 0.4117 -0.0007 0.0317  -0.0679 91  ASP A OD2 
133 N N   . TYR A 12 ? 0.1385 0.2214 0.2766 0.0094  0.0292  -0.0219 92  TYR A N   
134 C CA  . TYR A 12 ? 0.1446 0.2128 0.2488 -0.0026 0.0146  -0.0139 92  TYR A CA  
135 C C   . TYR A 12 ? 0.1725 0.1987 0.3003 0.0180  0.0523  -0.0049 92  TYR A C   
136 O O   . TYR A 12 ? 0.1939 0.1784 0.2979 -0.0039 0.0334  -0.0155 92  TYR A O   
137 C CB  . TYR A 12 ? 0.1622 0.2063 0.2108 -0.0021 -0.0074 -0.0173 92  TYR A CB  
138 C CG  . TYR A 12 ? 0.1654 0.1977 0.2500 0.0140  0.0182  0.0060  92  TYR A CG  
139 C CD1 . TYR A 12 ? 0.1539 0.2225 0.2710 0.0237  0.0152  0.0237  92  TYR A CD1 
140 C CD2 . TYR A 12 ? 0.1746 0.1776 0.2764 -0.0116 0.0168  0.0014  92  TYR A CD2 
141 C CE1 . TYR A 12 ? 0.1558 0.2495 0.2505 0.0153  0.0281  0.0384  92  TYR A CE1 
142 C CE2 . TYR A 12 ? 0.1712 0.1817 0.2454 -0.0150 0.0021  -0.0250 92  TYR A CE2 
143 C CZ  . TYR A 12 ? 0.1510 0.2011 0.2273 -0.0088 0.0223  0.0069  92  TYR A CZ  
144 O OH  . TYR A 12 ? 0.1609 0.2606 0.1883 -0.0023 0.0206  0.0051  92  TYR A OH  
154 N N   . GLU A 13 ? 0.2081 0.2187 0.3368 0.0079  0.0873  -0.0039 93  GLU A N   
155 C CA  . GLU A 13 ? 0.2164 0.1959 0.3707 -0.0120 0.0773  -0.0463 93  GLU A CA  
156 C C   . GLU A 13 ? 0.1905 0.2229 0.3502 0.0136  0.0691  -0.0112 93  GLU A C   
157 O O   . GLU A 13 ? 0.2194 0.2751 0.3665 0.0352  0.0894  0.0487  93  GLU A O   
158 C CB  . GLU A 13 ? 0.2798 0.2562 0.4507 -0.0267 0.0640  -0.0334 93  GLU A CB  
159 C CG  . GLU A 13 ? 0.3391 0.3540 0.4933 -0.0533 0.0284  -0.0113 93  GLU A CG  
160 C CD  . GLU A 13 ? 0.3794 0.4432 0.4928 -0.0690 -0.0096 -0.0177 93  GLU A CD  
161 O OE1 . GLU A 13 ? 0.3791 0.4634 0.4973 -0.1038 -0.0564 -0.0499 93  GLU A OE1 
162 O OE2 . GLU A 13 ? 0.4096 0.4953 0.4739 -0.0584 0.0007  0.0051  93  GLU A OE2 
169 N N   . SER A 14 ? 0.1538 0.2087 0.3105 -0.0170 0.0284  -0.0273 94  SER A N   
170 C CA  . SER A 14 ? 0.1455 0.2078 0.2670 -0.0230 0.0185  -0.0457 94  SER A CA  
171 C C   . SER A 14 ? 0.1483 0.2079 0.2336 -0.0125 0.0084  -0.0441 94  SER A C   
172 O O   . SER A 14 ? 0.1490 0.2688 0.2420 0.0118  0.0009  -0.0104 94  SER A O   
173 C CB  . SER A 14 ? 0.1433 0.2281 0.2460 -0.0241 0.0210  -0.0431 94  SER A CB  
174 O OG  . SER A 14 ? 0.1182 0.2732 0.2550 0.0081  0.0286  -0.0112 94  SER A OG  
180 N N   . TRP A 15 ? 0.1430 0.2035 0.2308 -0.0008 0.0257  -0.0140 95  TRP A N   
181 C CA  . TRP A 15 ? 0.1706 0.1673 0.2621 -0.0015 0.0160  -0.0343 95  TRP A CA  
182 C C   . TRP A 15 ? 0.1527 0.1743 0.2315 -0.0189 0.0183  -0.0296 95  TRP A C   
183 O O   . TRP A 15 ? 0.1808 0.1922 0.2465 -0.0084 0.0169  -0.0218 95  TRP A O   
184 C CB  . TRP A 15 ? 0.1834 0.1929 0.2835 0.0065  -0.0076 -0.0185 95  TRP A CB  
185 C CG  . TRP A 15 ? 0.1949 0.2322 0.2733 0.0074  -0.0091 -0.0022 95  TRP A CG  
186 C CD1 . TRP A 15 ? 0.1924 0.2801 0.2613 0.0199  -0.0210 0.0333  95  TRP A CD1 
187 C CD2 . TRP A 15 ? 0.2299 0.2550 0.2827 -0.0091 -0.0233 0.0123  95  TRP A CD2 
188 N NE1 . TRP A 15 ? 0.2117 0.2801 0.2718 -0.0066 -0.0171 0.0475  95  TRP A NE1 
189 C CE2 . TRP A 15 ? 0.2226 0.3206 0.2577 0.0122  -0.0125 0.0665  95  TRP A CE2 
190 C CE3 . TRP A 15 ? 0.2506 0.2749 0.2985 0.0020  -0.0024 0.0441  95  TRP A CE3 
191 C CZ2 . TRP A 15 ? 0.2571 0.3362 0.2643 0.0100  0.0134  0.1055  95  TRP A CZ2 
192 C CZ3 . TRP A 15 ? 0.2635 0.2931 0.3026 -0.0072 -0.0040 0.0842  95  TRP A CZ3 
193 C CH2 . TRP A 15 ? 0.2610 0.2836 0.2816 0.0028  0.0063  0.1002  95  TRP A CH2 
204 N N   . ILE A 16 ? 0.1360 0.1635 0.2514 -0.0100 0.0322  -0.0174 96  ILE A N   
205 C CA  . ILE A 16 ? 0.1593 0.1404 0.2384 -0.0020 0.0274  -0.0235 96  ILE A CA  
206 C C   . ILE A 16 ? 0.1497 0.1621 0.2430 0.0068  0.0244  0.0021  96  ILE A C   
207 O O   . ILE A 16 ? 0.1409 0.1788 0.2502 -0.0063 0.0137  0.0246  96  ILE A O   
208 C CB  . ILE A 16 ? 0.1664 0.1673 0.2443 -0.0225 -0.0006 -0.0080 96  ILE A CB  
209 C CG1 . ILE A 16 ? 0.2027 0.2257 0.2460 -0.0166 0.0042  0.0067  96  ILE A CG1 
210 C CG2 . ILE A 16 ? 0.1796 0.1743 0.2460 -0.0191 0.0093  -0.0021 96  ILE A CG2 
211 C CD1 . ILE A 16 ? 0.1964 0.2337 0.2206 0.0012  0.0003  -0.0267 96  ILE A CD1 
223 N N   . GLU A 17 ? 0.1514 0.1669 0.2661 -0.0014 0.0025  -0.0269 97  GLU A N   
224 C CA  . GLU A 17 ? 0.1798 0.2010 0.2906 0.0005  0.0067  -0.0111 97  GLU A CA  
225 C C   . GLU A 17 ? 0.1673 0.1836 0.2341 0.0055  -0.0152 -0.0043 97  GLU A C   
226 O O   . GLU A 17 ? 0.1848 0.1865 0.2951 0.0114  -0.0337 -0.0053 97  GLU A O   
227 C CB  . GLU A 17 ? 0.2187 0.2326 0.3301 -0.0112 0.0159  -0.0267 97  GLU A CB  
228 C CG  . GLU A 17 ? 0.2374 0.2877 0.3474 -0.0182 0.0507  -0.0334 97  GLU A CG  
229 C CD  . GLU A 17 ? 0.2759 0.3569 0.4082 -0.0329 0.0440  -0.0031 97  GLU A CD  
230 O OE1 . GLU A 17 ? 0.2952 0.4402 0.4118 -0.0339 0.0531  0.0485  97  GLU A OE1 
231 O OE2 . GLU A 17 ? 0.2782 0.3299 0.4577 -0.0320 0.0496  -0.0205 97  GLU A OE2 
238 N N   . THR A 18 ? 0.1711 0.1603 0.2042 0.0074  -0.0184 0.0102  98  THR A N   
239 C CA  . THR A 18 ? 0.1623 0.1943 0.2078 0.0135  -0.0113 -0.0019 98  THR A CA  
240 C C   . THR A 18 ? 0.1448 0.1652 0.2477 0.0362  -0.0043 -0.0049 98  THR A C   
241 O O   . THR A 18 ? 0.1580 0.1829 0.2462 0.0215  0.0225  0.0055  98  THR A O   
242 C CB  . THR A 18 ? 0.1574 0.2481 0.2234 -0.0011 0.0250  -0.0034 98  THR A CB  
243 O OG1 . THR A 18 ? 0.1340 0.2004 0.2453 0.0037  0.0222  -0.0260 98  THR A OG1 
244 C CG2 . THR A 18 ? 0.1840 0.2789 0.2320 -0.0115 0.0414  0.0031  98  THR A CG2 
252 N N   . ASP A 19 ? 0.1366 0.2046 0.2181 0.0119  -0.0079 -0.0008 99  ASP A N   
253 C CA  . ASP A 19 ? 0.1480 0.2002 0.2169 0.0004  -0.0153 -0.0089 99  ASP A CA  
254 C C   . ASP A 19 ? 0.1477 0.2367 0.2329 0.0113  -0.0055 -0.0351 99  ASP A C   
255 O O   . ASP A 19 ? 0.1432 0.2885 0.2390 -0.0022 -0.0145 -0.0338 99  ASP A O   
256 C CB  . ASP A 19 ? 0.1324 0.1750 0.2080 -0.0066 -0.0263 0.0053  99  ASP A CB  
257 C CG  . ASP A 19 ? 0.1258 0.1879 0.1987 -0.0095 -0.0328 -0.0034 99  ASP A CG  
258 O OD1 . ASP A 19 ? 0.1286 0.2203 0.2399 -0.0298 -0.0193 0.0079  99  ASP A OD1 
259 O OD2 . ASP A 19 ? 0.1298 0.2096 0.2096 0.0013  -0.0260 0.0003  99  ASP A OD2 
264 N N   . LEU A 20 ? 0.1184 0.2413 0.2352 0.0272  -0.0099 -0.0372 100 LEU A N   
265 C CA  . LEU A 20 ? 0.1375 0.2981 0.2344 0.0436  0.0063  -0.0641 100 LEU A CA  
266 C C   . LEU A 20 ? 0.1439 0.3256 0.2499 -0.0055 0.0035  -0.0597 100 LEU A C   
267 O O   . LEU A 20 ? 0.1559 0.3626 0.2596 -0.0616 -0.0073 -0.0269 100 LEU A O   
268 C CB  . LEU A 20 ? 0.1682 0.3281 0.2731 0.0458  0.0073  -0.0626 100 LEU A CB  
269 C CG  . LEU A 20 ? 0.1739 0.3470 0.2824 -0.0040 -0.0224 -0.0459 100 LEU A CG  
270 C CD1 . LEU A 20 ? 0.1661 0.3940 0.2625 -0.0067 -0.0319 -0.0148 100 LEU A CD1 
271 C CD2 . LEU A 20 ? 0.1770 0.3386 0.3206 -0.0023 -0.0492 -0.0197 100 LEU A CD2 
283 N N   . SER A 21 ? 0.1582 0.3221 0.2320 0.0180  0.0285  -0.0805 101 SER A N   
284 C CA  . SER A 21 ? 0.1540 0.3291 0.2603 0.0077  0.0200  -0.0873 101 SER A CA  
285 C C   . SER A 21 ? 0.1394 0.3606 0.2644 -0.0095 0.0066  -0.0690 101 SER A C   
286 O O   . SER A 21 ? 0.1414 0.4309 0.2531 0.0043  0.0182  -0.0315 101 SER A O   
287 C CB  . SER A 21 ? 0.1760 0.3650 0.3073 0.0111  0.0190  -0.0709 101 SER A CB  
288 O OG  . SER A 21 ? 0.1826 0.3731 0.2994 0.0162  0.0205  -0.0713 101 SER A OG  
294 N N   . PHE A 22 ? 0.1274 0.3253 0.2588 -0.0019 0.0061  -0.0767 102 PHE A N   
295 C CA  . PHE A 22 ? 0.1256 0.3066 0.2625 -0.0078 -0.0034 -0.0695 102 PHE A CA  
296 C C   . PHE A 22 ? 0.1321 0.2920 0.2528 -0.0065 -0.0157 -0.0766 102 PHE A C   
297 O O   . PHE A 22 ? 0.1230 0.3117 0.2764 -0.0121 0.0079  -0.0693 102 PHE A O   
298 C CB  . PHE A 22 ? 0.1362 0.3155 0.2458 0.0036  -0.0075 -0.0318 102 PHE A CB  
299 C CG  . PHE A 22 ? 0.1287 0.2249 0.2349 0.0088  -0.0013 -0.0469 102 PHE A CG  
300 C CD1 . PHE A 22 ? 0.1473 0.2161 0.2231 0.0226  -0.0025 -0.0440 102 PHE A CD1 
301 C CD2 . PHE A 22 ? 0.1414 0.2322 0.2177 -0.0007 -0.0049 -0.0183 102 PHE A CD2 
302 C CE1 . PHE A 22 ? 0.1547 0.2258 0.2047 0.0155  -0.0020 -0.0222 102 PHE A CE1 
303 C CE2 . PHE A 22 ? 0.1476 0.2065 0.1998 -0.0033 -0.0267 -0.0174 102 PHE A CE2 
304 C CZ  . PHE A 22 ? 0.1456 0.2236 0.2036 0.0182  -0.0139 0.0077  102 PHE A CZ  
314 N N   . LYS A 23 ? 0.1370 0.2943 0.2754 -0.0027 -0.0096 -0.0442 103 LYS A N   
315 C CA  . LYS A 23 ? 0.1388 0.2769 0.2776 -0.0284 -0.0047 -0.0383 103 LYS A CA  
316 C C   . LYS A 23 ? 0.1328 0.2403 0.2367 -0.0085 0.0033  -0.0468 103 LYS A C   
317 O O   . LYS A 23 ? 0.1335 0.3073 0.2208 0.0175  0.0128  -0.0074 103 LYS A O   
318 C CB  . LYS A 23 ? 0.1577 0.3160 0.2814 -0.0161 0.0187  -0.0193 103 LYS A CB  
319 C CG  . LYS A 23 ? 0.1919 0.2738 0.3478 -0.0019 0.0192  -0.0409 103 LYS A CG  
320 C CD  . LYS A 23 ? 0.2329 0.2252 0.4256 0.0068  0.0225  -0.0279 103 LYS A CD  
321 C CE  . LYS A 23 ? 0.2690 0.2449 0.5227 0.0099  0.0230  0.0117  103 LYS A CE  
322 N NZ  . LYS A 23 ? 0.3028 0.3572 0.5730 0.0001  0.0053  0.0793  103 LYS A NZ  
336 N N   . LYS A 24 ? 0.1330 0.2241 0.2449 0.0096  0.0276  -0.0328 104 LYS A N   
337 C CA  . LYS A 24 ? 0.1632 0.2303 0.2158 0.0075  0.0256  -0.0006 104 LYS A CA  
338 C C   . LYS A 24 ? 0.1332 0.2291 0.2300 -0.0042 0.0034  -0.0035 104 LYS A C   
339 O O   . LYS A 24 ? 0.1348 0.2424 0.2446 -0.0014 0.0041  -0.0203 104 LYS A O   
340 C CB  . LYS A 24 ? 0.2150 0.2021 0.2172 0.0044  0.0376  -0.0061 104 LYS A CB  
341 C CG  . LYS A 24 ? 0.2664 0.2343 0.2049 -0.0050 0.0389  0.0067  104 LYS A CG  
342 C CD  . LYS A 24 ? 0.3381 0.2660 0.1897 -0.0026 0.0469  0.0166  104 LYS A CD  
343 C CE  . LYS A 24 ? 0.3992 0.3100 0.2007 -0.0113 0.0484  0.0687  104 LYS A CE  
344 N NZ  . LYS A 24 ? 0.4280 0.3880 0.3053 0.0171  0.0540  0.0806  104 LYS A NZ  
358 N N   . GLY A 25 ? 0.1169 0.2319 0.2222 0.0138  0.0110  -0.0212 105 GLY A N   
359 C CA  . GLY A 25 ? 0.1391 0.2459 0.1713 0.0068  0.0114  -0.0247 105 GLY A CA  
360 C C   . GLY A 25 ? 0.1421 0.2579 0.1778 0.0098  0.0250  0.0026  105 GLY A C   
361 O O   . GLY A 25 ? 0.1523 0.2620 0.2002 0.0102  0.0172  0.0315  105 GLY A O   
365 N N   . GLU A 26 ? 0.1392 0.2562 0.1767 -0.0090 0.0024  0.0118  106 GLU A N   
366 C CA  . GLU A 26 ? 0.1519 0.2364 0.1750 -0.0183 0.0012  -0.0054 106 GLU A CA  
367 C C   . GLU A 26 ? 0.1646 0.2460 0.1908 -0.0287 -0.0084 -0.0266 106 GLU A C   
368 O O   . GLU A 26 ? 0.1967 0.2407 0.1837 -0.0247 -0.0218 -0.0511 106 GLU A O   
369 C CB  . GLU A 26 ? 0.1853 0.2306 0.1930 -0.0319 0.0077  -0.0217 106 GLU A CB  
370 C CG  . GLU A 26 ? 0.2207 0.2702 0.2347 -0.0101 0.0096  -0.0083 106 GLU A CG  
371 C CD  . GLU A 26 ? 0.2180 0.2685 0.2528 0.0115  0.0173  -0.0061 106 GLU A CD  
372 O OE1 . GLU A 26 ? 0.2150 0.3007 0.2775 0.0271  0.0008  0.0115  106 GLU A OE1 
373 O OE2 . GLU A 26 ? 0.2570 0.2796 0.2696 -0.0173 0.0372  0.0244  106 GLU A OE2 
380 N N   . ARG A 27 ? 0.1659 0.2674 0.1854 -0.0378 -0.0092 -0.0197 107 ARG A N   
381 C CA  . ARG A 27 ? 0.1700 0.2863 0.1807 -0.0217 0.0153  -0.0032 107 ARG A CA  
382 C C   . ARG A 27 ? 0.1596 0.2852 0.1646 -0.0204 0.0088  0.0001  107 ARG A C   
383 O O   . ARG A 27 ? 0.1493 0.3338 0.1797 -0.0338 0.0007  -0.0021 107 ARG A O   
384 C CB  . ARG A 27 ? 0.1743 0.2999 0.2302 -0.0398 0.0127  -0.0009 107 ARG A CB  
385 C CG  . ARG A 27 ? 0.1933 0.3153 0.2397 -0.0432 0.0200  0.0050  107 ARG A CG  
386 C CD  . ARG A 27 ? 0.1718 0.2933 0.2808 -0.0354 0.0037  -0.0096 107 ARG A CD  
387 N NE  . ARG A 27 ? 0.1631 0.2771 0.3062 -0.0535 0.0329  -0.0326 107 ARG A NE  
388 C CZ  . ARG A 27 ? 0.1432 0.2640 0.2707 -0.0519 0.0193  -0.0708 107 ARG A CZ  
389 N NH1 . ARG A 27 ? 0.1153 0.3043 0.2299 -0.0272 0.0155  -0.0268 107 ARG A NH1 
390 N NH2 . ARG A 27 ? 0.1613 0.2533 0.2840 -0.0671 0.0353  -0.0769 107 ARG A NH2 
404 N N   . LEU A 28 ? 0.1450 0.2265 0.1944 -0.0360 -0.0092 0.0299  108 LEU A N   
405 C CA  . LEU A 28 ? 0.1481 0.1943 0.2306 -0.0031 -0.0001 0.0115  108 LEU A CA  
406 C C   . LEU A 28 ? 0.1562 0.2008 0.2180 0.0001  0.0086  0.0154  108 LEU A C   
407 O O   . LEU A 28 ? 0.1724 0.1884 0.2281 -0.0038 0.0051  0.0022  108 LEU A O   
408 C CB  . LEU A 28 ? 0.1759 0.2076 0.3046 0.0146  -0.0132 -0.0007 108 LEU A CB  
409 C CG  . LEU A 28 ? 0.2137 0.2544 0.3322 0.0386  -0.0239 0.0115  108 LEU A CG  
410 C CD1 . LEU A 28 ? 0.2361 0.2879 0.3583 0.0406  -0.0408 0.0421  108 LEU A CD1 
411 C CD2 . LEU A 28 ? 0.2507 0.3449 0.3500 0.0425  0.0034  0.0656  108 LEU A CD2 
423 N N   . GLN A 29 ? 0.1636 0.1818 0.2219 0.0050  -0.0063 -0.0019 109 GLN A N   
424 C CA  . GLN A 29 ? 0.1669 0.1648 0.2676 -0.0049 -0.0185 0.0148  109 GLN A CA  
425 C C   . GLN A 29 ? 0.1481 0.2168 0.2456 0.0054  -0.0047 0.0364  109 GLN A C   
426 O O   . GLN A 29 ? 0.1375 0.2488 0.2338 0.0078  -0.0105 0.0359  109 GLN A O   
427 C CB  . GLN A 29 ? 0.2051 0.1949 0.3552 0.0013  -0.0240 0.0714  109 GLN A CB  
428 C CG  . GLN A 29 ? 0.2681 0.3116 0.3753 0.0016  -0.0250 0.1368  109 GLN A CG  
429 C CD  . GLN A 29 ? 0.2716 0.3187 0.3513 0.0228  -0.0239 0.1434  109 GLN A CD  
430 O OE1 . GLN A 29 ? 0.2194 0.3394 0.3524 0.0546  0.0275  0.1421  109 GLN A OE1 
431 N NE2 . GLN A 29 ? 0.3188 0.2392 0.3511 -0.0029 -0.0267 0.0877  109 GLN A NE2 
440 N N   . ILE A 30 ? 0.1524 0.2241 0.2483 -0.0041 -0.0030 0.0148  110 ILE A N   
441 C CA  . ILE A 30 ? 0.1716 0.2478 0.2525 -0.0043 -0.0053 0.0205  110 ILE A CA  
442 C C   . ILE A 30 ? 0.1500 0.1821 0.2445 0.0110  -0.0213 0.0169  110 ILE A C   
443 O O   . ILE A 30 ? 0.1437 0.2132 0.2421 0.0173  0.0127  0.0290  110 ILE A O   
444 C CB  . ILE A 30 ? 0.2479 0.3407 0.2651 -0.0123 -0.0335 0.0307  110 ILE A CB  
445 C CG1 . ILE A 30 ? 0.2686 0.4376 0.2754 -0.0077 -0.0607 0.0345  110 ILE A CG1 
446 C CG2 . ILE A 30 ? 0.2815 0.3775 0.2862 0.0026  -0.0234 0.0407  110 ILE A CG2 
447 C CD1 . ILE A 30 ? 0.2860 0.4907 0.3116 -0.0236 -0.0814 0.0378  110 ILE A CD1 
459 N N   . VAL A 31 ? 0.1310 0.1675 0.2310 0.0219  -0.0443 -0.0010 111 VAL A N   
460 C CA  . VAL A 31 ? 0.1579 0.2104 0.2118 0.0233  -0.0147 0.0319  111 VAL A CA  
461 C C   . VAL A 31 ? 0.1698 0.1986 0.2441 0.0042  -0.0040 0.0131  111 VAL A C   
462 O O   . VAL A 31 ? 0.1933 0.2278 0.2416 0.0037  -0.0289 0.0132  111 VAL A O   
463 C CB  . VAL A 31 ? 0.1928 0.2166 0.2012 0.0254  -0.0178 0.0095  111 VAL A CB  
464 C CG1 . VAL A 31 ? 0.1966 0.2443 0.2133 0.0078  -0.0190 0.0097  111 VAL A CG1 
465 C CG2 . VAL A 31 ? 0.2114 0.2386 0.1823 -0.0004 -0.0021 -0.0222 111 VAL A CG2 
475 N N   . ASN A 32 ? 0.1594 0.2016 0.2485 -0.0183 -0.0003 0.0045  112 ASN A N   
476 C CA  . ASN A 32 ? 0.1613 0.2004 0.2562 0.0054  -0.0113 -0.0038 112 ASN A CA  
477 C C   . ASN A 32 ? 0.1927 0.2062 0.2637 0.0238  -0.0203 -0.0362 112 ASN A C   
478 O O   . ASN A 32 ? 0.2702 0.2447 0.2694 0.0463  -0.0251 -0.0333 112 ASN A O   
479 C CB  . ASN A 32 ? 0.1617 0.2275 0.2364 -0.0003 -0.0071 -0.0001 112 ASN A CB  
480 C CG  . ASN A 32 ? 0.1661 0.2249 0.2320 0.0093  0.0141  0.0068  112 ASN A CG  
481 O OD1 . ASN A 32 ? 0.1768 0.2629 0.2975 -0.0050 0.0021  0.0098  112 ASN A OD1 
482 N ND2 . ASN A 32 ? 0.1608 0.1952 0.2094 0.0313  0.0298  0.0125  112 ASN A ND2 
489 N N   . ASN A 33 ? 0.1764 0.2250 0.2348 0.0095  -0.0196 -0.0307 113 ASN A N   
490 C CA  . ASN A 33 ? 0.1962 0.2304 0.2249 0.0093  -0.0259 -0.0604 113 ASN A CA  
491 C C   . ASN A 33 ? 0.2023 0.2320 0.2080 0.0259  -0.0185 -0.0437 113 ASN A C   
492 O O   . ASN A 33 ? 0.2140 0.2530 0.2226 0.0184  -0.0148 0.0132  113 ASN A O   
493 C CB  . ASN A 33 ? 0.2078 0.3213 0.2397 0.0259  -0.0309 -0.0120 113 ASN A CB  
494 C CG  . ASN A 33 ? 0.2131 0.3547 0.3109 0.0331  -0.0182 0.0049  113 ASN A CG  
495 O OD1 . ASN A 33 ? 0.2239 0.3687 0.2884 0.0485  -0.0183 -0.0030 113 ASN A OD1 
496 N ND2 . ASN A 33 ? 0.2311 0.3642 0.3821 0.0117  -0.0392 0.0153  113 ASN A ND2 
503 N N   . THR A 34 ? 0.2118 0.2912 0.2246 0.0365  -0.0193 -0.0342 114 THR A N   
504 C CA  . THR A 34 ? 0.2500 0.3460 0.2431 0.0574  -0.0112 -0.0097 114 THR A CA  
505 C C   . THR A 34 ? 0.2538 0.2973 0.2275 0.0499  -0.0305 -0.0425 114 THR A C   
506 O O   . THR A 34 ? 0.2432 0.2883 0.2425 0.0282  -0.0479 -0.0304 114 THR A O   
507 C CB  . THR A 34 ? 0.2852 0.4176 0.2491 0.0622  -0.0129 0.0125  114 THR A CB  
508 O OG1 . THR A 34 ? 0.3271 0.3939 0.2534 0.1057  0.0251  -0.0223 114 THR A OG1 
509 C CG2 . THR A 34 ? 0.2739 0.4857 0.2272 0.0508  -0.0093 0.0589  114 THR A CG2 
517 N N   . GLU A 35 ? 0.2496 0.3279 0.2304 0.0512  -0.0394 -0.0159 115 GLU A N   
518 C CA  . GLU A 35 ? 0.2512 0.3155 0.2694 0.0522  -0.0630 -0.0515 115 GLU A CA  
519 C C   . GLU A 35 ? 0.2145 0.3139 0.2930 0.0275  -0.0440 -0.0667 115 GLU A C   
520 O O   . GLU A 35 ? 0.2086 0.3135 0.3104 0.0176  -0.0446 -0.0897 115 GLU A O   
521 C CB  . GLU A 35 ? 0.3123 0.3406 0.3110 0.0694  -0.0851 -0.0685 115 GLU A CB  
522 C CG  . GLU A 35 ? 0.3694 0.4167 0.3626 0.0853  -0.0831 -0.0546 115 GLU A CG  
523 C CD  . GLU A 35 ? 0.4145 0.5189 0.4405 0.0878  -0.0825 -0.0131 115 GLU A CD  
524 O OE1 . GLU A 35 ? 0.4281 0.5652 0.4587 0.0829  -0.0978 -0.0008 115 GLU A OE1 
525 O OE2 . GLU A 35 ? 0.4432 0.5663 0.4773 0.0657  -0.0753 0.0079  115 GLU A OE2 
532 N N   . GLY A 36 ? 0.2195 0.3059 0.3470 0.0236  -0.0227 -0.0601 116 GLY A N   
533 C CA  . GLY A 36 ? 0.1903 0.2903 0.3281 0.0401  -0.0294 -0.0771 116 GLY A CA  
534 C C   . GLY A 36 ? 0.1647 0.2733 0.3225 0.0272  -0.0630 -0.0922 116 GLY A C   
535 O O   . GLY A 36 ? 0.1605 0.2913 0.3557 0.0451  -0.0519 -0.0621 116 GLY A O   
539 N N   . ASP A 37 ? 0.1433 0.2504 0.2957 0.0589  -0.0607 -0.0828 117 ASP A N   
540 C CA  . ASP A 37 ? 0.1717 0.2739 0.2870 0.0431  -0.0396 -0.0843 117 ASP A CA  
541 C C   . ASP A 37 ? 0.1267 0.2900 0.2562 0.0032  -0.0228 -0.0642 117 ASP A C   
542 O O   . ASP A 37 ? 0.1015 0.3495 0.2676 -0.0307 -0.0207 -0.0494 117 ASP A O   
543 C CB  . ASP A 37 ? 0.2276 0.3610 0.3056 0.0660  -0.0163 -0.0652 117 ASP A CB  
544 C CG  . ASP A 37 ? 0.3105 0.4943 0.3422 0.0961  0.0253  -0.0010 117 ASP A CG  
545 O OD1 . ASP A 37 ? 0.3627 0.5684 0.3459 0.0459  0.0269  0.0258  117 ASP A OD1 
546 O OD2 . ASP A 37 ? 0.3452 0.6102 0.3898 0.0836  0.0267  0.0452  117 ASP A OD2 
551 N N   . TRP A 38 ? 0.1189 0.2422 0.2585 0.0051  -0.0344 -0.0375 118 TRP A N   
552 C CA  . TRP A 38 ? 0.1187 0.2232 0.2463 0.0141  -0.0197 -0.0107 118 TRP A CA  
553 C C   . TRP A 38 ? 0.1166 0.1860 0.2486 0.0053  -0.0028 -0.0237 118 TRP A C   
554 O O   . TRP A 38 ? 0.1267 0.2163 0.2844 -0.0086 -0.0351 0.0065  118 TRP A O   
555 C CB  . TRP A 38 ? 0.1191 0.2184 0.2472 0.0283  -0.0173 -0.0047 118 TRP A CB  
556 C CG  . TRP A 38 ? 0.1246 0.2076 0.2431 0.0234  -0.0139 -0.0290 118 TRP A CG  
557 C CD1 . TRP A 38 ? 0.1278 0.1854 0.2575 0.0009  -0.0274 -0.0663 118 TRP A CD1 
558 C CD2 . TRP A 38 ? 0.1338 0.2430 0.2347 0.0397  -0.0097 -0.0374 118 TRP A CD2 
559 N NE1 . TRP A 38 ? 0.1397 0.2280 0.2693 -0.0183 -0.0213 -0.0317 118 TRP A NE1 
560 C CE2 . TRP A 38 ? 0.1360 0.2538 0.2494 0.0047  -0.0086 -0.0063 118 TRP A CE2 
561 C CE3 . TRP A 38 ? 0.1505 0.2686 0.2467 0.0078  -0.0414 -0.0305 118 TRP A CE3 
562 C CZ2 . TRP A 38 ? 0.1439 0.2586 0.2710 0.0166  -0.0099 -0.0211 118 TRP A CZ2 
563 C CZ3 . TRP A 38 ? 0.1636 0.2723 0.2625 -0.0022 -0.0632 -0.0407 118 TRP A CZ3 
564 C CH2 . TRP A 38 ? 0.1618 0.2944 0.2809 0.0157  -0.0329 -0.0105 118 TRP A CH2 
575 N N   . TRP A 39 ? 0.1235 0.1596 0.2688 -0.0027 -0.0137 -0.0253 119 TRP A N   
576 C CA  . TRP A 39 ? 0.1182 0.1868 0.2758 0.0183  -0.0040 -0.0272 119 TRP A CA  
577 C C   . TRP A 39 ? 0.1269 0.1777 0.2423 -0.0038 -0.0155 0.0038  119 TRP A C   
578 O O   . TRP A 39 ? 0.1402 0.2092 0.2137 -0.0119 -0.0160 -0.0029 119 TRP A O   
579 C CB  . TRP A 39 ? 0.1292 0.1976 0.3028 0.0112  -0.0095 -0.0499 119 TRP A CB  
580 C CG  . TRP A 39 ? 0.1290 0.1971 0.3040 0.0130  -0.0142 -0.0786 119 TRP A CG  
581 C CD1 . TRP A 39 ? 0.1372 0.2621 0.2972 0.0111  0.0131  -0.0820 119 TRP A CD1 
582 C CD2 . TRP A 39 ? 0.1621 0.2359 0.2899 0.0354  -0.0091 -0.0395 119 TRP A CD2 
583 N NE1 . TRP A 39 ? 0.1611 0.2720 0.3011 0.0167  0.0064  -0.0891 119 TRP A NE1 
584 C CE2 . TRP A 39 ? 0.1737 0.2807 0.2795 0.0159  0.0040  -0.0551 119 TRP A CE2 
585 C CE3 . TRP A 39 ? 0.1729 0.2010 0.2776 0.0611  0.0225  -0.0336 119 TRP A CE3 
586 C CZ2 . TRP A 39 ? 0.2041 0.2954 0.2676 0.0077  0.0041  -0.0486 119 TRP A CZ2 
587 C CZ3 . TRP A 39 ? 0.1874 0.2547 0.2496 0.0437  0.0254  -0.0179 119 TRP A CZ3 
588 C CH2 . TRP A 39 ? 0.2083 0.2877 0.2630 0.0322  0.0326  -0.0432 119 TRP A CH2 
599 N N   . LEU A 40 ? 0.1305 0.1584 0.2622 -0.0051 -0.0414 0.0179  120 LEU A N   
600 C CA  . LEU A 40 ? 0.1184 0.1950 0.2560 0.0092  -0.0296 0.0247  120 LEU A CA  
601 C C   . LEU A 40 ? 0.1133 0.2091 0.2480 0.0167  -0.0192 0.0050  120 LEU A C   
602 O O   . LEU A 40 ? 0.1160 0.2165 0.2685 0.0042  -0.0003 0.0060  120 LEU A O   
603 C CB  . LEU A 40 ? 0.1264 0.2332 0.2558 -0.0172 -0.0299 0.0352  120 LEU A CB  
604 C CG  . LEU A 40 ? 0.1292 0.2440 0.2673 0.0028  -0.0103 0.0482  120 LEU A CG  
605 C CD1 . LEU A 40 ? 0.1363 0.2440 0.2814 -0.0121 -0.0080 0.0164  120 LEU A CD1 
606 C CD2 . LEU A 40 ? 0.1510 0.2442 0.2741 -0.0035 -0.0115 0.0636  120 LEU A CD2 
618 N N   . ALA A 41 ? 0.0975 0.2217 0.2302 0.0013  -0.0058 0.0024  121 ALA A N   
619 C CA  . ALA A 41 ? 0.0951 0.2104 0.2369 -0.0127 -0.0013 0.0128  121 ALA A CA  
620 C C   . ALA A 41 ? 0.1055 0.1825 0.2213 0.0059  0.0028  -0.0209 121 ALA A C   
621 O O   . ALA A 41 ? 0.1228 0.1983 0.2308 0.0279  0.0086  -0.0175 121 ALA A O   
622 C CB  . ALA A 41 ? 0.1103 0.2093 0.2445 -0.0257 -0.0152 0.0089  121 ALA A CB  
628 N N   . HIS A 42 ? 0.1014 0.2254 0.2170 -0.0057 0.0054  0.0040  122 HIS A N   
629 C CA  . HIS A 42 ? 0.1153 0.1788 0.2228 -0.0202 -0.0171 -0.0195 122 HIS A CA  
630 C C   . HIS A 42 ? 0.1143 0.2149 0.1941 -0.0185 -0.0066 -0.0077 122 HIS A C   
631 O O   . HIS A 42 ? 0.1182 0.2007 0.2175 -0.0005 0.0051  -0.0004 122 HIS A O   
632 C CB  . HIS A 42 ? 0.1225 0.2521 0.2196 -0.0432 -0.0147 0.0560  122 HIS A CB  
633 C CG  . HIS A 42 ? 0.1251 0.2853 0.2129 -0.0419 -0.0269 0.0600  122 HIS A CG  
634 N ND1 . HIS A 42 ? 0.1391 0.2907 0.2283 -0.0228 -0.0336 0.0550  122 HIS A ND1 
635 C CD2 . HIS A 42 ? 0.1308 0.3035 0.2236 -0.0421 -0.0242 0.0434  122 HIS A CD2 
636 C CE1 . HIS A 42 ? 0.1235 0.2921 0.2091 0.0127  -0.0273 0.0712  122 HIS A CE1 
637 N NE2 . HIS A 42 ? 0.1343 0.3316 0.2238 -0.0130 -0.0150 0.0721  122 HIS A NE2 
645 N N   . SER A 43 ? 0.1111 0.2406 0.1902 -0.0132 -0.0141 -0.0037 123 SER A N   
646 C CA  . SER A 43 ? 0.1188 0.2154 0.2094 -0.0158 -0.0240 -0.0103 123 SER A CA  
647 C C   . SER A 43 ? 0.1234 0.2446 0.1910 -0.0135 -0.0112 0.0066  123 SER A C   
648 O O   . SER A 43 ? 0.1053 0.2572 0.2096 0.0068  0.0092  0.0373  123 SER A O   
649 C CB  . SER A 43 ? 0.1425 0.2106 0.2520 -0.0227 -0.0546 0.0243  123 SER A CB  
650 O OG  . SER A 43 ? 0.1661 0.2069 0.2942 -0.0400 -0.0585 0.0252  123 SER A OG  
656 N N   . LEU A 44 ? 0.1357 0.2519 0.2181 -0.0027 -0.0104 -0.0092 124 LEU A N   
657 C CA  . LEU A 44 ? 0.1283 0.2700 0.2339 -0.0130 0.0078  -0.0486 124 LEU A CA  
658 C C   . LEU A 44 ? 0.1356 0.2890 0.2418 -0.0239 0.0248  -0.0457 124 LEU A C   
659 O O   . LEU A 44 ? 0.1206 0.3293 0.2483 -0.0258 0.0195  -0.0169 124 LEU A O   
660 C CB  . LEU A 44 ? 0.1486 0.3073 0.2583 -0.0047 0.0325  -0.0359 124 LEU A CB  
661 C CG  . LEU A 44 ? 0.1808 0.3327 0.2452 -0.0408 0.0184  -0.0274 124 LEU A CG  
662 C CD1 . LEU A 44 ? 0.2049 0.3382 0.3048 -0.0361 0.0403  -0.0207 124 LEU A CD1 
663 C CD2 . LEU A 44 ? 0.2066 0.3684 0.2703 -0.0793 0.0039  -0.0156 124 LEU A CD2 
675 N N   A THR A 45 ? 0.1452 0.2744 0.2493 -0.0405 0.0106  -0.0417 125 THR A N   
676 N N   B THR A 45 ? 0.1594 0.2762 0.2529 -0.0348 0.0079  -0.0482 125 THR A N   
677 C CA  A THR A 45 ? 0.1515 0.2814 0.2553 -0.0376 -0.0069 -0.0601 125 THR A CA  
678 C CA  B THR A 45 ? 0.1800 0.2882 0.2596 -0.0302 -0.0061 -0.0603 125 THR A CA  
679 C C   A THR A 45 ? 0.1748 0.2903 0.2506 -0.0161 -0.0330 -0.0558 125 THR A C   
680 C C   B THR A 45 ? 0.1837 0.2904 0.2526 -0.0113 -0.0246 -0.0569 125 THR A C   
681 O O   A THR A 45 ? 0.1840 0.3488 0.2773 0.0094  -0.0321 -0.0443 125 THR A O   
682 O O   B THR A 45 ? 0.1876 0.3446 0.2744 0.0064  -0.0265 -0.0401 125 THR A O   
683 C CB  A THR A 45 ? 0.1468 0.2977 0.2676 -0.0441 0.0323  -0.0472 125 THR A CB  
684 C CB  B THR A 45 ? 0.2038 0.3242 0.2769 -0.0367 0.0156  -0.0385 125 THR A CB  
685 O OG1 A THR A 45 ? 0.1580 0.3202 0.2839 -0.0221 0.0400  -0.0432 125 THR A OG1 
686 O OG1 B THR A 45 ? 0.2260 0.3652 0.2750 -0.0252 0.0057  -0.0050 125 THR A OG1 
687 C CG2 A THR A 45 ? 0.1590 0.3276 0.3057 -0.0619 0.0331  -0.0091 125 THR A CG2 
688 C CG2 B THR A 45 ? 0.2262 0.3418 0.3249 -0.0490 0.0306  -0.0246 125 THR A CG2 
703 N N   . THR A 46 ? 0.1727 0.2275 0.2366 0.0032  -0.0085 -0.0786 126 THR A N   
704 C CA  . THR A 46 ? 0.1784 0.2460 0.2607 -0.0039 -0.0167 -0.0371 126 THR A CA  
705 C C   . THR A 46 ? 0.1593 0.2324 0.2212 -0.0180 -0.0333 -0.0384 126 THR A C   
706 O O   . THR A 46 ? 0.1887 0.2660 0.2461 -0.0172 -0.0059 -0.0231 126 THR A O   
707 C CB  . THR A 46 ? 0.1802 0.2589 0.3127 -0.0237 -0.0426 -0.0220 126 THR A CB  
708 O OG1 . THR A 46 ? 0.1810 0.2515 0.3554 -0.0146 -0.0400 -0.0347 126 THR A OG1 
709 C CG2 . THR A 46 ? 0.2025 0.2900 0.3298 -0.0195 -0.0544 0.0015  126 THR A CG2 
717 N N   . GLY A 47 ? 0.1336 0.2424 0.2242 0.0001  -0.0152 -0.0174 127 GLY A N   
718 C CA  . GLY A 47 ? 0.1351 0.2760 0.2065 -0.0165 -0.0257 -0.0146 127 GLY A CA  
719 C C   . GLY A 47 ? 0.1450 0.3305 0.2108 -0.0162 -0.0293 -0.0212 127 GLY A C   
720 O O   . GLY A 47 ? 0.1801 0.3834 0.2454 -0.0313 -0.0102 0.0053  127 GLY A O   
724 N N   . GLN A 48 ? 0.1244 0.3230 0.2532 0.0314  -0.0170 -0.0461 128 GLN A N   
725 C CA  . GLN A 48 ? 0.1372 0.3241 0.2755 0.0304  -0.0228 -0.0547 128 GLN A CA  
726 C C   . GLN A 48 ? 0.1378 0.2802 0.2420 0.0145  -0.0080 -0.0647 128 GLN A C   
727 O O   . GLN A 48 ? 0.1387 0.2656 0.2141 0.0058  -0.0079 -0.0697 128 GLN A O   
728 C CB  . GLN A 48 ? 0.1750 0.3234 0.3501 0.0478  -0.0592 -0.1103 128 GLN A CB  
729 C CG  . GLN A 48 ? 0.2395 0.3959 0.4254 0.0178  -0.1031 -0.0869 128 GLN A CG  
730 C CD  . GLN A 48 ? 0.3032 0.4908 0.4685 0.0131  -0.1415 -0.0633 128 GLN A CD  
731 O OE1 . GLN A 48 ? 0.3337 0.5479 0.5041 -0.0042 -0.1340 -0.0228 128 GLN A OE1 
732 N NE2 . GLN A 48 ? 0.3328 0.5109 0.4896 0.0333  -0.1306 -0.0809 128 GLN A NE2 
741 N N   . THR A 49 ? 0.1298 0.2920 0.2380 0.0169  -0.0118 -0.0635 129 THR A N   
742 C CA  . THR A 49 ? 0.1399 0.2793 0.2117 0.0329  -0.0155 -0.0266 129 THR A CA  
743 C C   . THR A 49 ? 0.1375 0.2055 0.2298 0.0376  -0.0104 -0.0418 129 THR A C   
744 O O   . THR A 49 ? 0.1508 0.2451 0.2448 0.0498  -0.0214 -0.0371 129 THR A O   
745 C CB  . THR A 49 ? 0.1513 0.3026 0.2091 0.0490  -0.0201 0.0070  129 THR A CB  
746 O OG1 . THR A 49 ? 0.1622 0.3051 0.2262 0.0639  -0.0118 0.0332  129 THR A OG1 
747 C CG2 . THR A 49 ? 0.1430 0.3001 0.2221 0.0464  -0.0352 0.0303  129 THR A CG2 
755 N N   . GLY A 50 ? 0.1124 0.1915 0.2486 0.0044  0.0032  -0.0029 130 GLY A N   
756 C CA  . GLY A 50 ? 0.1083 0.2205 0.2068 0.0066  -0.0016 0.0017  130 GLY A CA  
757 C C   . GLY A 50 ? 0.1150 0.1952 0.1829 0.0016  0.0049  -0.0124 130 GLY A C   
758 O O   . GLY A 50 ? 0.1328 0.1971 0.2076 0.0237  0.0053  0.0041  130 GLY A O   
762 N N   . TYR A 51 ? 0.1197 0.1897 0.1902 -0.0093 0.0008  -0.0075 131 TYR A N   
763 C CA  . TYR A 51 ? 0.1256 0.1876 0.1962 0.0031  0.0078  -0.0109 131 TYR A CA  
764 C C   . TYR A 51 ? 0.1301 0.1822 0.2033 -0.0076 -0.0062 -0.0155 131 TYR A C   
765 O O   . TYR A 51 ? 0.1282 0.2131 0.1836 -0.0017 -0.0072 -0.0047 131 TYR A O   
766 C CB  . TYR A 51 ? 0.1248 0.2153 0.2155 -0.0018 0.0013  -0.0011 131 TYR A CB  
767 C CG  . TYR A 51 ? 0.1246 0.2521 0.2194 -0.0130 -0.0169 0.0173  131 TYR A CG  
768 C CD1 . TYR A 51 ? 0.1254 0.2643 0.2412 -0.0169 -0.0477 0.0333  131 TYR A CD1 
769 C CD2 . TYR A 51 ? 0.1407 0.2842 0.2600 -0.0055 0.0255  0.0245  131 TYR A CD2 
770 C CE1 . TYR A 51 ? 0.1564 0.3029 0.2857 -0.0327 -0.0352 0.0672  131 TYR A CE1 
771 C CE2 . TYR A 51 ? 0.1597 0.3341 0.3012 -0.0391 0.0089  0.0494  131 TYR A CE2 
772 C CZ  . TYR A 51 ? 0.1616 0.3352 0.3084 -0.0796 -0.0271 0.0860  131 TYR A CZ  
773 O OH  . TYR A 51 ? 0.2040 0.3917 0.3718 -0.1018 -0.0389 0.1511  131 TYR A OH  
783 N N   . ILE A 52 ? 0.1314 0.2197 0.2121 -0.0060 -0.0029 0.0054  132 ILE A N   
784 C CA  . ILE A 52 ? 0.1344 0.1764 0.2150 -0.0350 -0.0052 -0.0323 132 ILE A CA  
785 C C   . ILE A 52 ? 0.1536 0.1960 0.2117 -0.0163 -0.0143 -0.0203 132 ILE A C   
786 O O   . ILE A 52 ? 0.1421 0.2145 0.1998 -0.0004 -0.0128 -0.0129 132 ILE A O   
787 C CB  . ILE A 52 ? 0.1249 0.1805 0.2467 -0.0110 0.0033  -0.0222 132 ILE A CB  
788 C CG1 . ILE A 52 ? 0.1252 0.2152 0.2432 -0.0098 0.0189  -0.0147 132 ILE A CG1 
789 C CG2 . ILE A 52 ? 0.1224 0.2138 0.2500 -0.0206 -0.0126 0.0117  132 ILE A CG2 
790 C CD1 . ILE A 52 ? 0.1388 0.2804 0.2247 -0.0076 0.0446  0.0364  132 ILE A CD1 
802 N N   . PRO A 53 ? 0.1563 0.2389 0.2040 -0.0163 -0.0057 -0.0080 133 PRO A N   
803 C CA  . PRO A 53 ? 0.1655 0.2825 0.1967 -0.0029 0.0036  -0.0070 133 PRO A CA  
804 C C   . PRO A 53 ? 0.1324 0.2479 0.1799 0.0007  0.0031  -0.0529 133 PRO A C   
805 O O   . PRO A 53 ? 0.1058 0.2813 0.2142 -0.0169 -0.0176 -0.0291 133 PRO A O   
806 C CB  . PRO A 53 ? 0.1777 0.3199 0.2010 0.0145  -0.0018 0.0256  133 PRO A CB  
807 C CG  . PRO A 53 ? 0.1781 0.3027 0.1888 0.0013  -0.0034 0.0218  133 PRO A CG  
808 C CD  . PRO A 53 ? 0.1733 0.2783 0.2010 -0.0154 -0.0125 0.0186  133 PRO A CD  
816 N N   . SER A 54 ? 0.1431 0.2684 0.2387 0.0018  -0.0028 -0.0591 134 SER A N   
817 C CA  . SER A 54 ? 0.1528 0.2892 0.2097 0.0159  -0.0108 -0.0573 134 SER A CA  
818 C C   . SER A 54 ? 0.1654 0.2670 0.2131 0.0262  -0.0092 -0.0514 134 SER A C   
819 O O   . SER A 54 ? 0.1712 0.2306 0.2834 0.0322  0.0156  -0.0440 134 SER A O   
820 C CB  . SER A 54 ? 0.1709 0.3281 0.2777 0.0140  0.0060  -0.0672 134 SER A CB  
821 O OG  . SER A 54 ? 0.1812 0.3325 0.3239 0.0094  0.0118  -0.1091 134 SER A OG  
827 N N   . ASN A 55 ? 0.1781 0.2697 0.1903 0.0293  -0.0404 -0.0563 135 ASN A N   
828 C CA  . ASN A 55 ? 0.2118 0.2844 0.1929 0.0300  -0.0265 -0.0334 135 ASN A CA  
829 C C   . ASN A 55 ? 0.2017 0.2535 0.2091 0.0391  -0.0011 -0.0321 135 ASN A C   
830 O O   . ASN A 55 ? 0.2260 0.3022 0.2282 0.0181  0.0226  0.0003  135 ASN A O   
831 C CB  . ASN A 55 ? 0.2375 0.3284 0.2275 0.0216  -0.0296 0.0118  135 ASN A CB  
832 C CG  . ASN A 55 ? 0.2360 0.3494 0.2932 0.0280  -0.0476 0.0736  135 ASN A CG  
833 O OD1 . ASN A 55 ? 0.2043 0.3333 0.2909 0.0150  -0.0316 0.0628  135 ASN A OD1 
834 N ND2 . ASN A 55 ? 0.2662 0.4220 0.3486 -0.0006 -0.0410 0.1253  135 ASN A ND2 
841 N N   . TYR A 56 ? 0.1700 0.2426 0.1797 0.0196  0.0040  -0.0033 136 TYR A N   
842 C CA  . TYR A 56 ? 0.1648 0.2394 0.2126 0.0159  -0.0017 -0.0046 136 TYR A CA  
843 C C   . TYR A 56 ? 0.1375 0.2608 0.2145 0.0276  0.0146  -0.0060 136 TYR A C   
844 O O   . TYR A 56 ? 0.1233 0.2765 0.2268 0.0232  0.0003  0.0052  136 TYR A O   
845 C CB  . TYR A 56 ? 0.1551 0.2317 0.1929 0.0039  -0.0081 0.0003  136 TYR A CB  
846 C CG  . TYR A 56 ? 0.1707 0.2047 0.2417 -0.0147 -0.0063 -0.0186 136 TYR A CG  
847 C CD1 . TYR A 56 ? 0.1804 0.2028 0.2721 0.0028  -0.0074 -0.0029 136 TYR A CD1 
848 C CD2 . TYR A 56 ? 0.1705 0.2416 0.2637 -0.0067 -0.0034 -0.0220 136 TYR A CD2 
849 C CE1 . TYR A 56 ? 0.2036 0.2296 0.3232 0.0080  -0.0049 0.0133  136 TYR A CE1 
850 C CE2 . TYR A 56 ? 0.1940 0.2652 0.2998 -0.0024 0.0051  -0.0033 136 TYR A CE2 
851 C CZ  . TYR A 56 ? 0.2155 0.2242 0.3374 0.0361  0.0014  0.0077  136 TYR A CZ  
852 O OH  . TYR A 56 ? 0.2686 0.2756 0.3936 0.0306  -0.0073 0.0702  136 TYR A OH  
862 N N   . VAL A 57 ? 0.1258 0.2431 0.2465 0.0172  0.0097  -0.0239 137 VAL A N   
863 C CA  . VAL A 57 ? 0.1357 0.2428 0.2087 0.0214  -0.0070 -0.0181 137 VAL A CA  
864 C C   . VAL A 57 ? 0.1534 0.2185 0.1951 0.0035  -0.0062 -0.0205 137 VAL A C   
865 O O   . VAL A 57 ? 0.1632 0.2860 0.1980 0.0202  0.0055  0.0140  137 VAL A O   
866 C CB  . VAL A 57 ? 0.1542 0.2474 0.1904 0.0171  -0.0047 -0.0237 137 VAL A CB  
867 C CG1 . VAL A 57 ? 0.1767 0.2587 0.2045 0.0031  0.0177  -0.0188 137 VAL A CG1 
868 C CG2 . VAL A 57 ? 0.1756 0.2506 0.1711 0.0175  -0.0345 -0.0161 137 VAL A CG2 
878 N N   . ALA A 58 ? 0.1736 0.2115 0.1554 0.0114  -0.0001 -0.0248 138 ALA A N   
879 C CA  . ALA A 58 ? 0.1728 0.1891 0.1689 -0.0024 0.0046  -0.0273 138 ALA A CA  
880 C C   . ALA A 58 ? 0.1739 0.1965 0.1916 0.0108  0.0037  -0.0279 138 ALA A C   
881 O O   . ALA A 58 ? 0.1770 0.2624 0.1933 0.0098  -0.0152 -0.0010 138 ALA A O   
882 C CB  . ALA A 58 ? 0.1909 0.2238 0.1551 0.0263  0.0217  -0.0180 138 ALA A CB  
888 N N   . PRO A 59 ? 0.1764 0.2030 0.2004 -0.0073 0.0083  0.0095  139 PRO A N   
889 C CA  . PRO A 59 ? 0.1959 0.2286 0.2075 0.0121  0.0078  -0.0138 139 PRO A CA  
890 C C   . PRO A 59 ? 0.1966 0.2756 0.2006 0.0155  0.0195  0.0083  139 PRO A C   
891 O O   . PRO A 59 ? 0.2053 0.3349 0.1873 0.0272  0.0248  0.0339  139 PRO A O   
892 C CB  . PRO A 59 ? 0.2165 0.2142 0.2320 0.0241  -0.0069 -0.0327 139 PRO A CB  
893 C CG  . PRO A 59 ? 0.2261 0.2095 0.2221 0.0005  -0.0244 0.0015  139 PRO A CG  
894 C CD  . PRO A 59 ? 0.2106 0.1666 0.2108 -0.0106 -0.0125 0.0200  139 PRO A CD  
902 N N   . SER A 60 ? 0.2142 0.3023 0.2208 -0.0049 -0.0087 -0.0020 140 SER A N   
903 C CA  . SER A 60 ? 0.2185 0.3686 0.2621 0.0109  -0.0037 -0.0021 140 SER A CA  
904 C C   . SER A 60 ? 0.1960 0.3894 0.3288 0.0571  0.0303  -0.0129 140 SER A C   
905 O O   . SER A 60 ? 0.2141 0.4174 0.3936 0.0315  0.0256  -0.0089 140 SER A O   
906 C CB  . SER A 60 ? 0.2652 0.5142 0.3133 0.0088  -0.0021 0.0847  140 SER A CB  
907 O OG  . SER A 60 ? 0.2943 0.6087 0.3565 -0.0185 -0.0001 0.1430  140 SER A OG  
913 N N   . GLY B .  ? 0.7559 0.4408 0.9961 0.2243  0.1828  0.0883  201 GLY A N   
914 C CA  . GLY B .  ? 0.8655 0.4141 0.9967 0.1786  0.0536  0.0710  201 GLY A CA  
915 C C   . GLY B .  ? 0.7958 0.4571 0.9387 0.1445  -0.0284 0.0332  201 GLY A C   
916 O O   . GLY B .  ? 0.7283 0.3930 0.8827 0.2771  -0.0399 0.0812  201 GLY A O   
917 O OXT . GLY B .  ? 0.7799 0.3975 0.9126 0.2016  -0.0282 0.0611  201 GLY A OXT 
918 H HA2 . GLY B .  ? 0.9105 0.9105 0.9105 0.0000  0.0000  0.0000  201 GLY A HA2 
919 H HA3 . GLY B .  ? 0.9105 0.9105 0.9105 0.0000  0.0000  0.0000  201 GLY A HA3 
# 
